data_1DDW
# 
_entry.id   1DDW 
# 
_audit_conform.dict_name       mmcif_pdbx.dic 
_audit_conform.dict_version    5.398 
_audit_conform.dict_location   http://mmcif.pdb.org/dictionaries/ascii/mmcif_pdbx.dic 
# 
loop_
_database_2.database_id 
_database_2.database_code 
_database_2.pdbx_database_accession 
_database_2.pdbx_DOI 
PDB   1DDW         pdb_00001ddw 10.2210/pdb1ddw/pdb 
RCSB  RCSB010001   ?            ?                   
WWPDB D_1000010001 ?            ?                   
# 
loop_
_pdbx_audit_revision_history.ordinal 
_pdbx_audit_revision_history.data_content_type 
_pdbx_audit_revision_history.major_revision 
_pdbx_audit_revision_history.minor_revision 
_pdbx_audit_revision_history.revision_date 
1 'Structure model' 1 0 2000-05-10 
2 'Structure model' 1 1 2008-04-27 
3 'Structure model' 1 2 2011-07-13 
4 'Structure model' 1 3 2017-10-04 
5 'Structure model' 1 4 2024-11-13 
# 
_pdbx_audit_revision_details.ordinal             1 
_pdbx_audit_revision_details.revision_ordinal    1 
_pdbx_audit_revision_details.data_content_type   'Structure model' 
_pdbx_audit_revision_details.provider            repository 
_pdbx_audit_revision_details.type                'Initial release' 
_pdbx_audit_revision_details.description         ? 
_pdbx_audit_revision_details.details             ? 
# 
loop_
_pdbx_audit_revision_group.ordinal 
_pdbx_audit_revision_group.revision_ordinal 
_pdbx_audit_revision_group.data_content_type 
_pdbx_audit_revision_group.group 
1 2 'Structure model' 'Version format compliance' 
2 3 'Structure model' 'Version format compliance' 
3 4 'Structure model' 'Refinement description'    
4 5 'Structure model' 'Data collection'           
5 5 'Structure model' 'Database references'       
6 5 'Structure model' 'Derived calculations'      
7 5 'Structure model' 'Structure summary'         
# 
loop_
_pdbx_audit_revision_category.ordinal 
_pdbx_audit_revision_category.revision_ordinal 
_pdbx_audit_revision_category.data_content_type 
_pdbx_audit_revision_category.category 
1 4 'Structure model' software                  
2 5 'Structure model' chem_comp_atom            
3 5 'Structure model' chem_comp_bond            
4 5 'Structure model' database_2                
5 5 'Structure model' pdbx_entry_details        
6 5 'Structure model' pdbx_modification_feature 
7 5 'Structure model' struct_conn               
8 5 'Structure model' struct_ref_seq_dif        
# 
loop_
_pdbx_audit_revision_item.ordinal 
_pdbx_audit_revision_item.revision_ordinal 
_pdbx_audit_revision_item.data_content_type 
_pdbx_audit_revision_item.item 
1 5 'Structure model' '_database_2.pdbx_DOI'                
2 5 'Structure model' '_database_2.pdbx_database_accession' 
3 5 'Structure model' '_struct_conn.pdbx_leaving_atom_flag' 
4 5 'Structure model' '_struct_ref_seq_dif.details'         
# 
_pdbx_database_status.status_code                     REL 
_pdbx_database_status.entry_id                        1DDW 
_pdbx_database_status.recvd_initial_deposition_date   1999-11-11 
_pdbx_database_status.deposit_site                    RCSB 
_pdbx_database_status.process_site                    RCSB 
_pdbx_database_status.status_code_sf                  REL 
_pdbx_database_status.SG_entry                        . 
_pdbx_database_status.pdb_format_compatible           Y 
_pdbx_database_status.status_code_mr                  ? 
_pdbx_database_status.status_code_cs                  ? 
_pdbx_database_status.methods_development_category    ? 
_pdbx_database_status.status_code_nmr_data            ? 
# 
_pdbx_database_related.db_name        PDB 
_pdbx_database_related.db_id          1DDV 
_pdbx_database_related.details        'CRYSTAL STRUCTURE OF THE HOMER EVH1 DOMAIN WITH BOUND MGLUR PEPTIDE' 
_pdbx_database_related.content_type   unspecified 
# 
loop_
_audit_author.name 
_audit_author.pdbx_ordinal 
'Beneken, J.'  1 
'Tu, J.C.'     2 
'Xiao, B.'     3 
'Worley, P.F.' 4 
'Leahy, D.J.'  5 
# 
loop_
_citation.id 
_citation.title 
_citation.journal_abbrev 
_citation.journal_volume 
_citation.page_first 
_citation.page_last 
_citation.year 
_citation.journal_id_ASTM 
_citation.country 
_citation.journal_id_ISSN 
_citation.journal_id_CSD 
_citation.book_publisher 
_citation.pdbx_database_id_PubMed 
_citation.pdbx_database_id_DOI 
primary 'Structure of the Homer EVH1 domain-peptide complex reveals a new twist in polyproline recognition.'           Neuron 26 
143 154 2000 NERNET US 0896-6273 2038 ? 10798399 '10.1016/S0896-6273(00)81145-9' 
1       'Homer binds a novel proline-rich motif and links group 1 metabotropic glutamate receptors with IP3 receptors' Neuron 21 
717 726 1998 NERNET US 0896-6273 2038 ? ?        '10.1016/S0896-6273(00)80589-9' 
# 
loop_
_citation_author.citation_id 
_citation_author.name 
_citation_author.ordinal 
_citation_author.identifier_ORCID 
primary 'Beneken, J.'   1  ? 
primary 'Tu, J.C.'      2  ? 
primary 'Xiao, B.'      3  ? 
primary 'Nuriya, M.'    4  ? 
primary 'Yuan, J.P.'    5  ? 
primary 'Worley, P.F.'  6  ? 
primary 'Leahy, D.J.'   7  ? 
1       'Tu, J.C.'      8  ? 
1       'Xiao, B.'      9  ? 
1       'Yuan, J.P.'    10 ? 
1       'Lanahan, A.A.' 11 ? 
1       'Worley, P.F.'  12 ? 
1       'Leoffert, K.'  13 ? 
1       'Li, M.'        14 ? 
1       'Linden, D.J.'  15 ? 
# 
loop_
_entity.id 
_entity.type 
_entity.src_method 
_entity.pdbx_description 
_entity.formula_weight 
_entity.pdbx_number_of_molecules 
_entity.pdbx_ec 
_entity.pdbx_mutation 
_entity.pdbx_fragment 
_entity.details 
1 polymer man 'GLGF-DOMAIN PROTEIN HOMER' 13827.220 1  ? NONE 'HOMER EVH1 DOMAIN RESIDUES 1-120' ? 
2 water   nat water                       18.015    88 ? ?    ?                                  ? 
# 
_entity_poly.entity_id                      1 
_entity_poly.type                           'polypeptide(L)' 
_entity_poly.nstd_linkage                   no 
_entity_poly.nstd_monomer                   yes 
_entity_poly.pdbx_seq_one_letter_code       
;(MSE)GEQPIFSTRAHVFQIDPNTKKNWVPTSKHAVTVSYFYDSTRNVYRIISLDGSKAIINSTITPN(MSE)TFTKTSQ
KFGQWADSRANTVYGLGFSSEHHLSKFAEKFQEFKEAARLAKEKSQEK
;
_entity_poly.pdbx_seq_one_letter_code_can   
;MGEQPIFSTRAHVFQIDPNTKKNWVPTSKHAVTVSYFYDSTRNVYRIISLDGSKAIINSTITPNMTFTKTSQKFGQWADS
RANTVYGLGFSSEHHLSKFAEKFQEFKEAARLAKEKSQEK
;
_entity_poly.pdbx_strand_id                 A 
_entity_poly.pdbx_target_identifier         ? 
# 
_pdbx_entity_nonpoly.entity_id   2 
_pdbx_entity_nonpoly.name        water 
_pdbx_entity_nonpoly.comp_id     HOH 
# 
loop_
_entity_poly_seq.entity_id 
_entity_poly_seq.num 
_entity_poly_seq.mon_id 
_entity_poly_seq.hetero 
1 1   MSE n 
1 2   GLY n 
1 3   GLU n 
1 4   GLN n 
1 5   PRO n 
1 6   ILE n 
1 7   PHE n 
1 8   SER n 
1 9   THR n 
1 10  ARG n 
1 11  ALA n 
1 12  HIS n 
1 13  VAL n 
1 14  PHE n 
1 15  GLN n 
1 16  ILE n 
1 17  ASP n 
1 18  PRO n 
1 19  ASN n 
1 20  THR n 
1 21  LYS n 
1 22  LYS n 
1 23  ASN n 
1 24  TRP n 
1 25  VAL n 
1 26  PRO n 
1 27  THR n 
1 28  SER n 
1 29  LYS n 
1 30  HIS n 
1 31  ALA n 
1 32  VAL n 
1 33  THR n 
1 34  VAL n 
1 35  SER n 
1 36  TYR n 
1 37  PHE n 
1 38  TYR n 
1 39  ASP n 
1 40  SER n 
1 41  THR n 
1 42  ARG n 
1 43  ASN n 
1 44  VAL n 
1 45  TYR n 
1 46  ARG n 
1 47  ILE n 
1 48  ILE n 
1 49  SER n 
1 50  LEU n 
1 51  ASP n 
1 52  GLY n 
1 53  SER n 
1 54  LYS n 
1 55  ALA n 
1 56  ILE n 
1 57  ILE n 
1 58  ASN n 
1 59  SER n 
1 60  THR n 
1 61  ILE n 
1 62  THR n 
1 63  PRO n 
1 64  ASN n 
1 65  MSE n 
1 66  THR n 
1 67  PHE n 
1 68  THR n 
1 69  LYS n 
1 70  THR n 
1 71  SER n 
1 72  GLN n 
1 73  LYS n 
1 74  PHE n 
1 75  GLY n 
1 76  GLN n 
1 77  TRP n 
1 78  ALA n 
1 79  ASP n 
1 80  SER n 
1 81  ARG n 
1 82  ALA n 
1 83  ASN n 
1 84  THR n 
1 85  VAL n 
1 86  TYR n 
1 87  GLY n 
1 88  LEU n 
1 89  GLY n 
1 90  PHE n 
1 91  SER n 
1 92  SER n 
1 93  GLU n 
1 94  HIS n 
1 95  HIS n 
1 96  LEU n 
1 97  SER n 
1 98  LYS n 
1 99  PHE n 
1 100 ALA n 
1 101 GLU n 
1 102 LYS n 
1 103 PHE n 
1 104 GLN n 
1 105 GLU n 
1 106 PHE n 
1 107 LYS n 
1 108 GLU n 
1 109 ALA n 
1 110 ALA n 
1 111 ARG n 
1 112 LEU n 
1 113 ALA n 
1 114 LYS n 
1 115 GLU n 
1 116 LYS n 
1 117 SER n 
1 118 GLN n 
1 119 GLU n 
1 120 LYS n 
# 
_entity_src_gen.entity_id                          1 
_entity_src_gen.pdbx_src_id                        1 
_entity_src_gen.pdbx_alt_source_flag               sample 
_entity_src_gen.pdbx_seq_type                      ? 
_entity_src_gen.pdbx_beg_seq_num                   ? 
_entity_src_gen.pdbx_end_seq_num                   ? 
_entity_src_gen.gene_src_common_name               'Norway rat' 
_entity_src_gen.gene_src_genus                     Rattus 
_entity_src_gen.pdbx_gene_src_gene                 ? 
_entity_src_gen.gene_src_species                   ? 
_entity_src_gen.gene_src_strain                    ? 
_entity_src_gen.gene_src_tissue                    ? 
_entity_src_gen.gene_src_tissue_fraction           ? 
_entity_src_gen.gene_src_details                   ? 
_entity_src_gen.pdbx_gene_src_fragment             ? 
_entity_src_gen.pdbx_gene_src_scientific_name      'Rattus norvegicus' 
_entity_src_gen.pdbx_gene_src_ncbi_taxonomy_id     10116 
_entity_src_gen.pdbx_gene_src_variant              ? 
_entity_src_gen.pdbx_gene_src_cell_line            ? 
_entity_src_gen.pdbx_gene_src_atcc                 ? 
_entity_src_gen.pdbx_gene_src_organ                BRAIN 
_entity_src_gen.pdbx_gene_src_organelle            ? 
_entity_src_gen.pdbx_gene_src_cell                 ? 
_entity_src_gen.pdbx_gene_src_cellular_location    ? 
_entity_src_gen.host_org_common_name               eubacteria 
_entity_src_gen.pdbx_host_org_scientific_name      Bacteria 
_entity_src_gen.pdbx_host_org_ncbi_taxonomy_id     2 
_entity_src_gen.host_org_genus                     ? 
_entity_src_gen.pdbx_host_org_gene                 ? 
_entity_src_gen.pdbx_host_org_organ                ? 
_entity_src_gen.host_org_species                   ? 
_entity_src_gen.pdbx_host_org_tissue               ? 
_entity_src_gen.pdbx_host_org_tissue_fraction      ? 
_entity_src_gen.pdbx_host_org_strain               ? 
_entity_src_gen.pdbx_host_org_variant              ? 
_entity_src_gen.pdbx_host_org_cell_line            ? 
_entity_src_gen.pdbx_host_org_atcc                 ? 
_entity_src_gen.pdbx_host_org_culture_collection   ? 
_entity_src_gen.pdbx_host_org_cell                 ? 
_entity_src_gen.pdbx_host_org_organelle            ? 
_entity_src_gen.pdbx_host_org_cellular_location    ? 
_entity_src_gen.pdbx_host_org_vector_type          PLASMID 
_entity_src_gen.pdbx_host_org_vector               ? 
_entity_src_gen.host_org_details                   ? 
_entity_src_gen.expression_system_id               ? 
_entity_src_gen.plasmid_name                       PGEX 
_entity_src_gen.plasmid_details                    ? 
_entity_src_gen.pdbx_description                   ? 
# 
loop_
_chem_comp.id 
_chem_comp.type 
_chem_comp.mon_nstd_flag 
_chem_comp.name 
_chem_comp.pdbx_synonyms 
_chem_comp.formula 
_chem_comp.formula_weight 
ALA 'L-peptide linking' y ALANINE          ? 'C3 H7 N O2'     89.093  
ARG 'L-peptide linking' y ARGININE         ? 'C6 H15 N4 O2 1' 175.209 
ASN 'L-peptide linking' y ASPARAGINE       ? 'C4 H8 N2 O3'    132.118 
ASP 'L-peptide linking' y 'ASPARTIC ACID'  ? 'C4 H7 N O4'     133.103 
GLN 'L-peptide linking' y GLUTAMINE        ? 'C5 H10 N2 O3'   146.144 
GLU 'L-peptide linking' y 'GLUTAMIC ACID'  ? 'C5 H9 N O4'     147.129 
GLY 'peptide linking'   y GLYCINE          ? 'C2 H5 N O2'     75.067  
HIS 'L-peptide linking' y HISTIDINE        ? 'C6 H10 N3 O2 1' 156.162 
HOH non-polymer         . WATER            ? 'H2 O'           18.015  
ILE 'L-peptide linking' y ISOLEUCINE       ? 'C6 H13 N O2'    131.173 
LEU 'L-peptide linking' y LEUCINE          ? 'C6 H13 N O2'    131.173 
LYS 'L-peptide linking' y LYSINE           ? 'C6 H15 N2 O2 1' 147.195 
MET 'L-peptide linking' y METHIONINE       ? 'C5 H11 N O2 S'  149.211 
MSE 'L-peptide linking' n SELENOMETHIONINE ? 'C5 H11 N O2 Se' 196.106 
PHE 'L-peptide linking' y PHENYLALANINE    ? 'C9 H11 N O2'    165.189 
PRO 'L-peptide linking' y PROLINE          ? 'C5 H9 N O2'     115.130 
SER 'L-peptide linking' y SERINE           ? 'C3 H7 N O3'     105.093 
THR 'L-peptide linking' y THREONINE        ? 'C4 H9 N O3'     119.119 
TRP 'L-peptide linking' y TRYPTOPHAN       ? 'C11 H12 N2 O2'  204.225 
TYR 'L-peptide linking' y TYROSINE         ? 'C9 H11 N O3'    181.189 
VAL 'L-peptide linking' y VALINE           ? 'C5 H11 N O2'    117.146 
# 
loop_
_pdbx_poly_seq_scheme.asym_id 
_pdbx_poly_seq_scheme.entity_id 
_pdbx_poly_seq_scheme.seq_id 
_pdbx_poly_seq_scheme.mon_id 
_pdbx_poly_seq_scheme.ndb_seq_num 
_pdbx_poly_seq_scheme.pdb_seq_num 
_pdbx_poly_seq_scheme.auth_seq_num 
_pdbx_poly_seq_scheme.pdb_mon_id 
_pdbx_poly_seq_scheme.auth_mon_id 
_pdbx_poly_seq_scheme.pdb_strand_id 
_pdbx_poly_seq_scheme.pdb_ins_code 
_pdbx_poly_seq_scheme.hetero 
A 1 1   MSE 1   1   1   MSE MSE A . n 
A 1 2   GLY 2   2   2   GLY GLY A . n 
A 1 3   GLU 3   3   3   GLU GLU A . n 
A 1 4   GLN 4   4   4   GLN GLN A . n 
A 1 5   PRO 5   5   5   PRO PRO A . n 
A 1 6   ILE 6   6   6   ILE ILE A . n 
A 1 7   PHE 7   7   7   PHE PHE A . n 
A 1 8   SER 8   8   8   SER SER A . n 
A 1 9   THR 9   9   9   THR THR A . n 
A 1 10  ARG 10  10  10  ARG ARG A . n 
A 1 11  ALA 11  11  11  ALA ALA A . n 
A 1 12  HIS 12  12  12  HIS HIS A . n 
A 1 13  VAL 13  13  13  VAL VAL A . n 
A 1 14  PHE 14  14  14  PHE PHE A . n 
A 1 15  GLN 15  15  15  GLN GLN A . n 
A 1 16  ILE 16  16  16  ILE ILE A . n 
A 1 17  ASP 17  17  17  ASP ASP A . n 
A 1 18  PRO 18  18  18  PRO PRO A . n 
A 1 19  ASN 19  19  19  ASN ASN A . n 
A 1 20  THR 20  20  20  THR THR A . n 
A 1 21  LYS 21  21  21  LYS LYS A . n 
A 1 22  LYS 22  22  22  LYS LYS A . n 
A 1 23  ASN 23  23  23  ASN ASN A . n 
A 1 24  TRP 24  24  24  TRP TRP A . n 
A 1 25  VAL 25  25  25  VAL VAL A . n 
A 1 26  PRO 26  26  26  PRO PRO A . n 
A 1 27  THR 27  27  27  THR THR A . n 
A 1 28  SER 28  28  28  SER SER A . n 
A 1 29  LYS 29  29  29  LYS LYS A . n 
A 1 30  HIS 30  30  30  HIS HIS A . n 
A 1 31  ALA 31  31  31  ALA ALA A . n 
A 1 32  VAL 32  32  32  VAL VAL A . n 
A 1 33  THR 33  33  33  THR THR A . n 
A 1 34  VAL 34  34  34  VAL VAL A . n 
A 1 35  SER 35  35  35  SER SER A . n 
A 1 36  TYR 36  36  36  TYR TYR A . n 
A 1 37  PHE 37  37  37  PHE PHE A . n 
A 1 38  TYR 38  38  38  TYR TYR A . n 
A 1 39  ASP 39  39  39  ASP ASP A . n 
A 1 40  SER 40  40  40  SER SER A . n 
A 1 41  THR 41  41  41  THR THR A . n 
A 1 42  ARG 42  42  42  ARG ARG A . n 
A 1 43  ASN 43  43  43  ASN ASN A . n 
A 1 44  VAL 44  44  44  VAL VAL A . n 
A 1 45  TYR 45  45  45  TYR TYR A . n 
A 1 46  ARG 46  46  46  ARG ARG A . n 
A 1 47  ILE 47  47  47  ILE ILE A . n 
A 1 48  ILE 48  48  48  ILE ILE A . n 
A 1 49  SER 49  49  49  SER SER A . n 
A 1 50  LEU 50  50  50  LEU LEU A . n 
A 1 51  ASP 51  51  51  ASP ASP A . n 
A 1 52  GLY 52  52  52  GLY GLY A . n 
A 1 53  SER 53  53  53  SER SER A . n 
A 1 54  LYS 54  54  54  LYS LYS A . n 
A 1 55  ALA 55  55  55  ALA ALA A . n 
A 1 56  ILE 56  56  56  ILE ILE A . n 
A 1 57  ILE 57  57  57  ILE ILE A . n 
A 1 58  ASN 58  58  58  ASN ASN A . n 
A 1 59  SER 59  59  59  SER SER A . n 
A 1 60  THR 60  60  60  THR THR A . n 
A 1 61  ILE 61  61  61  ILE ILE A . n 
A 1 62  THR 62  62  62  THR THR A . n 
A 1 63  PRO 63  63  63  PRO PRO A . n 
A 1 64  ASN 64  64  64  ASN ASN A . n 
A 1 65  MSE 65  65  65  MSE MSE A . n 
A 1 66  THR 66  66  66  THR THR A . n 
A 1 67  PHE 67  67  67  PHE PHE A . n 
A 1 68  THR 68  68  68  THR THR A . n 
A 1 69  LYS 69  69  69  LYS LYS A . n 
A 1 70  THR 70  70  70  THR THR A . n 
A 1 71  SER 71  71  71  SER SER A . n 
A 1 72  GLN 72  72  72  GLN GLN A . n 
A 1 73  LYS 73  73  73  LYS LYS A . n 
A 1 74  PHE 74  74  74  PHE PHE A . n 
A 1 75  GLY 75  75  75  GLY GLY A . n 
A 1 76  GLN 76  76  76  GLN GLN A . n 
A 1 77  TRP 77  77  77  TRP TRP A . n 
A 1 78  ALA 78  78  78  ALA ALA A . n 
A 1 79  ASP 79  79  79  ASP ASP A . n 
A 1 80  SER 80  80  80  SER SER A . n 
A 1 81  ARG 81  81  81  ARG ARG A . n 
A 1 82  ALA 82  82  82  ALA ALA A . n 
A 1 83  ASN 83  83  83  ASN ASN A . n 
A 1 84  THR 84  84  84  THR THR A . n 
A 1 85  VAL 85  85  85  VAL VAL A . n 
A 1 86  TYR 86  86  86  TYR TYR A . n 
A 1 87  GLY 87  87  87  GLY GLY A . n 
A 1 88  LEU 88  88  88  LEU LEU A . n 
A 1 89  GLY 89  89  89  GLY GLY A . n 
A 1 90  PHE 90  90  90  PHE PHE A . n 
A 1 91  SER 91  91  91  SER SER A . n 
A 1 92  SER 92  92  92  SER SER A . n 
A 1 93  GLU 93  93  93  GLU GLU A . n 
A 1 94  HIS 94  94  94  HIS HIS A . n 
A 1 95  HIS 95  95  95  HIS HIS A . n 
A 1 96  LEU 96  96  96  LEU LEU A . n 
A 1 97  SER 97  97  97  SER SER A . n 
A 1 98  LYS 98  98  98  LYS LYS A . n 
A 1 99  PHE 99  99  99  PHE PHE A . n 
A 1 100 ALA 100 100 100 ALA ALA A . n 
A 1 101 GLU 101 101 101 GLU GLU A . n 
A 1 102 LYS 102 102 102 LYS LYS A . n 
A 1 103 PHE 103 103 103 PHE PHE A . n 
A 1 104 GLN 104 104 104 GLN GLN A . n 
A 1 105 GLU 105 105 105 GLU GLU A . n 
A 1 106 PHE 106 106 106 PHE PHE A . n 
A 1 107 LYS 107 107 107 LYS LYS A . n 
A 1 108 GLU 108 108 108 GLU GLU A . n 
A 1 109 ALA 109 109 109 ALA ALA A . n 
A 1 110 ALA 110 110 110 ALA ALA A . n 
A 1 111 ARG 111 111 111 ARG ARG A . n 
A 1 112 LEU 112 112 ?   ?   ?   A . n 
A 1 113 ALA 113 113 ?   ?   ?   A . n 
A 1 114 LYS 114 114 ?   ?   ?   A . n 
A 1 115 GLU 115 115 ?   ?   ?   A . n 
A 1 116 LYS 116 116 ?   ?   ?   A . n 
A 1 117 SER 117 117 ?   ?   ?   A . n 
A 1 118 GLN 118 118 ?   ?   ?   A . n 
A 1 119 GLU 119 119 ?   ?   ?   A . n 
A 1 120 LYS 120 120 ?   ?   ?   A . n 
# 
loop_
_pdbx_nonpoly_scheme.asym_id 
_pdbx_nonpoly_scheme.entity_id 
_pdbx_nonpoly_scheme.mon_id 
_pdbx_nonpoly_scheme.ndb_seq_num 
_pdbx_nonpoly_scheme.pdb_seq_num 
_pdbx_nonpoly_scheme.auth_seq_num 
_pdbx_nonpoly_scheme.pdb_mon_id 
_pdbx_nonpoly_scheme.auth_mon_id 
_pdbx_nonpoly_scheme.pdb_strand_id 
_pdbx_nonpoly_scheme.pdb_ins_code 
B 2 HOH 1  301 301 HOH TIP A . 
B 2 HOH 2  302 302 HOH TIP A . 
B 2 HOH 3  303 303 HOH TIP A . 
B 2 HOH 4  304 304 HOH TIP A . 
B 2 HOH 5  305 305 HOH TIP A . 
B 2 HOH 6  306 306 HOH TIP A . 
B 2 HOH 7  307 307 HOH TIP A . 
B 2 HOH 8  308 308 HOH TIP A . 
B 2 HOH 9  309 309 HOH TIP A . 
B 2 HOH 10 310 310 HOH TIP A . 
B 2 HOH 11 311 311 HOH TIP A . 
B 2 HOH 12 312 312 HOH TIP A . 
B 2 HOH 13 313 313 HOH TIP A . 
B 2 HOH 14 314 314 HOH TIP A . 
B 2 HOH 15 315 315 HOH TIP A . 
B 2 HOH 16 316 316 HOH TIP A . 
B 2 HOH 17 317 317 HOH TIP A . 
B 2 HOH 18 318 318 HOH TIP A . 
B 2 HOH 19 319 319 HOH TIP A . 
B 2 HOH 20 320 320 HOH TIP A . 
B 2 HOH 21 321 321 HOH TIP A . 
B 2 HOH 22 323 323 HOH TIP A . 
B 2 HOH 23 324 324 HOH TIP A . 
B 2 HOH 24 325 325 HOH TIP A . 
B 2 HOH 25 326 326 HOH TIP A . 
B 2 HOH 26 327 327 HOH TIP A . 
B 2 HOH 27 328 328 HOH TIP A . 
B 2 HOH 28 329 329 HOH TIP A . 
B 2 HOH 29 330 330 HOH TIP A . 
B 2 HOH 30 331 331 HOH TIP A . 
B 2 HOH 31 332 332 HOH TIP A . 
B 2 HOH 32 333 333 HOH TIP A . 
B 2 HOH 33 334 334 HOH TIP A . 
B 2 HOH 34 335 335 HOH TIP A . 
B 2 HOH 35 336 336 HOH TIP A . 
B 2 HOH 36 337 337 HOH TIP A . 
B 2 HOH 37 338 338 HOH TIP A . 
B 2 HOH 38 339 339 HOH TIP A . 
B 2 HOH 39 340 340 HOH TIP A . 
B 2 HOH 40 341 341 HOH TIP A . 
B 2 HOH 41 344 344 HOH TIP A . 
B 2 HOH 42 345 345 HOH TIP A . 
B 2 HOH 43 346 346 HOH TIP A . 
B 2 HOH 44 347 347 HOH TIP A . 
B 2 HOH 45 348 348 HOH TIP A . 
B 2 HOH 46 349 349 HOH TIP A . 
B 2 HOH 47 350 350 HOH TIP A . 
B 2 HOH 48 351 351 HOH TIP A . 
B 2 HOH 49 352 352 HOH TIP A . 
B 2 HOH 50 353 353 HOH TIP A . 
B 2 HOH 51 354 354 HOH TIP A . 
B 2 HOH 52 355 355 HOH TIP A . 
B 2 HOH 53 356 356 HOH TIP A . 
B 2 HOH 54 357 357 HOH TIP A . 
B 2 HOH 55 358 358 HOH TIP A . 
B 2 HOH 56 359 359 HOH TIP A . 
B 2 HOH 57 361 361 HOH TIP A . 
B 2 HOH 58 363 363 HOH TIP A . 
B 2 HOH 59 364 364 HOH TIP A . 
B 2 HOH 60 365 365 HOH TIP A . 
B 2 HOH 61 367 367 HOH TIP A . 
B 2 HOH 62 368 368 HOH TIP A . 
B 2 HOH 63 371 371 HOH TIP A . 
B 2 HOH 64 372 372 HOH TIP A . 
B 2 HOH 65 373 373 HOH TIP A . 
B 2 HOH 66 375 375 HOH TIP A . 
B 2 HOH 67 376 376 HOH TIP A . 
B 2 HOH 68 377 377 HOH TIP A . 
B 2 HOH 69 378 378 HOH TIP A . 
B 2 HOH 70 379 379 HOH TIP A . 
B 2 HOH 71 380 380 HOH TIP A . 
B 2 HOH 72 382 382 HOH TIP A . 
B 2 HOH 73 383 383 HOH TIP A . 
B 2 HOH 74 385 385 HOH TIP A . 
B 2 HOH 75 386 386 HOH TIP A . 
B 2 HOH 76 387 387 HOH TIP A . 
B 2 HOH 77 388 388 HOH TIP A . 
B 2 HOH 78 389 389 HOH TIP A . 
B 2 HOH 79 391 391 HOH TIP A . 
B 2 HOH 80 393 393 HOH TIP A . 
B 2 HOH 81 394 394 HOH TIP A . 
B 2 HOH 82 395 395 HOH TIP A . 
B 2 HOH 83 396 396 HOH TIP A . 
B 2 HOH 84 397 397 HOH TIP A . 
B 2 HOH 85 398 398 HOH TIP A . 
B 2 HOH 86 399 399 HOH TIP A . 
B 2 HOH 87 400 400 HOH TIP A . 
B 2 HOH 88 401 401 HOH TIP A . 
# 
loop_
_software.name 
_software.classification 
_software.version 
_software.citation_id 
_software.pdbx_ordinal 
SOLVE     phasing        . ? 1 
CNS       refinement     . ? 2 
SCALEPACK 'data scaling' . ? 3 
# 
_cell.entry_id           1DDW 
_cell.length_a           49.94 
_cell.length_b           49.94 
_cell.length_c           80.91 
_cell.angle_alpha        90 
_cell.angle_beta         90 
_cell.angle_gamma        120 
_cell.Z_PDB              6 
_cell.pdbx_unique_axis   ? 
# 
_symmetry.entry_id                         1DDW 
_symmetry.space_group_name_H-M             'P 32 2 1' 
_symmetry.pdbx_full_space_group_name_H-M   ? 
_symmetry.cell_setting                     ? 
_symmetry.Int_Tables_number                154 
# 
_exptl.entry_id          1DDW 
_exptl.method            'X-RAY DIFFRACTION' 
_exptl.crystals_number   1 
# 
_exptl_crystal.id                    1 
_exptl_crystal.density_meas          ? 
_exptl_crystal.density_Matthews      2.11 
_exptl_crystal.density_percent_sol   41.59 
_exptl_crystal.description           ? 
# 
_exptl_crystal_grow.crystal_id      1 
_exptl_crystal_grow.method          'VAPOR DIFFUSION, HANGING DROP' 
_exptl_crystal_grow.temp            293 
_exptl_crystal_grow.temp_details    ? 
_exptl_crystal_grow.pH              7.4 
_exptl_crystal_grow.pdbx_details    'PEG 3350, Magnesium sulfate, Hepes, pH 7.4, VAPOR DIFFUSION, HANGING DROP, temperature 293K' 
_exptl_crystal_grow.pdbx_pH_range   . 
# 
loop_
_diffrn.id 
_diffrn.ambient_temp 
_diffrn.ambient_temp_details 
_diffrn.crystal_id 
1 93 ? 1 
2 93 ? 1 
3 93 ? 1 
4 93 ? 1 
# 
loop_
_diffrn_detector.diffrn_id 
_diffrn_detector.detector 
_diffrn_detector.type 
_diffrn_detector.pdbx_collection_date 
_diffrn_detector.details 
1 'IMAGE PLATE' 'RIGAKU RAXIS IV' 1998-10-30 ? 
2 'IMAGE PLATE' 'RIGAKU RAXIS IV' 1998-10-30 ? 
3 'IMAGE PLATE' 'RIGAKU RAXIS IV' 1998-10-30 ? 
4 'IMAGE PLATE' 'RIGAKU RAXIS IV' 1998-10-30 ? 
# 
_diffrn_radiation.diffrn_id                        1 
_diffrn_radiation.wavelength_id                    1 
_diffrn_radiation.pdbx_monochromatic_or_laue_m_l   M 
_diffrn_radiation.monochromator                    ? 
_diffrn_radiation.pdbx_diffrn_protocol             MAD 
_diffrn_radiation.pdbx_scattering_type             x-ray 
# 
loop_
_diffrn_radiation_wavelength.id 
_diffrn_radiation_wavelength.wavelength 
_diffrn_radiation_wavelength.wt 
1 0.9879 1.0 
2 0.9793 1.0 
3 0.9790 1.0 
4 0.9611 1.0 
# 
loop_
_diffrn_source.diffrn_id 
_diffrn_source.source 
_diffrn_source.type 
_diffrn_source.pdbx_synchrotron_site 
_diffrn_source.pdbx_synchrotron_beamline 
_diffrn_source.pdbx_wavelength 
_diffrn_source.pdbx_wavelength_list 
1 SYNCHROTRON 'NSLS BEAMLINE X4A' NSLS X4A 0.9879 ? 
2 SYNCHROTRON 'NSLS BEAMLINE X4A' NSLS X4A 0.9793 ? 
3 SYNCHROTRON 'NSLS BEAMLINE X4A' NSLS X4A 0.9790 ? 
4 SYNCHROTRON 'NSLS BEAMLINE X4A' NSLS X4A 0.9611 ? 
# 
_reflns.entry_id                     1DDW 
_reflns.observed_criterion_sigma_I   0.0 
_reflns.observed_criterion_sigma_F   0.0 
_reflns.d_resolution_low             30.0 
_reflns.d_resolution_high            1.7 
_reflns.number_obs                   12725 
_reflns.number_all                   13342 
_reflns.percent_possible_obs         99.9 
_reflns.pdbx_Rmerge_I_obs            0.0870000 
_reflns.pdbx_Rsym_value              ? 
_reflns.pdbx_netI_over_sigmaI        21.0 
_reflns.B_iso_Wilson_estimate        ? 
_reflns.pdbx_redundancy              4.8 
_reflns.R_free_details               ? 
_reflns.limit_h_max                  ? 
_reflns.limit_h_min                  ? 
_reflns.limit_k_max                  ? 
_reflns.limit_k_min                  ? 
_reflns.limit_l_max                  ? 
_reflns.limit_l_min                  ? 
_reflns.observed_criterion_F_max     ? 
_reflns.observed_criterion_F_min     ? 
_reflns.pdbx_diffrn_id               1 
_reflns.pdbx_ordinal                 1 
# 
_reflns_shell.d_res_high             1.70 
_reflns_shell.d_res_low              1.78 
_reflns_shell.percent_possible_all   77.0 
_reflns_shell.Rmerge_I_obs           0.2860000 
_reflns_shell.pdbx_Rsym_value        ? 
_reflns_shell.meanI_over_sigI_obs    ? 
_reflns_shell.pdbx_redundancy        2.34 
_reflns_shell.percent_possible_obs   ? 
_reflns_shell.number_unique_all      ? 
_reflns_shell.pdbx_diffrn_id         ? 
_reflns_shell.pdbx_ordinal           1 
# 
_refine.entry_id                                 1DDW 
_refine.ls_number_reflns_obs                     12725 
_refine.ls_number_reflns_all                     13357 
_refine.pdbx_ls_sigma_I                          0.0 
_refine.pdbx_ls_sigma_F                          0.000 
_refine.pdbx_data_cutoff_high_absF               ? 
_refine.pdbx_data_cutoff_low_absF                ? 
_refine.pdbx_data_cutoff_high_rms_absF           ? 
_refine.ls_d_res_low                             30.00 
_refine.ls_d_res_high                            1.70 
_refine.ls_percent_reflns_obs                    ? 
_refine.ls_R_factor_obs                          0.245 
_refine.ls_R_factor_all                          ? 
_refine.ls_R_factor_R_work                       0.245 
_refine.ls_R_factor_R_free                       0.285 
_refine.ls_R_factor_R_free_error                 ? 
_refine.ls_R_factor_R_free_error_details         ? 
_refine.ls_percent_reflns_R_free                 ? 
_refine.ls_number_reflns_R_free                  1313 
_refine.ls_number_parameters                     ? 
_refine.ls_number_restraints                     ? 
_refine.occupancy_min                            ? 
_refine.occupancy_max                            ? 
_refine.correlation_coeff_Fo_to_Fc               ? 
_refine.correlation_coeff_Fo_to_Fc_free          ? 
_refine.B_iso_mean                               ? 
_refine.aniso_B[1][1]                            ? 
_refine.aniso_B[2][2]                            ? 
_refine.aniso_B[3][3]                            ? 
_refine.aniso_B[1][2]                            ? 
_refine.aniso_B[1][3]                            ? 
_refine.aniso_B[2][3]                            ? 
_refine.solvent_model_details                    ? 
_refine.solvent_model_param_ksol                 ? 
_refine.solvent_model_param_bsol                 ? 
_refine.pdbx_solvent_vdw_probe_radii             ? 
_refine.pdbx_solvent_ion_probe_radii             ? 
_refine.pdbx_solvent_shrinkage_radii             ? 
_refine.pdbx_ls_cross_valid_method               ? 
_refine.details                                  ? 
_refine.pdbx_starting_model                      ? 
_refine.pdbx_method_to_determine_struct          ? 
_refine.pdbx_isotropic_thermal_model             ? 
_refine.pdbx_stereochemistry_target_values       'ENGH AND HUBER' 
_refine.pdbx_stereochem_target_val_spec_case     ? 
_refine.pdbx_R_Free_selection_details            RANDOM 
_refine.pdbx_overall_ESU_R                       ? 
_refine.pdbx_overall_ESU_R_Free                  ? 
_refine.overall_SU_ML                            ? 
_refine.overall_SU_B                             ? 
_refine.pdbx_refine_id                           'X-RAY DIFFRACTION' 
_refine.pdbx_diffrn_id                           1 
_refine.pdbx_TLS_residual_ADP_flag               ? 
_refine.pdbx_overall_phase_error                 ? 
_refine.overall_SU_R_Cruickshank_DPI             ? 
_refine.pdbx_overall_SU_R_free_Cruickshank_DPI   ? 
_refine.pdbx_overall_SU_R_Blow_DPI               ? 
_refine.pdbx_overall_SU_R_free_Blow_DPI          ? 
# 
_refine_hist.pdbx_refine_id                   'X-RAY DIFFRACTION' 
_refine_hist.cycle_id                         LAST 
_refine_hist.pdbx_number_atoms_protein        896 
_refine_hist.pdbx_number_atoms_nucleic_acid   0 
_refine_hist.pdbx_number_atoms_ligand         0 
_refine_hist.number_atoms_solvent             88 
_refine_hist.number_atoms_total               984 
_refine_hist.d_res_high                       1.70 
_refine_hist.d_res_low                        30.00 
# 
loop_
_refine_ls_restr.type 
_refine_ls_restr.dev_ideal 
_refine_ls_restr.dev_ideal_target 
_refine_ls_restr.weight 
_refine_ls_restr.number 
_refine_ls_restr.pdbx_refine_id 
_refine_ls_restr.pdbx_restraint_function 
c_bond_d    0.0126 ? ? ? 'X-RAY DIFFRACTION' ? 
c_angle_deg 1.745  ? ? ? 'X-RAY DIFFRACTION' ? 
# 
_struct.entry_id                  1DDW 
_struct.title                     'HOMER EVH1 DOMAIN UNLIGANDED' 
_struct.pdbx_model_details        ? 
_struct.pdbx_CASP_flag            ? 
_struct.pdbx_model_type_details   ? 
# 
_struct_keywords.entry_id        1DDW 
_struct_keywords.pdbx_keywords   'SIGNALING PROTEIN' 
_struct_keywords.text            'PLECKSTRIN HOMOLOGY DOMAIN FOLD, SIGNALING PROTEIN' 
# 
loop_
_struct_asym.id 
_struct_asym.pdbx_blank_PDB_chainid_flag 
_struct_asym.pdbx_modified 
_struct_asym.entity_id 
_struct_asym.details 
A N N 1 ? 
B N N 2 ? 
# 
_struct_ref.id                         1 
_struct_ref.db_name                    UNP 
_struct_ref.db_code                    HOME1_RAT 
_struct_ref.entity_id                  1 
_struct_ref.pdbx_db_accession          Q9Z214 
_struct_ref.pdbx_align_begin           ? 
_struct_ref.pdbx_seq_one_letter_code   ? 
_struct_ref.pdbx_db_isoform            ? 
# 
_struct_ref_seq.align_id                      1 
_struct_ref_seq.ref_id                        1 
_struct_ref_seq.pdbx_PDB_id_code              1DDW 
_struct_ref_seq.pdbx_strand_id                A 
_struct_ref_seq.seq_align_beg                 1 
_struct_ref_seq.pdbx_seq_align_beg_ins_code   ? 
_struct_ref_seq.seq_align_end                 120 
_struct_ref_seq.pdbx_seq_align_end_ins_code   ? 
_struct_ref_seq.pdbx_db_accession             Q9Z214 
_struct_ref_seq.db_align_beg                  4 
_struct_ref_seq.pdbx_db_align_beg_ins_code    ? 
_struct_ref_seq.db_align_end                  123 
_struct_ref_seq.pdbx_db_align_end_ins_code    ? 
_struct_ref_seq.pdbx_auth_seq_align_beg       1 
_struct_ref_seq.pdbx_auth_seq_align_end       120 
# 
loop_
_struct_ref_seq_dif.align_id 
_struct_ref_seq_dif.pdbx_pdb_id_code 
_struct_ref_seq_dif.mon_id 
_struct_ref_seq_dif.pdbx_pdb_strand_id 
_struct_ref_seq_dif.seq_num 
_struct_ref_seq_dif.pdbx_pdb_ins_code 
_struct_ref_seq_dif.pdbx_seq_db_name 
_struct_ref_seq_dif.pdbx_seq_db_accession_code 
_struct_ref_seq_dif.db_mon_id 
_struct_ref_seq_dif.pdbx_seq_db_seq_num 
_struct_ref_seq_dif.details 
_struct_ref_seq_dif.pdbx_auth_seq_num 
_struct_ref_seq_dif.pdbx_ordinal 
1 1DDW MSE A 1  ? UNP Q9Z214 MET 4  'modified residue' 1  1 
1 1DDW MSE A 65 ? UNP Q9Z214 MET 68 'modified residue' 65 2 
# 
_pdbx_struct_assembly.id                   1 
_pdbx_struct_assembly.details              author_defined_assembly 
_pdbx_struct_assembly.method_details       ? 
_pdbx_struct_assembly.oligomeric_details   monomeric 
_pdbx_struct_assembly.oligomeric_count     1 
# 
_pdbx_struct_assembly_gen.assembly_id       1 
_pdbx_struct_assembly_gen.oper_expression   1 
_pdbx_struct_assembly_gen.asym_id_list      A,B 
# 
_pdbx_struct_oper_list.id                   1 
_pdbx_struct_oper_list.type                 'identity operation' 
_pdbx_struct_oper_list.name                 1_555 
_pdbx_struct_oper_list.symmetry_operation   x,y,z 
_pdbx_struct_oper_list.matrix[1][1]         1.0000000000 
_pdbx_struct_oper_list.matrix[1][2]         0.0000000000 
_pdbx_struct_oper_list.matrix[1][3]         0.0000000000 
_pdbx_struct_oper_list.vector[1]            0.0000000000 
_pdbx_struct_oper_list.matrix[2][1]         0.0000000000 
_pdbx_struct_oper_list.matrix[2][2]         1.0000000000 
_pdbx_struct_oper_list.matrix[2][3]         0.0000000000 
_pdbx_struct_oper_list.vector[2]            0.0000000000 
_pdbx_struct_oper_list.matrix[3][1]         0.0000000000 
_pdbx_struct_oper_list.matrix[3][2]         0.0000000000 
_pdbx_struct_oper_list.matrix[3][3]         1.0000000000 
_pdbx_struct_oper_list.vector[3]            0.0000000000 
# 
_struct_conf.conf_type_id            HELX_P 
_struct_conf.id                      HELX_P1 
_struct_conf.pdbx_PDB_helix_id       1 
_struct_conf.beg_label_comp_id       SER 
_struct_conf.beg_label_asym_id       A 
_struct_conf.beg_label_seq_id        92 
_struct_conf.pdbx_beg_PDB_ins_code   ? 
_struct_conf.end_label_comp_id       ARG 
_struct_conf.end_label_asym_id       A 
_struct_conf.end_label_seq_id        111 
_struct_conf.pdbx_end_PDB_ins_code   ? 
_struct_conf.beg_auth_comp_id        SER 
_struct_conf.beg_auth_asym_id        A 
_struct_conf.beg_auth_seq_id         92 
_struct_conf.end_auth_comp_id        ARG 
_struct_conf.end_auth_asym_id        A 
_struct_conf.end_auth_seq_id         111 
_struct_conf.pdbx_PDB_helix_class    1 
_struct_conf.details                 ? 
_struct_conf.pdbx_PDB_helix_length   20 
# 
_struct_conf_type.id          HELX_P 
_struct_conf_type.criteria    ? 
_struct_conf_type.reference   ? 
# 
loop_
_struct_conn.id 
_struct_conn.conn_type_id 
_struct_conn.pdbx_leaving_atom_flag 
_struct_conn.pdbx_PDB_id 
_struct_conn.ptnr1_label_asym_id 
_struct_conn.ptnr1_label_comp_id 
_struct_conn.ptnr1_label_seq_id 
_struct_conn.ptnr1_label_atom_id 
_struct_conn.pdbx_ptnr1_label_alt_id 
_struct_conn.pdbx_ptnr1_PDB_ins_code 
_struct_conn.pdbx_ptnr1_standard_comp_id 
_struct_conn.ptnr1_symmetry 
_struct_conn.ptnr2_label_asym_id 
_struct_conn.ptnr2_label_comp_id 
_struct_conn.ptnr2_label_seq_id 
_struct_conn.ptnr2_label_atom_id 
_struct_conn.pdbx_ptnr2_label_alt_id 
_struct_conn.pdbx_ptnr2_PDB_ins_code 
_struct_conn.ptnr1_auth_asym_id 
_struct_conn.ptnr1_auth_comp_id 
_struct_conn.ptnr1_auth_seq_id 
_struct_conn.ptnr2_auth_asym_id 
_struct_conn.ptnr2_auth_comp_id 
_struct_conn.ptnr2_auth_seq_id 
_struct_conn.ptnr2_symmetry 
_struct_conn.pdbx_ptnr3_label_atom_id 
_struct_conn.pdbx_ptnr3_label_seq_id 
_struct_conn.pdbx_ptnr3_label_comp_id 
_struct_conn.pdbx_ptnr3_label_asym_id 
_struct_conn.pdbx_ptnr3_label_alt_id 
_struct_conn.pdbx_ptnr3_PDB_ins_code 
_struct_conn.details 
_struct_conn.pdbx_dist_value 
_struct_conn.pdbx_value_order 
_struct_conn.pdbx_role 
covale1 covale both ? A MSE 1  C ? ? ? 1_555 A GLY 2  N ? ? A MSE 1  A GLY 2  1_555 ? ? ? ? ? ? ? 1.328 ? ? 
covale2 covale both ? A ASN 64 C ? ? ? 1_555 A MSE 65 N ? ? A ASN 64 A MSE 65 1_555 ? ? ? ? ? ? ? 1.331 ? ? 
covale3 covale both ? A MSE 65 C ? ? ? 1_555 A THR 66 N ? ? A MSE 65 A THR 66 1_555 ? ? ? ? ? ? ? 1.327 ? ? 
# 
_struct_conn_type.id          covale 
_struct_conn_type.criteria    ? 
_struct_conn_type.reference   ? 
# 
loop_
_pdbx_modification_feature.ordinal 
_pdbx_modification_feature.label_comp_id 
_pdbx_modification_feature.label_asym_id 
_pdbx_modification_feature.label_seq_id 
_pdbx_modification_feature.label_alt_id 
_pdbx_modification_feature.modified_residue_label_comp_id 
_pdbx_modification_feature.modified_residue_label_asym_id 
_pdbx_modification_feature.modified_residue_label_seq_id 
_pdbx_modification_feature.modified_residue_label_alt_id 
_pdbx_modification_feature.auth_comp_id 
_pdbx_modification_feature.auth_asym_id 
_pdbx_modification_feature.auth_seq_id 
_pdbx_modification_feature.PDB_ins_code 
_pdbx_modification_feature.symmetry 
_pdbx_modification_feature.modified_residue_auth_comp_id 
_pdbx_modification_feature.modified_residue_auth_asym_id 
_pdbx_modification_feature.modified_residue_auth_seq_id 
_pdbx_modification_feature.modified_residue_PDB_ins_code 
_pdbx_modification_feature.modified_residue_symmetry 
_pdbx_modification_feature.comp_id_linking_atom 
_pdbx_modification_feature.modified_residue_id_linking_atom 
_pdbx_modification_feature.modified_residue_id 
_pdbx_modification_feature.ref_pcm_id 
_pdbx_modification_feature.ref_comp_id 
_pdbx_modification_feature.type 
_pdbx_modification_feature.category 
1 MSE A 1  ? . . . . MSE A 1  ? 1_555 . . . . . . . MET 1 MSE Selenomethionine 'Named protein modification' 
2 MSE A 65 ? . . . . MSE A 65 ? 1_555 . . . . . . . MET 1 MSE Selenomethionine 'Named protein modification' 
# 
loop_
_struct_sheet.id 
_struct_sheet.type 
_struct_sheet.number_strands 
_struct_sheet.details 
A  ? 5 ? 
A1 ? 7 ? 
# 
loop_
_struct_sheet_order.sheet_id 
_struct_sheet_order.range_id_1 
_struct_sheet_order.range_id_2 
_struct_sheet_order.offset 
_struct_sheet_order.sense 
A  1 2 ? anti-parallel 
A  2 3 ? anti-parallel 
A  3 4 ? anti-parallel 
A  4 5 ? anti-parallel 
A1 1 2 ? anti-parallel 
A1 2 3 ? anti-parallel 
A1 3 4 ? anti-parallel 
A1 4 5 ? anti-parallel 
A1 5 6 ? anti-parallel 
A1 6 7 ? anti-parallel 
# 
loop_
_struct_sheet_range.sheet_id 
_struct_sheet_range.id 
_struct_sheet_range.beg_label_comp_id 
_struct_sheet_range.beg_label_asym_id 
_struct_sheet_range.beg_label_seq_id 
_struct_sheet_range.pdbx_beg_PDB_ins_code 
_struct_sheet_range.end_label_comp_id 
_struct_sheet_range.end_label_asym_id 
_struct_sheet_range.end_label_seq_id 
_struct_sheet_range.pdbx_end_PDB_ins_code 
_struct_sheet_range.beg_auth_comp_id 
_struct_sheet_range.beg_auth_asym_id 
_struct_sheet_range.beg_auth_seq_id 
_struct_sheet_range.end_auth_comp_id 
_struct_sheet_range.end_auth_asym_id 
_struct_sheet_range.end_auth_seq_id 
A  1 LYS A 54 ? THR A 60 ? LYS A 54 THR A 60 
A  2 VAL A 44 ? ASP A 51 ? VAL A 44 ASP A 51 
A  3 VAL A 32 ? ASP A 39 ? VAL A 32 ASP A 39 
A  4 GLU A 3  ? ILE A 16 ? GLU A 3  ILE A 16 
A  5 TRP A 24 ? PRO A 26 ? TRP A 24 PRO A 26 
A1 1 LYS A 54 ? THR A 60 ? LYS A 54 THR A 60 
A1 2 VAL A 44 ? ASP A 51 ? VAL A 44 ASP A 51 
A1 3 VAL A 32 ? ASP A 39 ? VAL A 32 ASP A 39 
A1 4 GLU A 3  ? ILE A 16 ? GLU A 3  ILE A 16 
A1 5 THR A 84 ? GLY A 89 ? THR A 84 GLY A 89 
A1 6 PHE A 74 ? ASP A 79 ? PHE A 74 ASP A 79 
A1 7 THR A 68 ? LYS A 69 ? THR A 68 LYS A 69 
# 
loop_
_pdbx_struct_sheet_hbond.sheet_id 
_pdbx_struct_sheet_hbond.range_id_1 
_pdbx_struct_sheet_hbond.range_id_2 
_pdbx_struct_sheet_hbond.range_1_label_atom_id 
_pdbx_struct_sheet_hbond.range_1_label_comp_id 
_pdbx_struct_sheet_hbond.range_1_label_asym_id 
_pdbx_struct_sheet_hbond.range_1_label_seq_id 
_pdbx_struct_sheet_hbond.range_1_PDB_ins_code 
_pdbx_struct_sheet_hbond.range_1_auth_atom_id 
_pdbx_struct_sheet_hbond.range_1_auth_comp_id 
_pdbx_struct_sheet_hbond.range_1_auth_asym_id 
_pdbx_struct_sheet_hbond.range_1_auth_seq_id 
_pdbx_struct_sheet_hbond.range_2_label_atom_id 
_pdbx_struct_sheet_hbond.range_2_label_comp_id 
_pdbx_struct_sheet_hbond.range_2_label_asym_id 
_pdbx_struct_sheet_hbond.range_2_label_seq_id 
_pdbx_struct_sheet_hbond.range_2_PDB_ins_code 
_pdbx_struct_sheet_hbond.range_2_auth_atom_id 
_pdbx_struct_sheet_hbond.range_2_auth_comp_id 
_pdbx_struct_sheet_hbond.range_2_auth_asym_id 
_pdbx_struct_sheet_hbond.range_2_auth_seq_id 
A  1 2 O SER A 59 ? O SER A 59 N ILE A 47 ? N ILE A 47 
A  2 3 N LEU A 50 ? N LEU A 50 O THR A 33 ? O THR A 33 
A  3 4 O TYR A 38 ? O TYR A 38 N GLN A 4  ? N GLN A 4  
A  4 5 O GLN A 15 ? O GLN A 15 N VAL A 25 ? N VAL A 25 
A1 1 2 O SER A 59 ? O SER A 59 N ILE A 47 ? N ILE A 47 
A1 2 3 N LEU A 50 ? N LEU A 50 O THR A 33 ? O THR A 33 
A1 3 4 O TYR A 38 ? O TYR A 38 N GLN A 4  ? N GLN A 4  
A1 4 5 N ILE A 16 ? N ILE A 16 O VAL A 85 ? O VAL A 85 
A1 5 6 N LEU A 88 ? N LEU A 88 O GLY A 75 ? O GLY A 75 
A1 6 7 O GLN A 76 ? O GLN A 76 N THR A 68 ? N THR A 68 
# 
_pdbx_entry_details.entry_id                   1DDW 
_pdbx_entry_details.compound_details           ? 
_pdbx_entry_details.source_details             ? 
_pdbx_entry_details.nonpolymer_details         ? 
_pdbx_entry_details.sequence_details           ? 
_pdbx_entry_details.has_ligand_of_interest     ? 
_pdbx_entry_details.has_protein_modification   Y 
# 
_pdbx_validate_symm_contact.id                1 
_pdbx_validate_symm_contact.PDB_model_num     1 
_pdbx_validate_symm_contact.auth_atom_id_1    O 
_pdbx_validate_symm_contact.auth_asym_id_1    A 
_pdbx_validate_symm_contact.auth_comp_id_1    HOH 
_pdbx_validate_symm_contact.auth_seq_id_1     394 
_pdbx_validate_symm_contact.PDB_ins_code_1    ? 
_pdbx_validate_symm_contact.label_alt_id_1    ? 
_pdbx_validate_symm_contact.site_symmetry_1   1_555 
_pdbx_validate_symm_contact.auth_atom_id_2    O 
_pdbx_validate_symm_contact.auth_asym_id_2    A 
_pdbx_validate_symm_contact.auth_comp_id_2    HOH 
_pdbx_validate_symm_contact.auth_seq_id_2     394 
_pdbx_validate_symm_contact.PDB_ins_code_2    ? 
_pdbx_validate_symm_contact.label_alt_id_2    ? 
_pdbx_validate_symm_contact.site_symmetry_2   6_555 
_pdbx_validate_symm_contact.dist              2.05 
# 
_pdbx_validate_torsion.id              1 
_pdbx_validate_torsion.PDB_model_num   1 
_pdbx_validate_torsion.auth_comp_id    ASN 
_pdbx_validate_torsion.auth_asym_id    A 
_pdbx_validate_torsion.auth_seq_id     58 
_pdbx_validate_torsion.PDB_ins_code    ? 
_pdbx_validate_torsion.label_alt_id    ? 
_pdbx_validate_torsion.phi             -151.37 
_pdbx_validate_torsion.psi             67.13 
# 
loop_
_pdbx_struct_mod_residue.id 
_pdbx_struct_mod_residue.label_asym_id 
_pdbx_struct_mod_residue.label_comp_id 
_pdbx_struct_mod_residue.label_seq_id 
_pdbx_struct_mod_residue.auth_asym_id 
_pdbx_struct_mod_residue.auth_comp_id 
_pdbx_struct_mod_residue.auth_seq_id 
_pdbx_struct_mod_residue.PDB_ins_code 
_pdbx_struct_mod_residue.parent_comp_id 
_pdbx_struct_mod_residue.details 
1 A MSE 1  A MSE 1  ? MET SELENOMETHIONINE 
2 A MSE 65 A MSE 65 ? MET SELENOMETHIONINE 
# 
loop_
_pdbx_unobs_or_zero_occ_residues.id 
_pdbx_unobs_or_zero_occ_residues.PDB_model_num 
_pdbx_unobs_or_zero_occ_residues.polymer_flag 
_pdbx_unobs_or_zero_occ_residues.occupancy_flag 
_pdbx_unobs_or_zero_occ_residues.auth_asym_id 
_pdbx_unobs_or_zero_occ_residues.auth_comp_id 
_pdbx_unobs_or_zero_occ_residues.auth_seq_id 
_pdbx_unobs_or_zero_occ_residues.PDB_ins_code 
_pdbx_unobs_or_zero_occ_residues.label_asym_id 
_pdbx_unobs_or_zero_occ_residues.label_comp_id 
_pdbx_unobs_or_zero_occ_residues.label_seq_id 
1 1 Y 1 A LEU 112 ? A LEU 112 
2 1 Y 1 A ALA 113 ? A ALA 113 
3 1 Y 1 A LYS 114 ? A LYS 114 
4 1 Y 1 A GLU 115 ? A GLU 115 
5 1 Y 1 A LYS 116 ? A LYS 116 
6 1 Y 1 A SER 117 ? A SER 117 
7 1 Y 1 A GLN 118 ? A GLN 118 
8 1 Y 1 A GLU 119 ? A GLU 119 
9 1 Y 1 A LYS 120 ? A LYS 120 
# 
loop_
_chem_comp_atom.comp_id 
_chem_comp_atom.atom_id 
_chem_comp_atom.type_symbol 
_chem_comp_atom.pdbx_aromatic_flag 
_chem_comp_atom.pdbx_stereo_config 
_chem_comp_atom.pdbx_ordinal 
ALA N    N  N N 1   
ALA CA   C  N S 2   
ALA C    C  N N 3   
ALA O    O  N N 4   
ALA CB   C  N N 5   
ALA OXT  O  N N 6   
ALA H    H  N N 7   
ALA H2   H  N N 8   
ALA HA   H  N N 9   
ALA HB1  H  N N 10  
ALA HB2  H  N N 11  
ALA HB3  H  N N 12  
ALA HXT  H  N N 13  
ARG N    N  N N 14  
ARG CA   C  N S 15  
ARG C    C  N N 16  
ARG O    O  N N 17  
ARG CB   C  N N 18  
ARG CG   C  N N 19  
ARG CD   C  N N 20  
ARG NE   N  N N 21  
ARG CZ   C  N N 22  
ARG NH1  N  N N 23  
ARG NH2  N  N N 24  
ARG OXT  O  N N 25  
ARG H    H  N N 26  
ARG H2   H  N N 27  
ARG HA   H  N N 28  
ARG HB2  H  N N 29  
ARG HB3  H  N N 30  
ARG HG2  H  N N 31  
ARG HG3  H  N N 32  
ARG HD2  H  N N 33  
ARG HD3  H  N N 34  
ARG HE   H  N N 35  
ARG HH11 H  N N 36  
ARG HH12 H  N N 37  
ARG HH21 H  N N 38  
ARG HH22 H  N N 39  
ARG HXT  H  N N 40  
ASN N    N  N N 41  
ASN CA   C  N S 42  
ASN C    C  N N 43  
ASN O    O  N N 44  
ASN CB   C  N N 45  
ASN CG   C  N N 46  
ASN OD1  O  N N 47  
ASN ND2  N  N N 48  
ASN OXT  O  N N 49  
ASN H    H  N N 50  
ASN H2   H  N N 51  
ASN HA   H  N N 52  
ASN HB2  H  N N 53  
ASN HB3  H  N N 54  
ASN HD21 H  N N 55  
ASN HD22 H  N N 56  
ASN HXT  H  N N 57  
ASP N    N  N N 58  
ASP CA   C  N S 59  
ASP C    C  N N 60  
ASP O    O  N N 61  
ASP CB   C  N N 62  
ASP CG   C  N N 63  
ASP OD1  O  N N 64  
ASP OD2  O  N N 65  
ASP OXT  O  N N 66  
ASP H    H  N N 67  
ASP H2   H  N N 68  
ASP HA   H  N N 69  
ASP HB2  H  N N 70  
ASP HB3  H  N N 71  
ASP HD2  H  N N 72  
ASP HXT  H  N N 73  
GLN N    N  N N 74  
GLN CA   C  N S 75  
GLN C    C  N N 76  
GLN O    O  N N 77  
GLN CB   C  N N 78  
GLN CG   C  N N 79  
GLN CD   C  N N 80  
GLN OE1  O  N N 81  
GLN NE2  N  N N 82  
GLN OXT  O  N N 83  
GLN H    H  N N 84  
GLN H2   H  N N 85  
GLN HA   H  N N 86  
GLN HB2  H  N N 87  
GLN HB3  H  N N 88  
GLN HG2  H  N N 89  
GLN HG3  H  N N 90  
GLN HE21 H  N N 91  
GLN HE22 H  N N 92  
GLN HXT  H  N N 93  
GLU N    N  N N 94  
GLU CA   C  N S 95  
GLU C    C  N N 96  
GLU O    O  N N 97  
GLU CB   C  N N 98  
GLU CG   C  N N 99  
GLU CD   C  N N 100 
GLU OE1  O  N N 101 
GLU OE2  O  N N 102 
GLU OXT  O  N N 103 
GLU H    H  N N 104 
GLU H2   H  N N 105 
GLU HA   H  N N 106 
GLU HB2  H  N N 107 
GLU HB3  H  N N 108 
GLU HG2  H  N N 109 
GLU HG3  H  N N 110 
GLU HE2  H  N N 111 
GLU HXT  H  N N 112 
GLY N    N  N N 113 
GLY CA   C  N N 114 
GLY C    C  N N 115 
GLY O    O  N N 116 
GLY OXT  O  N N 117 
GLY H    H  N N 118 
GLY H2   H  N N 119 
GLY HA2  H  N N 120 
GLY HA3  H  N N 121 
GLY HXT  H  N N 122 
HIS N    N  N N 123 
HIS CA   C  N S 124 
HIS C    C  N N 125 
HIS O    O  N N 126 
HIS CB   C  N N 127 
HIS CG   C  Y N 128 
HIS ND1  N  Y N 129 
HIS CD2  C  Y N 130 
HIS CE1  C  Y N 131 
HIS NE2  N  Y N 132 
HIS OXT  O  N N 133 
HIS H    H  N N 134 
HIS H2   H  N N 135 
HIS HA   H  N N 136 
HIS HB2  H  N N 137 
HIS HB3  H  N N 138 
HIS HD1  H  N N 139 
HIS HD2  H  N N 140 
HIS HE1  H  N N 141 
HIS HE2  H  N N 142 
HIS HXT  H  N N 143 
HOH O    O  N N 144 
HOH H1   H  N N 145 
HOH H2   H  N N 146 
ILE N    N  N N 147 
ILE CA   C  N S 148 
ILE C    C  N N 149 
ILE O    O  N N 150 
ILE CB   C  N S 151 
ILE CG1  C  N N 152 
ILE CG2  C  N N 153 
ILE CD1  C  N N 154 
ILE OXT  O  N N 155 
ILE H    H  N N 156 
ILE H2   H  N N 157 
ILE HA   H  N N 158 
ILE HB   H  N N 159 
ILE HG12 H  N N 160 
ILE HG13 H  N N 161 
ILE HG21 H  N N 162 
ILE HG22 H  N N 163 
ILE HG23 H  N N 164 
ILE HD11 H  N N 165 
ILE HD12 H  N N 166 
ILE HD13 H  N N 167 
ILE HXT  H  N N 168 
LEU N    N  N N 169 
LEU CA   C  N S 170 
LEU C    C  N N 171 
LEU O    O  N N 172 
LEU CB   C  N N 173 
LEU CG   C  N N 174 
LEU CD1  C  N N 175 
LEU CD2  C  N N 176 
LEU OXT  O  N N 177 
LEU H    H  N N 178 
LEU H2   H  N N 179 
LEU HA   H  N N 180 
LEU HB2  H  N N 181 
LEU HB3  H  N N 182 
LEU HG   H  N N 183 
LEU HD11 H  N N 184 
LEU HD12 H  N N 185 
LEU HD13 H  N N 186 
LEU HD21 H  N N 187 
LEU HD22 H  N N 188 
LEU HD23 H  N N 189 
LEU HXT  H  N N 190 
LYS N    N  N N 191 
LYS CA   C  N S 192 
LYS C    C  N N 193 
LYS O    O  N N 194 
LYS CB   C  N N 195 
LYS CG   C  N N 196 
LYS CD   C  N N 197 
LYS CE   C  N N 198 
LYS NZ   N  N N 199 
LYS OXT  O  N N 200 
LYS H    H  N N 201 
LYS H2   H  N N 202 
LYS HA   H  N N 203 
LYS HB2  H  N N 204 
LYS HB3  H  N N 205 
LYS HG2  H  N N 206 
LYS HG3  H  N N 207 
LYS HD2  H  N N 208 
LYS HD3  H  N N 209 
LYS HE2  H  N N 210 
LYS HE3  H  N N 211 
LYS HZ1  H  N N 212 
LYS HZ2  H  N N 213 
LYS HZ3  H  N N 214 
LYS HXT  H  N N 215 
MET N    N  N N 216 
MET CA   C  N S 217 
MET C    C  N N 218 
MET O    O  N N 219 
MET CB   C  N N 220 
MET CG   C  N N 221 
MET SD   S  N N 222 
MET CE   C  N N 223 
MET OXT  O  N N 224 
MET H    H  N N 225 
MET H2   H  N N 226 
MET HA   H  N N 227 
MET HB2  H  N N 228 
MET HB3  H  N N 229 
MET HG2  H  N N 230 
MET HG3  H  N N 231 
MET HE1  H  N N 232 
MET HE2  H  N N 233 
MET HE3  H  N N 234 
MET HXT  H  N N 235 
MSE N    N  N N 236 
MSE CA   C  N S 237 
MSE C    C  N N 238 
MSE O    O  N N 239 
MSE OXT  O  N N 240 
MSE CB   C  N N 241 
MSE CG   C  N N 242 
MSE SE   SE N N 243 
MSE CE   C  N N 244 
MSE H    H  N N 245 
MSE H2   H  N N 246 
MSE HA   H  N N 247 
MSE HXT  H  N N 248 
MSE HB2  H  N N 249 
MSE HB3  H  N N 250 
MSE HG2  H  N N 251 
MSE HG3  H  N N 252 
MSE HE1  H  N N 253 
MSE HE2  H  N N 254 
MSE HE3  H  N N 255 
PHE N    N  N N 256 
PHE CA   C  N S 257 
PHE C    C  N N 258 
PHE O    O  N N 259 
PHE CB   C  N N 260 
PHE CG   C  Y N 261 
PHE CD1  C  Y N 262 
PHE CD2  C  Y N 263 
PHE CE1  C  Y N 264 
PHE CE2  C  Y N 265 
PHE CZ   C  Y N 266 
PHE OXT  O  N N 267 
PHE H    H  N N 268 
PHE H2   H  N N 269 
PHE HA   H  N N 270 
PHE HB2  H  N N 271 
PHE HB3  H  N N 272 
PHE HD1  H  N N 273 
PHE HD2  H  N N 274 
PHE HE1  H  N N 275 
PHE HE2  H  N N 276 
PHE HZ   H  N N 277 
PHE HXT  H  N N 278 
PRO N    N  N N 279 
PRO CA   C  N S 280 
PRO C    C  N N 281 
PRO O    O  N N 282 
PRO CB   C  N N 283 
PRO CG   C  N N 284 
PRO CD   C  N N 285 
PRO OXT  O  N N 286 
PRO H    H  N N 287 
PRO HA   H  N N 288 
PRO HB2  H  N N 289 
PRO HB3  H  N N 290 
PRO HG2  H  N N 291 
PRO HG3  H  N N 292 
PRO HD2  H  N N 293 
PRO HD3  H  N N 294 
PRO HXT  H  N N 295 
SER N    N  N N 296 
SER CA   C  N S 297 
SER C    C  N N 298 
SER O    O  N N 299 
SER CB   C  N N 300 
SER OG   O  N N 301 
SER OXT  O  N N 302 
SER H    H  N N 303 
SER H2   H  N N 304 
SER HA   H  N N 305 
SER HB2  H  N N 306 
SER HB3  H  N N 307 
SER HG   H  N N 308 
SER HXT  H  N N 309 
THR N    N  N N 310 
THR CA   C  N S 311 
THR C    C  N N 312 
THR O    O  N N 313 
THR CB   C  N R 314 
THR OG1  O  N N 315 
THR CG2  C  N N 316 
THR OXT  O  N N 317 
THR H    H  N N 318 
THR H2   H  N N 319 
THR HA   H  N N 320 
THR HB   H  N N 321 
THR HG1  H  N N 322 
THR HG21 H  N N 323 
THR HG22 H  N N 324 
THR HG23 H  N N 325 
THR HXT  H  N N 326 
TRP N    N  N N 327 
TRP CA   C  N S 328 
TRP C    C  N N 329 
TRP O    O  N N 330 
TRP CB   C  N N 331 
TRP CG   C  Y N 332 
TRP CD1  C  Y N 333 
TRP CD2  C  Y N 334 
TRP NE1  N  Y N 335 
TRP CE2  C  Y N 336 
TRP CE3  C  Y N 337 
TRP CZ2  C  Y N 338 
TRP CZ3  C  Y N 339 
TRP CH2  C  Y N 340 
TRP OXT  O  N N 341 
TRP H    H  N N 342 
TRP H2   H  N N 343 
TRP HA   H  N N 344 
TRP HB2  H  N N 345 
TRP HB3  H  N N 346 
TRP HD1  H  N N 347 
TRP HE1  H  N N 348 
TRP HE3  H  N N 349 
TRP HZ2  H  N N 350 
TRP HZ3  H  N N 351 
TRP HH2  H  N N 352 
TRP HXT  H  N N 353 
TYR N    N  N N 354 
TYR CA   C  N S 355 
TYR C    C  N N 356 
TYR O    O  N N 357 
TYR CB   C  N N 358 
TYR CG   C  Y N 359 
TYR CD1  C  Y N 360 
TYR CD2  C  Y N 361 
TYR CE1  C  Y N 362 
TYR CE2  C  Y N 363 
TYR CZ   C  Y N 364 
TYR OH   O  N N 365 
TYR OXT  O  N N 366 
TYR H    H  N N 367 
TYR H2   H  N N 368 
TYR HA   H  N N 369 
TYR HB2  H  N N 370 
TYR HB3  H  N N 371 
TYR HD1  H  N N 372 
TYR HD2  H  N N 373 
TYR HE1  H  N N 374 
TYR HE2  H  N N 375 
TYR HH   H  N N 376 
TYR HXT  H  N N 377 
VAL N    N  N N 378 
VAL CA   C  N S 379 
VAL C    C  N N 380 
VAL O    O  N N 381 
VAL CB   C  N N 382 
VAL CG1  C  N N 383 
VAL CG2  C  N N 384 
VAL OXT  O  N N 385 
VAL H    H  N N 386 
VAL H2   H  N N 387 
VAL HA   H  N N 388 
VAL HB   H  N N 389 
VAL HG11 H  N N 390 
VAL HG12 H  N N 391 
VAL HG13 H  N N 392 
VAL HG21 H  N N 393 
VAL HG22 H  N N 394 
VAL HG23 H  N N 395 
VAL HXT  H  N N 396 
# 
loop_
_chem_comp_bond.comp_id 
_chem_comp_bond.atom_id_1 
_chem_comp_bond.atom_id_2 
_chem_comp_bond.value_order 
_chem_comp_bond.pdbx_aromatic_flag 
_chem_comp_bond.pdbx_stereo_config 
_chem_comp_bond.pdbx_ordinal 
ALA N   CA   sing N N 1   
ALA N   H    sing N N 2   
ALA N   H2   sing N N 3   
ALA CA  C    sing N N 4   
ALA CA  CB   sing N N 5   
ALA CA  HA   sing N N 6   
ALA C   O    doub N N 7   
ALA C   OXT  sing N N 8   
ALA CB  HB1  sing N N 9   
ALA CB  HB2  sing N N 10  
ALA CB  HB3  sing N N 11  
ALA OXT HXT  sing N N 12  
ARG N   CA   sing N N 13  
ARG N   H    sing N N 14  
ARG N   H2   sing N N 15  
ARG CA  C    sing N N 16  
ARG CA  CB   sing N N 17  
ARG CA  HA   sing N N 18  
ARG C   O    doub N N 19  
ARG C   OXT  sing N N 20  
ARG CB  CG   sing N N 21  
ARG CB  HB2  sing N N 22  
ARG CB  HB3  sing N N 23  
ARG CG  CD   sing N N 24  
ARG CG  HG2  sing N N 25  
ARG CG  HG3  sing N N 26  
ARG CD  NE   sing N N 27  
ARG CD  HD2  sing N N 28  
ARG CD  HD3  sing N N 29  
ARG NE  CZ   sing N N 30  
ARG NE  HE   sing N N 31  
ARG CZ  NH1  sing N N 32  
ARG CZ  NH2  doub N N 33  
ARG NH1 HH11 sing N N 34  
ARG NH1 HH12 sing N N 35  
ARG NH2 HH21 sing N N 36  
ARG NH2 HH22 sing N N 37  
ARG OXT HXT  sing N N 38  
ASN N   CA   sing N N 39  
ASN N   H    sing N N 40  
ASN N   H2   sing N N 41  
ASN CA  C    sing N N 42  
ASN CA  CB   sing N N 43  
ASN CA  HA   sing N N 44  
ASN C   O    doub N N 45  
ASN C   OXT  sing N N 46  
ASN CB  CG   sing N N 47  
ASN CB  HB2  sing N N 48  
ASN CB  HB3  sing N N 49  
ASN CG  OD1  doub N N 50  
ASN CG  ND2  sing N N 51  
ASN ND2 HD21 sing N N 52  
ASN ND2 HD22 sing N N 53  
ASN OXT HXT  sing N N 54  
ASP N   CA   sing N N 55  
ASP N   H    sing N N 56  
ASP N   H2   sing N N 57  
ASP CA  C    sing N N 58  
ASP CA  CB   sing N N 59  
ASP CA  HA   sing N N 60  
ASP C   O    doub N N 61  
ASP C   OXT  sing N N 62  
ASP CB  CG   sing N N 63  
ASP CB  HB2  sing N N 64  
ASP CB  HB3  sing N N 65  
ASP CG  OD1  doub N N 66  
ASP CG  OD2  sing N N 67  
ASP OD2 HD2  sing N N 68  
ASP OXT HXT  sing N N 69  
GLN N   CA   sing N N 70  
GLN N   H    sing N N 71  
GLN N   H2   sing N N 72  
GLN CA  C    sing N N 73  
GLN CA  CB   sing N N 74  
GLN CA  HA   sing N N 75  
GLN C   O    doub N N 76  
GLN C   OXT  sing N N 77  
GLN CB  CG   sing N N 78  
GLN CB  HB2  sing N N 79  
GLN CB  HB3  sing N N 80  
GLN CG  CD   sing N N 81  
GLN CG  HG2  sing N N 82  
GLN CG  HG3  sing N N 83  
GLN CD  OE1  doub N N 84  
GLN CD  NE2  sing N N 85  
GLN NE2 HE21 sing N N 86  
GLN NE2 HE22 sing N N 87  
GLN OXT HXT  sing N N 88  
GLU N   CA   sing N N 89  
GLU N   H    sing N N 90  
GLU N   H2   sing N N 91  
GLU CA  C    sing N N 92  
GLU CA  CB   sing N N 93  
GLU CA  HA   sing N N 94  
GLU C   O    doub N N 95  
GLU C   OXT  sing N N 96  
GLU CB  CG   sing N N 97  
GLU CB  HB2  sing N N 98  
GLU CB  HB3  sing N N 99  
GLU CG  CD   sing N N 100 
GLU CG  HG2  sing N N 101 
GLU CG  HG3  sing N N 102 
GLU CD  OE1  doub N N 103 
GLU CD  OE2  sing N N 104 
GLU OE2 HE2  sing N N 105 
GLU OXT HXT  sing N N 106 
GLY N   CA   sing N N 107 
GLY N   H    sing N N 108 
GLY N   H2   sing N N 109 
GLY CA  C    sing N N 110 
GLY CA  HA2  sing N N 111 
GLY CA  HA3  sing N N 112 
GLY C   O    doub N N 113 
GLY C   OXT  sing N N 114 
GLY OXT HXT  sing N N 115 
HIS N   CA   sing N N 116 
HIS N   H    sing N N 117 
HIS N   H2   sing N N 118 
HIS CA  C    sing N N 119 
HIS CA  CB   sing N N 120 
HIS CA  HA   sing N N 121 
HIS C   O    doub N N 122 
HIS C   OXT  sing N N 123 
HIS CB  CG   sing N N 124 
HIS CB  HB2  sing N N 125 
HIS CB  HB3  sing N N 126 
HIS CG  ND1  sing Y N 127 
HIS CG  CD2  doub Y N 128 
HIS ND1 CE1  doub Y N 129 
HIS ND1 HD1  sing N N 130 
HIS CD2 NE2  sing Y N 131 
HIS CD2 HD2  sing N N 132 
HIS CE1 NE2  sing Y N 133 
HIS CE1 HE1  sing N N 134 
HIS NE2 HE2  sing N N 135 
HIS OXT HXT  sing N N 136 
HOH O   H1   sing N N 137 
HOH O   H2   sing N N 138 
ILE N   CA   sing N N 139 
ILE N   H    sing N N 140 
ILE N   H2   sing N N 141 
ILE CA  C    sing N N 142 
ILE CA  CB   sing N N 143 
ILE CA  HA   sing N N 144 
ILE C   O    doub N N 145 
ILE C   OXT  sing N N 146 
ILE CB  CG1  sing N N 147 
ILE CB  CG2  sing N N 148 
ILE CB  HB   sing N N 149 
ILE CG1 CD1  sing N N 150 
ILE CG1 HG12 sing N N 151 
ILE CG1 HG13 sing N N 152 
ILE CG2 HG21 sing N N 153 
ILE CG2 HG22 sing N N 154 
ILE CG2 HG23 sing N N 155 
ILE CD1 HD11 sing N N 156 
ILE CD1 HD12 sing N N 157 
ILE CD1 HD13 sing N N 158 
ILE OXT HXT  sing N N 159 
LEU N   CA   sing N N 160 
LEU N   H    sing N N 161 
LEU N   H2   sing N N 162 
LEU CA  C    sing N N 163 
LEU CA  CB   sing N N 164 
LEU CA  HA   sing N N 165 
LEU C   O    doub N N 166 
LEU C   OXT  sing N N 167 
LEU CB  CG   sing N N 168 
LEU CB  HB2  sing N N 169 
LEU CB  HB3  sing N N 170 
LEU CG  CD1  sing N N 171 
LEU CG  CD2  sing N N 172 
LEU CG  HG   sing N N 173 
LEU CD1 HD11 sing N N 174 
LEU CD1 HD12 sing N N 175 
LEU CD1 HD13 sing N N 176 
LEU CD2 HD21 sing N N 177 
LEU CD2 HD22 sing N N 178 
LEU CD2 HD23 sing N N 179 
LEU OXT HXT  sing N N 180 
LYS N   CA   sing N N 181 
LYS N   H    sing N N 182 
LYS N   H2   sing N N 183 
LYS CA  C    sing N N 184 
LYS CA  CB   sing N N 185 
LYS CA  HA   sing N N 186 
LYS C   O    doub N N 187 
LYS C   OXT  sing N N 188 
LYS CB  CG   sing N N 189 
LYS CB  HB2  sing N N 190 
LYS CB  HB3  sing N N 191 
LYS CG  CD   sing N N 192 
LYS CG  HG2  sing N N 193 
LYS CG  HG3  sing N N 194 
LYS CD  CE   sing N N 195 
LYS CD  HD2  sing N N 196 
LYS CD  HD3  sing N N 197 
LYS CE  NZ   sing N N 198 
LYS CE  HE2  sing N N 199 
LYS CE  HE3  sing N N 200 
LYS NZ  HZ1  sing N N 201 
LYS NZ  HZ2  sing N N 202 
LYS NZ  HZ3  sing N N 203 
LYS OXT HXT  sing N N 204 
MET N   CA   sing N N 205 
MET N   H    sing N N 206 
MET N   H2   sing N N 207 
MET CA  C    sing N N 208 
MET CA  CB   sing N N 209 
MET CA  HA   sing N N 210 
MET C   O    doub N N 211 
MET C   OXT  sing N N 212 
MET CB  CG   sing N N 213 
MET CB  HB2  sing N N 214 
MET CB  HB3  sing N N 215 
MET CG  SD   sing N N 216 
MET CG  HG2  sing N N 217 
MET CG  HG3  sing N N 218 
MET SD  CE   sing N N 219 
MET CE  HE1  sing N N 220 
MET CE  HE2  sing N N 221 
MET CE  HE3  sing N N 222 
MET OXT HXT  sing N N 223 
MSE N   CA   sing N N 224 
MSE N   H    sing N N 225 
MSE N   H2   sing N N 226 
MSE CA  C    sing N N 227 
MSE CA  CB   sing N N 228 
MSE CA  HA   sing N N 229 
MSE C   O    doub N N 230 
MSE C   OXT  sing N N 231 
MSE OXT HXT  sing N N 232 
MSE CB  CG   sing N N 233 
MSE CB  HB2  sing N N 234 
MSE CB  HB3  sing N N 235 
MSE CG  SE   sing N N 236 
MSE CG  HG2  sing N N 237 
MSE CG  HG3  sing N N 238 
MSE SE  CE   sing N N 239 
MSE CE  HE1  sing N N 240 
MSE CE  HE2  sing N N 241 
MSE CE  HE3  sing N N 242 
PHE N   CA   sing N N 243 
PHE N   H    sing N N 244 
PHE N   H2   sing N N 245 
PHE CA  C    sing N N 246 
PHE CA  CB   sing N N 247 
PHE CA  HA   sing N N 248 
PHE C   O    doub N N 249 
PHE C   OXT  sing N N 250 
PHE CB  CG   sing N N 251 
PHE CB  HB2  sing N N 252 
PHE CB  HB3  sing N N 253 
PHE CG  CD1  doub Y N 254 
PHE CG  CD2  sing Y N 255 
PHE CD1 CE1  sing Y N 256 
PHE CD1 HD1  sing N N 257 
PHE CD2 CE2  doub Y N 258 
PHE CD2 HD2  sing N N 259 
PHE CE1 CZ   doub Y N 260 
PHE CE1 HE1  sing N N 261 
PHE CE2 CZ   sing Y N 262 
PHE CE2 HE2  sing N N 263 
PHE CZ  HZ   sing N N 264 
PHE OXT HXT  sing N N 265 
PRO N   CA   sing N N 266 
PRO N   CD   sing N N 267 
PRO N   H    sing N N 268 
PRO CA  C    sing N N 269 
PRO CA  CB   sing N N 270 
PRO CA  HA   sing N N 271 
PRO C   O    doub N N 272 
PRO C   OXT  sing N N 273 
PRO CB  CG   sing N N 274 
PRO CB  HB2  sing N N 275 
PRO CB  HB3  sing N N 276 
PRO CG  CD   sing N N 277 
PRO CG  HG2  sing N N 278 
PRO CG  HG3  sing N N 279 
PRO CD  HD2  sing N N 280 
PRO CD  HD3  sing N N 281 
PRO OXT HXT  sing N N 282 
SER N   CA   sing N N 283 
SER N   H    sing N N 284 
SER N   H2   sing N N 285 
SER CA  C    sing N N 286 
SER CA  CB   sing N N 287 
SER CA  HA   sing N N 288 
SER C   O    doub N N 289 
SER C   OXT  sing N N 290 
SER CB  OG   sing N N 291 
SER CB  HB2  sing N N 292 
SER CB  HB3  sing N N 293 
SER OG  HG   sing N N 294 
SER OXT HXT  sing N N 295 
THR N   CA   sing N N 296 
THR N   H    sing N N 297 
THR N   H2   sing N N 298 
THR CA  C    sing N N 299 
THR CA  CB   sing N N 300 
THR CA  HA   sing N N 301 
THR C   O    doub N N 302 
THR C   OXT  sing N N 303 
THR CB  OG1  sing N N 304 
THR CB  CG2  sing N N 305 
THR CB  HB   sing N N 306 
THR OG1 HG1  sing N N 307 
THR CG2 HG21 sing N N 308 
THR CG2 HG22 sing N N 309 
THR CG2 HG23 sing N N 310 
THR OXT HXT  sing N N 311 
TRP N   CA   sing N N 312 
TRP N   H    sing N N 313 
TRP N   H2   sing N N 314 
TRP CA  C    sing N N 315 
TRP CA  CB   sing N N 316 
TRP CA  HA   sing N N 317 
TRP C   O    doub N N 318 
TRP C   OXT  sing N N 319 
TRP CB  CG   sing N N 320 
TRP CB  HB2  sing N N 321 
TRP CB  HB3  sing N N 322 
TRP CG  CD1  doub Y N 323 
TRP CG  CD2  sing Y N 324 
TRP CD1 NE1  sing Y N 325 
TRP CD1 HD1  sing N N 326 
TRP CD2 CE2  doub Y N 327 
TRP CD2 CE3  sing Y N 328 
TRP NE1 CE2  sing Y N 329 
TRP NE1 HE1  sing N N 330 
TRP CE2 CZ2  sing Y N 331 
TRP CE3 CZ3  doub Y N 332 
TRP CE3 HE3  sing N N 333 
TRP CZ2 CH2  doub Y N 334 
TRP CZ2 HZ2  sing N N 335 
TRP CZ3 CH2  sing Y N 336 
TRP CZ3 HZ3  sing N N 337 
TRP CH2 HH2  sing N N 338 
TRP OXT HXT  sing N N 339 
TYR N   CA   sing N N 340 
TYR N   H    sing N N 341 
TYR N   H2   sing N N 342 
TYR CA  C    sing N N 343 
TYR CA  CB   sing N N 344 
TYR CA  HA   sing N N 345 
TYR C   O    doub N N 346 
TYR C   OXT  sing N N 347 
TYR CB  CG   sing N N 348 
TYR CB  HB2  sing N N 349 
TYR CB  HB3  sing N N 350 
TYR CG  CD1  doub Y N 351 
TYR CG  CD2  sing Y N 352 
TYR CD1 CE1  sing Y N 353 
TYR CD1 HD1  sing N N 354 
TYR CD2 CE2  doub Y N 355 
TYR CD2 HD2  sing N N 356 
TYR CE1 CZ   doub Y N 357 
TYR CE1 HE1  sing N N 358 
TYR CE2 CZ   sing Y N 359 
TYR CE2 HE2  sing N N 360 
TYR CZ  OH   sing N N 361 
TYR OH  HH   sing N N 362 
TYR OXT HXT  sing N N 363 
VAL N   CA   sing N N 364 
VAL N   H    sing N N 365 
VAL N   H2   sing N N 366 
VAL CA  C    sing N N 367 
VAL CA  CB   sing N N 368 
VAL CA  HA   sing N N 369 
VAL C   O    doub N N 370 
VAL C   OXT  sing N N 371 
VAL CB  CG1  sing N N 372 
VAL CB  CG2  sing N N 373 
VAL CB  HB   sing N N 374 
VAL CG1 HG11 sing N N 375 
VAL CG1 HG12 sing N N 376 
VAL CG1 HG13 sing N N 377 
VAL CG2 HG21 sing N N 378 
VAL CG2 HG22 sing N N 379 
VAL CG2 HG23 sing N N 380 
VAL OXT HXT  sing N N 381 
# 
_atom_sites.entry_id                    1DDW 
_atom_sites.fract_transf_matrix[1][1]   -0.01448183 
_atom_sites.fract_transf_matrix[1][2]   0.00348838 
_atom_sites.fract_transf_matrix[1][3]   -0.01768403 
_atom_sites.fract_transf_matrix[2][1]   -0.00597058 
_atom_sites.fract_transf_matrix[2][2]   0.02152219 
_atom_sites.fract_transf_matrix[2][3]   -0.00598115 
_atom_sites.fract_transf_matrix[3][1]   0.00960261 
_atom_sites.fract_transf_matrix[3][2]   0.00050627 
_atom_sites.fract_transf_matrix[3][3]   -0.00776392 
_atom_sites.fract_transf_vector[1]      0.278591 
_atom_sites.fract_transf_vector[2]      0.470966 
_atom_sites.fract_transf_vector[3]      0.221858 
# 
loop_
_atom_type.symbol 
C  
N  
O  
SE 
# 
loop_
_atom_site.group_PDB 
_atom_site.id 
_atom_site.type_symbol 
_atom_site.label_atom_id 
_atom_site.label_alt_id 
_atom_site.label_comp_id 
_atom_site.label_asym_id 
_atom_site.label_entity_id 
_atom_site.label_seq_id 
_atom_site.pdbx_PDB_ins_code 
_atom_site.Cartn_x 
_atom_site.Cartn_y 
_atom_site.Cartn_z 
_atom_site.occupancy 
_atom_site.B_iso_or_equiv 
_atom_site.pdbx_formal_charge 
_atom_site.auth_seq_id 
_atom_site.auth_comp_id 
_atom_site.auth_asym_id 
_atom_site.auth_atom_id 
_atom_site.pdbx_PDB_model_num 
HETATM 1   N  N   . MSE A 1 1   ? -4.617  -14.898 -16.339 1.00 26.29 ? 1   MSE A N   1 
HETATM 2   C  CA  . MSE A 1 1   ? -4.874  -13.453 -16.658 1.00 28.08 ? 1   MSE A CA  1 
HETATM 3   C  C   . MSE A 1 1   ? -3.606  -12.623 -16.466 1.00 26.63 ? 1   MSE A C   1 
HETATM 4   O  O   . MSE A 1 1   ? -2.698  -13.005 -15.736 1.00 25.32 ? 1   MSE A O   1 
HETATM 5   C  CB  . MSE A 1 1   ? -5.939  -12.854 -15.734 1.00 27.52 ? 1   MSE A CB  1 
HETATM 6   C  CG  . MSE A 1 1   ? -7.231  -13.580 -15.603 1.00 27.37 ? 1   MSE A CG  1 
HETATM 7   SE SE  . MSE A 1 1   ? -8.019  -12.866 -14.082 1.00 31.71 ? 1   MSE A SE  1 
HETATM 8   C  CE  . MSE A 1 1   ? -8.606  -11.162 -14.711 1.00 26.36 ? 1   MSE A CE  1 
ATOM   9   N  N   . GLY A 1 2   ? -3.584  -11.458 -17.104 1.00 28.56 ? 2   GLY A N   1 
ATOM   10  C  CA  . GLY A 1 2   ? -2.442  -10.576 -16.978 1.00 28.58 ? 2   GLY A CA  1 
ATOM   11  C  C   . GLY A 1 2   ? -2.464  -9.860  -15.640 1.00 28.97 ? 2   GLY A C   1 
ATOM   12  O  O   . GLY A 1 2   ? -1.424  -9.603  -15.049 1.00 29.49 ? 2   GLY A O   1 
ATOM   13  N  N   . GLU A 1 3   ? -3.657  -9.515  -15.161 1.00 28.58 ? 3   GLU A N   1 
ATOM   14  C  CA  . GLU A 1 3   ? -3.758  -8.839  -13.876 1.00 26.84 ? 3   GLU A CA  1 
ATOM   15  C  C   . GLU A 1 3   ? -4.751  -9.598  -13.011 1.00 24.81 ? 3   GLU A C   1 
ATOM   16  O  O   . GLU A 1 3   ? -5.940  -9.622  -13.298 1.00 23.84 ? 3   GLU A O   1 
ATOM   17  C  CB  . GLU A 1 3   ? -4.234  -7.391  -14.028 1.00 27.84 ? 3   GLU A CB  1 
ATOM   18  C  CG  . GLU A 1 3   ? -4.295  -6.703  -12.683 1.00 29.27 ? 3   GLU A CG  1 
ATOM   19  C  CD  . GLU A 1 3   ? -4.858  -5.297  -12.739 1.00 30.63 ? 3   GLU A CD  1 
ATOM   20  O  OE1 . GLU A 1 3   ? -6.103  -5.137  -12.734 1.00 27.31 ? 3   GLU A OE1 1 
ATOM   21  O  OE2 . GLU A 1 3   ? -4.026  -4.363  -12.796 1.00 32.38 ? 3   GLU A OE2 1 
ATOM   22  N  N   . GLN A 1 4   ? -4.264  -10.198 -11.934 1.00 23.22 ? 4   GLN A N   1 
ATOM   23  C  CA  . GLN A 1 4   ? -5.136  -11.004 -11.072 1.00 22.13 ? 4   GLN A CA  1 
ATOM   24  C  C   . GLN A 1 4   ? -5.495  -10.353 -9.727  1.00 19.78 ? 4   GLN A C   1 
ATOM   25  O  O   . GLN A 1 4   ? -4.629  -10.053 -8.928  1.00 18.13 ? 4   GLN A O   1 
ATOM   26  C  CB  . GLN A 1 4   ? -4.445  -12.371 -10.844 1.00 23.34 ? 4   GLN A CB  1 
ATOM   27  C  CG  . GLN A 1 4   ? -4.206  -13.151 -12.139 1.00 26.16 ? 4   GLN A CG  1 
ATOM   28  C  CD  . GLN A 1 4   ? -3.135  -14.239 -12.025 1.00 28.20 ? 4   GLN A CD  1 
ATOM   29  O  OE1 . GLN A 1 4   ? -3.069  -14.964 -11.029 1.00 30.76 ? 4   GLN A OE1 1 
ATOM   30  N  NE2 . GLN A 1 4   ? -2.297  -14.364 -13.066 1.00 29.35 ? 4   GLN A NE2 1 
ATOM   31  N  N   . PRO A 1 5   ? -6.789  -10.122 -9.467  1.00 20.72 ? 5   PRO A N   1 
ATOM   32  C  CA  . PRO A 1 5   ? -7.235  -9.508  -8.208  1.00 20.17 ? 5   PRO A CA  1 
ATOM   33  C  C   . PRO A 1 5   ? -7.054  -10.510 -7.076  1.00 20.01 ? 5   PRO A C   1 
ATOM   34  O  O   . PRO A 1 5   ? -7.469  -11.645 -7.191  1.00 20.01 ? 5   PRO A O   1 
ATOM   35  C  CB  . PRO A 1 5   ? -8.706  -9.241  -8.476  1.00 19.02 ? 5   PRO A CB  1 
ATOM   36  C  CG  . PRO A 1 5   ? -9.077  -10.465 -9.268  1.00 19.64 ? 5   PRO A CG  1 
ATOM   37  C  CD  . PRO A 1 5   ? -7.953  -10.489 -10.295 1.00 19.82 ? 5   PRO A CD  1 
ATOM   38  N  N   . ILE A 1 6   ? -6.459  -10.086 -5.971  1.00 20.89 ? 6   ILE A N   1 
ATOM   39  C  CA  . ILE A 1 6   ? -6.199  -11.019 -4.882  1.00 19.22 ? 6   ILE A CA  1 
ATOM   40  C  C   . ILE A 1 6   ? -6.869  -10.672 -3.580  1.00 18.69 ? 6   ILE A C   1 
ATOM   41  O  O   . ILE A 1 6   ? -7.544  -11.500 -2.971  1.00 19.97 ? 6   ILE A O   1 
ATOM   42  C  CB  . ILE A 1 6   ? -4.663  -11.118 -4.585  1.00 17.92 ? 6   ILE A CB  1 
ATOM   43  C  CG1 . ILE A 1 6   ? -3.891  -11.493 -5.832  1.00 18.38 ? 6   ILE A CG1 1 
ATOM   44  C  CG2 . ILE A 1 6   ? -4.424  -12.042 -3.394  1.00 18.02 ? 6   ILE A CG2 1 
ATOM   45  C  CD1 . ILE A 1 6   ? -4.093  -12.942 -6.356  1.00 20.99 ? 6   ILE A CD1 1 
ATOM   46  N  N   . PHE A 1 7   ? -6.683  -9.437  -3.145  1.00 18.20 ? 7   PHE A N   1 
ATOM   47  C  CA  . PHE A 1 7   ? -7.218  -9.002  -1.870  1.00 19.10 ? 7   PHE A CA  1 
ATOM   48  C  C   . PHE A 1 7   ? -7.566  -7.530  -1.914  1.00 19.68 ? 7   PHE A C   1 
ATOM   49  O  O   . PHE A 1 7   ? -6.833  -6.752  -2.521  1.00 21.12 ? 7   PHE A O   1 
ATOM   50  C  CB  . PHE A 1 7   ? -6.147  -9.281  -0.806  1.00 19.16 ? 7   PHE A CB  1 
ATOM   51  C  CG  . PHE A 1 7   ? -6.443  -8.713  0.543   1.00 20.23 ? 7   PHE A CG  1 
ATOM   52  C  CD1 . PHE A 1 7   ? -6.929  -9.527  1.557   1.00 22.71 ? 7   PHE A CD1 1 
ATOM   53  C  CD2 . PHE A 1 7   ? -6.138  -7.371  0.844   1.00 20.57 ? 7   PHE A CD2 1 
ATOM   54  C  CE1 . PHE A 1 7   ? -7.101  -9.030  2.834   1.00 23.01 ? 7   PHE A CE1 1 
ATOM   55  C  CE2 . PHE A 1 7   ? -6.308  -6.868  2.112   1.00 18.57 ? 7   PHE A CE2 1 
ATOM   56  C  CZ  . PHE A 1 7   ? -6.786  -7.685  3.115   1.00 22.80 ? 7   PHE A CZ  1 
ATOM   57  N  N   . SER A 1 8   ? -8.691  -7.144  -1.308  1.00 18.30 ? 8   SER A N   1 
ATOM   58  C  CA  . SER A 1 8   ? -9.081  -5.728  -1.264  1.00 16.82 ? 8   SER A CA  1 
ATOM   59  C  C   . SER A 1 8   ? -9.573  -5.325  0.134   1.00 17.72 ? 8   SER A C   1 
ATOM   60  O  O   . SER A 1 8   ? -10.282 -6.094  0.795   1.00 17.45 ? 8   SER A O   1 
ATOM   61  C  CB  . SER A 1 8   ? -10.201 -5.436  -2.291  1.00 18.23 ? 8   SER A CB  1 
ATOM   62  O  OG  . SER A 1 8   ? -9.753  -5.613  -3.629  1.00 22.43 ? 8   SER A OG  1 
ATOM   63  N  N   . THR A 1 9   ? -9.178  -4.127  0.567   1.00 16.21 ? 9   THR A N   1 
ATOM   64  C  CA  . THR A 1 9   ? -9.558  -3.560  1.855   1.00 16.80 ? 9   THR A CA  1 
ATOM   65  C  C   . THR A 1 9   ? -9.793  -2.052  1.678   1.00 17.50 ? 9   THR A C   1 
ATOM   66  O  O   . THR A 1 9   ? -9.787  -1.562  0.541   1.00 19.83 ? 9   THR A O   1 
ATOM   67  C  CB  . THR A 1 9   ? -8.481  -3.868  2.953   1.00 18.49 ? 9   THR A CB  1 
ATOM   68  O  OG1 . THR A 1 9   ? -8.952  -3.384  4.212   1.00 18.97 ? 9   THR A OG1 1 
ATOM   69  C  CG2 . THR A 1 9   ? -7.145  -3.190  2.611   1.00 13.50 ? 9   THR A CG2 1 
ATOM   70  N  N   . ARG A 1 10  ? -10.061 -1.307  2.752   1.00 16.55 ? 10  ARG A N   1 
ATOM   71  C  CA  . ARG A 1 10  ? -10.307 0.130   2.628   1.00 17.01 ? 10  ARG A CA  1 
ATOM   72  C  C   . ARG A 1 10  ? -9.458  0.843   3.647   1.00 17.05 ? 10  ARG A C   1 
ATOM   73  O  O   . ARG A 1 10  ? -9.212  0.303   4.743   1.00 17.62 ? 10  ARG A O   1 
ATOM   74  C  CB  . ARG A 1 10  ? -11.773 0.513   2.923   1.00 19.44 ? 10  ARG A CB  1 
ATOM   75  C  CG  . ARG A 1 10  ? -12.824 -0.253  2.162   1.00 24.74 ? 10  ARG A CG  1 
ATOM   76  C  CD  . ARG A 1 10  ? -13.359 0.450   0.914   1.00 29.77 ? 10  ARG A CD  1 
ATOM   77  N  NE  . ARG A 1 10  ? -13.967 1.767   1.158   1.00 34.31 ? 10  ARG A NE  1 
ATOM   78  C  CZ  . ARG A 1 10  ? -14.217 2.629   0.182   1.00 35.00 ? 10  ARG A CZ  1 
ATOM   79  N  NH1 . ARG A 1 10  ? -13.910 2.297   -1.063  1.00 36.05 ? 10  ARG A NH1 1 
ATOM   80  N  NH2 . ARG A 1 10  ? -14.730 3.818   0.436   1.00 34.95 ? 10  ARG A NH2 1 
ATOM   81  N  N   . ALA A 1 11  ? -9.038  2.061   3.308   1.00 14.00 ? 11  ALA A N   1 
ATOM   82  C  CA  . ALA A 1 11  ? -8.232  2.857   4.210   1.00 14.30 ? 11  ALA A CA  1 
ATOM   83  C  C   . ALA A 1 11  ? -8.113  4.273   3.669   1.00 14.19 ? 11  ALA A C   1 
ATOM   84  O  O   . ALA A 1 11  ? -8.372  4.503   2.495   1.00 14.05 ? 11  ALA A O   1 
ATOM   85  C  CB  . ALA A 1 11  ? -6.785  2.231   4.321   1.00 14.19 ? 11  ALA A CB  1 
ATOM   86  N  N   . HIS A 1 12  ? -7.721  5.199   4.534   1.00 10.11 ? 12  HIS A N   1 
ATOM   87  C  CA  . HIS A 1 12  ? -7.430  6.568   4.121   1.00 13.24 ? 12  HIS A CA  1 
ATOM   88  C  C   . HIS A 1 12  ? -5.931  6.485   3.736   1.00 14.75 ? 12  HIS A C   1 
ATOM   89  O  O   . HIS A 1 12  ? -5.111  5.833   4.424   1.00 12.73 ? 12  HIS A O   1 
ATOM   90  C  CB  . HIS A 1 12  ? -7.588  7.576   5.261   1.00 12.52 ? 12  HIS A CB  1 
ATOM   91  C  CG  . HIS A 1 12  ? -8.995  8.043   5.470   1.00 14.35 ? 12  HIS A CG  1 
ATOM   92  N  ND1 . HIS A 1 12  ? -9.961  7.256   6.053   1.00 17.51 ? 12  HIS A ND1 1 
ATOM   93  C  CD2 . HIS A 1 12  ? -9.604  9.213   5.148   1.00 19.07 ? 12  HIS A CD2 1 
ATOM   94  C  CE1 . HIS A 1 12  ? -11.107 7.920   6.085   1.00 17.35 ? 12  HIS A CE1 1 
ATOM   95  N  NE2 . HIS A 1 12  ? -10.917 9.110   5.544   1.00 18.20 ? 12  HIS A NE2 1 
ATOM   96  N  N   . VAL A 1 13  ? -5.570  7.154   2.648   1.00 12.11 ? 13  VAL A N   1 
ATOM   97  C  CA  . VAL A 1 13  ? -4.193  7.077   2.135   1.00 12.49 ? 13  VAL A CA  1 
ATOM   98  C  C   . VAL A 1 13  ? -3.481  8.377   2.393   1.00 12.63 ? 13  VAL A C   1 
ATOM   99  O  O   . VAL A 1 13  ? -4.092  9.441   2.274   1.00 12.96 ? 13  VAL A O   1 
ATOM   100 C  CB  . VAL A 1 13  ? -4.219  6.822   0.608   1.00 12.65 ? 13  VAL A CB  1 
ATOM   101 C  CG1 . VAL A 1 13  ? -2.776  6.827   0.026   1.00 13.82 ? 13  VAL A CG1 1 
ATOM   102 C  CG2 . VAL A 1 13  ? -4.949  5.508   0.298   1.00 14.99 ? 13  VAL A CG2 1 
ATOM   103 N  N   . PHE A 1 14  ? -2.189  8.284   2.723   1.00 11.01 ? 14  PHE A N   1 
ATOM   104 C  CA  . PHE A 1 14  ? -1.343  9.445   2.984   1.00 13.40 ? 14  PHE A CA  1 
ATOM   105 C  C   . PHE A 1 14  ? 0.031   9.217   2.365   1.00 11.72 ? 14  PHE A C   1 
ATOM   106 O  O   . PHE A 1 14  ? 0.393   8.087   2.030   1.00 11.87 ? 14  PHE A O   1 
ATOM   107 C  CB  . PHE A 1 14  ? -1.076  9.630   4.497   1.00 15.75 ? 14  PHE A CB  1 
ATOM   108 C  CG  . PHE A 1 14  ? -2.319  9.778   5.332   1.00 17.41 ? 14  PHE A CG  1 
ATOM   109 C  CD1 . PHE A 1 14  ? -3.042  8.665   5.710   1.00 18.47 ? 14  PHE A CD1 1 
ATOM   110 C  CD2 . PHE A 1 14  ? -2.767  11.033  5.708   1.00 19.95 ? 14  PHE A CD2 1 
ATOM   111 C  CE1 . PHE A 1 14  ? -4.216  8.805   6.465   1.00 20.89 ? 14  PHE A CE1 1 
ATOM   112 C  CE2 . PHE A 1 14  ? -3.943  11.180  6.461   1.00 20.60 ? 14  PHE A CE2 1 
ATOM   113 C  CZ  . PHE A 1 14  ? -4.649  10.063  6.829   1.00 18.88 ? 14  PHE A CZ  1 
ATOM   114 N  N   . GLN A 1 15  ? 0.778   10.302  2.197   1.00 13.05 ? 15  GLN A N   1 
ATOM   115 C  CA  . GLN A 1 15  ? 2.170   10.195  1.776   1.00 12.27 ? 15  GLN A CA  1 
ATOM   116 C  C   . GLN A 1 15  ? 2.953   11.145  2.682   1.00 14.24 ? 15  GLN A C   1 
ATOM   117 O  O   . GLN A 1 15  ? 2.428   12.153  3.110   1.00 13.55 ? 15  GLN A O   1 
ATOM   118 C  CB  . GLN A 1 15  ? 2.401   10.589  0.333   1.00 16.82 ? 15  GLN A CB  1 
ATOM   119 C  CG  . GLN A 1 15  ? 1.976   9.544   -0.660  1.00 19.84 ? 15  GLN A CG  1 
ATOM   120 C  CD  . GLN A 1 15  ? 2.246   9.984   -2.081  1.00 20.16 ? 15  GLN A CD  1 
ATOM   121 O  OE1 . GLN A 1 15  ? 3.363   10.364  -2.423  1.00 25.65 ? 15  GLN A OE1 1 
ATOM   122 N  NE2 . GLN A 1 15  ? 1.232   9.917   -2.914  1.00 20.09 ? 15  GLN A NE2 1 
ATOM   123 N  N   . ILE A 1 16  ? 4.199   10.819  2.978   1.00 15.66 ? 16  ILE A N   1 
ATOM   124 C  CA  . ILE A 1 16  ? 4.987   11.678  3.858   1.00 18.29 ? 16  ILE A CA  1 
ATOM   125 C  C   . ILE A 1 16  ? 5.393   12.893  3.035   1.00 22.04 ? 16  ILE A C   1 
ATOM   126 O  O   . ILE A 1 16  ? 5.459   12.799  1.802   1.00 24.00 ? 16  ILE A O   1 
ATOM   127 C  CB  . ILE A 1 16  ? 6.231   10.941  4.376   1.00 16.91 ? 16  ILE A CB  1 
ATOM   128 C  CG1 . ILE A 1 16  ? 6.654   11.529  5.728   1.00 18.10 ? 16  ILE A CG1 1 
ATOM   129 C  CG2 . ILE A 1 16  ? 7.345   11.003  3.336   1.00 19.09 ? 16  ILE A CG2 1 
ATOM   130 C  CD1 . ILE A 1 16  ? 5.585   11.260  6.842   1.00 18.10 ? 16  ILE A CD1 1 
ATOM   131 N  N   . ASP A 1 17  ? 5.604   14.034  3.696   1.00 23.96 ? 17  ASP A N   1 
ATOM   132 C  CA  . ASP A 1 17  ? 6.015   15.272  3.010   1.00 26.09 ? 17  ASP A CA  1 
ATOM   133 C  C   . ASP A 1 17  ? 7.412   15.049  2.414   1.00 27.06 ? 17  ASP A C   1 
ATOM   134 O  O   . ASP A 1 17  ? 8.351   14.636  3.116   1.00 27.69 ? 17  ASP A O   1 
ATOM   135 C  CB  . ASP A 1 17  ? 6.080   16.425  4.011   1.00 29.83 ? 17  ASP A CB  1 
ATOM   136 C  CG  . ASP A 1 17  ? 7.246   16.279  4.985   1.00 34.01 ? 17  ASP A CG  1 
ATOM   137 O  OD1 . ASP A 1 17  ? 7.273   15.271  5.742   1.00 37.46 ? 17  ASP A OD1 1 
ATOM   138 O  OD2 . ASP A 1 17  ? 8.136   17.167  4.975   1.00 37.77 ? 17  ASP A OD2 1 
ATOM   139 N  N   . PRO A 1 18  ? 7.576   15.334  1.113   1.00 26.93 ? 18  PRO A N   1 
ATOM   140 C  CA  . PRO A 1 18  ? 8.835   15.166  0.372   1.00 29.44 ? 18  PRO A CA  1 
ATOM   141 C  C   . PRO A 1 18  ? 10.051  15.818  1.010   1.00 30.66 ? 18  PRO A C   1 
ATOM   142 O  O   . PRO A 1 18  ? 11.154  15.242  1.045   1.00 30.79 ? 18  PRO A O   1 
ATOM   143 C  CB  . PRO A 1 18  ? 8.553   15.829  -0.989  1.00 29.91 ? 18  PRO A CB  1 
ATOM   144 C  CG  . PRO A 1 18  ? 7.098   15.884  -1.125  1.00 30.77 ? 18  PRO A CG  1 
ATOM   145 C  CD  . PRO A 1 18  ? 6.541   15.984  0.283   1.00 27.54 ? 18  PRO A CD  1 
ATOM   146 N  N   . ASN A 1 19  ? 9.826   17.024  1.497   1.00 31.65 ? 19  ASN A N   1 
ATOM   147 C  CA  . ASN A 1 19  ? 10.865  17.834  2.091   1.00 35.23 ? 19  ASN A CA  1 
ATOM   148 C  C   . ASN A 1 19  ? 11.585  17.331  3.328   1.00 36.08 ? 19  ASN A C   1 
ATOM   149 O  O   . ASN A 1 19  ? 12.808  17.336  3.340   1.00 38.89 ? 19  ASN A O   1 
ATOM   150 C  CB  . ASN A 1 19  ? 10.335  19.229  2.373   1.00 36.63 ? 19  ASN A CB  1 
ATOM   151 C  CG  . ASN A 1 19  ? 11.369  20.102  3.072   1.00 40.50 ? 19  ASN A CG  1 
ATOM   152 O  OD1 . ASN A 1 19  ? 12.523  20.188  2.644   1.00 41.31 ? 19  ASN A OD1 1 
ATOM   153 N  ND2 . ASN A 1 19  ? 10.961  20.749  4.152   1.00 42.22 ? 19  ASN A ND2 1 
ATOM   154 N  N   . THR A 1 20  ? 10.867  16.919  4.372   1.00 34.38 ? 20  THR A N   1 
ATOM   155 C  CA  . THR A 1 20  ? 11.558  16.452  5.570   1.00 32.07 ? 20  THR A CA  1 
ATOM   156 C  C   . THR A 1 20  ? 11.205  15.032  5.971   1.00 31.06 ? 20  THR A C   1 
ATOM   157 O  O   . THR A 1 20  ? 11.787  14.481  6.915   1.00 28.20 ? 20  THR A O   1 
ATOM   158 C  CB  . THR A 1 20  ? 11.278  17.372  6.755   1.00 33.77 ? 20  THR A CB  1 
ATOM   159 O  OG1 . THR A 1 20  ? 9.883   17.312  7.094   1.00 34.75 ? 20  THR A OG1 1 
ATOM   160 C  CG2 . THR A 1 20  ? 11.671  18.810  6.388   1.00 32.69 ? 20  THR A CG2 1 
ATOM   161 N  N   . LYS A 1 21  ? 10.250  14.452  5.244   1.00 27.25 ? 21  LYS A N   1 
ATOM   162 C  CA  . LYS A 1 21  ? 9.820   13.087  5.502   1.00 27.08 ? 21  LYS A CA  1 
ATOM   163 C  C   . LYS A 1 21  ? 9.333   12.894  6.934   1.00 25.74 ? 21  LYS A C   1 
ATOM   164 O  O   . LYS A 1 21  ? 9.592   11.870  7.536   1.00 26.16 ? 21  LYS A O   1 
ATOM   165 C  CB  . LYS A 1 21  ? 10.952  12.096  5.209   1.00 29.23 ? 21  LYS A CB  1 
ATOM   166 C  CG  . LYS A 1 21  ? 11.512  12.192  3.782   1.00 33.32 ? 21  LYS A CG  1 
ATOM   167 C  CD  . LYS A 1 21  ? 12.611  11.157  3.534   1.00 35.00 ? 21  LYS A CD  1 
ATOM   168 C  CE  . LYS A 1 21  ? 13.163  11.286  2.129   1.00 37.48 ? 21  LYS A CE  1 
ATOM   169 N  NZ  . LYS A 1 21  ? 14.391  10.445  1.911   1.00 38.74 ? 21  LYS A NZ  1 
ATOM   170 N  N   . LYS A 1 22  ? 8.632   13.885  7.473   1.00 24.04 ? 22  LYS A N   1 
ATOM   171 C  CA  . LYS A 1 22  ? 8.104   13.752  8.830   1.00 23.16 ? 22  LYS A CA  1 
ATOM   172 C  C   . LYS A 1 22  ? 6.618   14.069  8.961   1.00 22.80 ? 22  LYS A C   1 
ATOM   173 O  O   . LYS A 1 22  ? 5.946   13.471  9.798   1.00 21.68 ? 22  LYS A O   1 
ATOM   174 C  CB  . LYS A 1 22  ? 8.906   14.622  9.794   1.00 23.92 ? 22  LYS A CB  1 
ATOM   175 C  CG  . LYS A 1 22  ? 10.310  14.062  10.011  1.00 27.76 ? 22  LYS A CG  1 
ATOM   176 C  CD  . LYS A 1 22  ? 11.171  14.924  10.852  1.00 31.24 ? 22  LYS A CD  1 
ATOM   177 C  CE  . LYS A 1 22  ? 12.500  14.203  11.100  1.00 35.44 ? 22  LYS A CE  1 
ATOM   178 N  NZ  . LYS A 1 22  ? 13.163  13.698  9.853   1.00 39.44 ? 22  LYS A NZ  1 
ATOM   179 N  N   . ASN A 1 23  ? 6.113   14.992  8.142   1.00 22.13 ? 23  ASN A N   1 
ATOM   180 C  CA  . ASN A 1 23  ? 4.696   15.387  8.168   1.00 22.57 ? 23  ASN A CA  1 
ATOM   181 C  C   . ASN A 1 23  ? 3.836   14.543  7.233   1.00 22.59 ? 23  ASN A C   1 
ATOM   182 O  O   . ASN A 1 23  ? 4.212   14.338  6.075   1.00 21.86 ? 23  ASN A O   1 
ATOM   183 C  CB  . ASN A 1 23  ? 4.556   16.834  7.735   1.00 26.50 ? 23  ASN A CB  1 
ATOM   184 C  CG  . ASN A 1 23  ? 5.349   17.780  8.609   1.00 29.53 ? 23  ASN A CG  1 
ATOM   185 O  OD1 . ASN A 1 23  ? 5.240   17.723  9.816   1.00 31.18 ? 23  ASN A OD1 1 
ATOM   186 N  ND2 . ASN A 1 23  ? 6.128   18.664  7.996   1.00 32.49 ? 23  ASN A ND2 1 
ATOM   187 N  N   . TRP A 1 24  ? 2.690   14.062  7.709   1.00 19.52 ? 24  TRP A N   1 
ATOM   188 C  CA  . TRP A 1 24  ? 1.827   13.246  6.851   1.00 20.38 ? 24  TRP A CA  1 
ATOM   189 C  C   . TRP A 1 24  ? 0.899   14.101  6.022   1.00 19.96 ? 24  TRP A C   1 
ATOM   190 O  O   . TRP A 1 24  ? 0.289   15.043  6.524   1.00 20.59 ? 24  TRP A O   1 
ATOM   191 C  CB  . TRP A 1 24  ? 1.015   12.257  7.687   1.00 19.16 ? 24  TRP A CB  1 
ATOM   192 C  CG  . TRP A 1 24  ? 1.862   11.175  8.204   1.00 17.06 ? 24  TRP A CG  1 
ATOM   193 C  CD1 . TRP A 1 24  ? 2.360   11.041  9.473   1.00 16.59 ? 24  TRP A CD1 1 
ATOM   194 C  CD2 . TRP A 1 24  ? 2.405   10.094  7.438   1.00 15.95 ? 24  TRP A CD2 1 
ATOM   195 N  NE1 . TRP A 1 24  ? 3.181   9.949   9.538   1.00 18.75 ? 24  TRP A NE1 1 
ATOM   196 C  CE2 . TRP A 1 24  ? 3.229   9.343   8.304   1.00 17.96 ? 24  TRP A CE2 1 
ATOM   197 C  CE3 . TRP A 1 24  ? 2.277   9.676   6.103   1.00 16.92 ? 24  TRP A CE3 1 
ATOM   198 C  CZ2 . TRP A 1 24  ? 3.933   8.203   7.880   1.00 17.00 ? 24  TRP A CZ2 1 
ATOM   199 C  CZ3 . TRP A 1 24  ? 2.987   8.537   5.681   1.00 13.27 ? 24  TRP A CZ3 1 
ATOM   200 C  CH2 . TRP A 1 24  ? 3.798   7.816   6.576   1.00 11.05 ? 24  TRP A CH2 1 
ATOM   201 N  N   . VAL A 1 25  ? 0.803   13.790  4.736   1.00 19.09 ? 25  VAL A N   1 
ATOM   202 C  CA  . VAL A 1 25  ? -0.073  14.547  3.845   1.00 18.57 ? 25  VAL A CA  1 
ATOM   203 C  C   . VAL A 1 25  ? -1.183  13.617  3.317   1.00 17.51 ? 25  VAL A C   1 
ATOM   204 O  O   . VAL A 1 25  ? -0.896  12.579  2.732   1.00 16.92 ? 25  VAL A O   1 
ATOM   205 C  CB  . VAL A 1 25  ? 0.748   15.113  2.643   1.00 18.69 ? 25  VAL A CB  1 
ATOM   206 C  CG1 . VAL A 1 25  ? -0.165  15.874  1.721   1.00 22.53 ? 25  VAL A CG1 1 
ATOM   207 C  CG2 . VAL A 1 25  ? 1.917   16.007  3.161   1.00 22.64 ? 25  VAL A CG2 1 
ATOM   208 N  N   . PRO A 1 26  ? -2.467  13.975  3.511   1.00 17.97 ? 26  PRO A N   1 
ATOM   209 C  CA  . PRO A 1 26  ? -3.527  13.090  3.014   1.00 18.68 ? 26  PRO A CA  1 
ATOM   210 C  C   . PRO A 1 26  ? -3.516  13.074  1.501   1.00 20.72 ? 26  PRO A C   1 
ATOM   211 O  O   . PRO A 1 26  ? -3.345  14.139  0.905   1.00 18.01 ? 26  PRO A O   1 
ATOM   212 C  CB  . PRO A 1 26  ? -4.812  13.747  3.499   1.00 21.13 ? 26  PRO A CB  1 
ATOM   213 C  CG  . PRO A 1 26  ? -4.375  14.720  4.538   1.00 18.61 ? 26  PRO A CG  1 
ATOM   214 C  CD  . PRO A 1 26  ? -3.048  15.212  4.047   1.00 20.30 ? 26  PRO A CD  1 
ATOM   215 N  N   . THR A 1 27  ? -3.744  11.889  0.921   1.00 20.19 ? 27  THR A N   1 
ATOM   216 C  CA  . THR A 1 27  ? -3.781  11.690  -0.520  1.00 22.91 ? 27  THR A CA  1 
ATOM   217 C  C   . THR A 1 27  ? -5.183  11.417  -1.019  1.00 23.06 ? 27  THR A C   1 
ATOM   218 O  O   . THR A 1 27  ? -5.482  11.632  -2.188  1.00 22.53 ? 27  THR A O   1 
ATOM   219 C  CB  . THR A 1 27  ? -2.939  10.497  -0.991  1.00 22.96 ? 27  THR A CB  1 
ATOM   220 O  OG1 . THR A 1 27  ? -1.654  10.552  -0.396  1.00 27.37 ? 27  THR A OG1 1 
ATOM   221 C  CG2 . THR A 1 27  ? -2.755  10.593  -2.506  1.00 26.84 ? 27  THR A CG2 1 
ATOM   222 N  N   . SER A 1 28  ? -6.028  10.913  -0.134  1.00 23.54 ? 28  SER A N   1 
ATOM   223 C  CA  . SER A 1 28  ? -7.409  10.636  -0.483  1.00 24.86 ? 28  SER A CA  1 
ATOM   224 C  C   . SER A 1 28  ? -8.249  11.420  0.520   1.00 28.16 ? 28  SER A C   1 
ATOM   225 O  O   . SER A 1 28  ? -7.818  11.624  1.660   1.00 28.34 ? 28  SER A O   1 
ATOM   226 C  CB  . SER A 1 28  ? -7.706  9.126   -0.348  1.00 24.91 ? 28  SER A CB  1 
ATOM   227 O  OG  . SER A 1 28  ? -7.590  8.697   1.003   1.00 22.47 ? 28  SER A OG  1 
ATOM   228 N  N   . LYS A 1 29  ? -9.431  11.889  0.127   1.00 30.73 ? 29  LYS A N   1 
ATOM   229 C  CA  . LYS A 1 29  ? -10.259 12.608  1.101   1.00 31.18 ? 29  LYS A CA  1 
ATOM   230 C  C   . LYS A 1 29  ? -11.123 11.574  1.832   1.00 28.55 ? 29  LYS A C   1 
ATOM   231 O  O   . LYS A 1 29  ? -11.524 11.713  3.002   1.00 29.51 ? 29  LYS A O   1 
ATOM   232 C  CB  . LYS A 1 29  ? -11.138 13.638  0.383   1.00 34.86 ? 29  LYS A CB  1 
ATOM   233 C  CG  . LYS A 1 29  ? -11.887 14.557  1.341   1.00 40.63 ? 29  LYS A CG  1 
ATOM   234 C  CD  . LYS A 1 29  ? -12.556 15.753  0.653   1.00 42.55 ? 29  LYS A CD  1 
ATOM   235 C  CE  . LYS A 1 29  ? -11.546 16.676  -0.068  1.00 44.77 ? 29  LYS A CE  1 
ATOM   236 N  NZ  . LYS A 1 29  ? -10.519 17.329  0.812   1.00 46.08 ? 29  LYS A NZ  1 
ATOM   237 N  N   . HIS A 1 30  ? -11.423 10.512  1.120   1.00 27.52 ? 30  HIS A N   1 
ATOM   238 C  CA  . HIS A 1 30  ? -12.235 9.463   1.677   1.00 27.48 ? 30  HIS A CA  1 
ATOM   239 C  C   . HIS A 1 30  ? -11.363 8.230   1.861   1.00 26.38 ? 30  HIS A C   1 
ATOM   240 O  O   . HIS A 1 30  ? -10.210 8.160   1.392   1.00 22.26 ? 30  HIS A O   1 
ATOM   241 C  CB  . HIS A 1 30  ? -13.372 9.075   0.707   1.00 30.81 ? 30  HIS A CB  1 
ATOM   242 C  CG  . HIS A 1 30  ? -14.455 10.107  0.536   1.00 35.02 ? 30  HIS A CG  1 
ATOM   243 N  ND1 . HIS A 1 30  ? -15.443 10.325  1.478   1.00 37.62 ? 30  HIS A ND1 1 
ATOM   244 C  CD2 . HIS A 1 30  ? -14.773 10.897  -0.524  1.00 36.14 ? 30  HIS A CD2 1 
ATOM   245 C  CE1 . HIS A 1 30  ? -16.320 11.197  1.006   1.00 37.85 ? 30  HIS A CE1 1 
ATOM   246 N  NE2 . HIS A 1 30  ? -15.940 11.559  -0.206  1.00 35.37 ? 30  HIS A NE2 1 
ATOM   247 N  N   . ALA A 1 31  ? -11.916 7.255   2.555   1.00 22.12 ? 31  ALA A N   1 
ATOM   248 C  CA  . ALA A 1 31  ? -11.249 5.996   2.676   1.00 25.23 ? 31  ALA A CA  1 
ATOM   249 C  C   . ALA A 1 31  ? -11.513 5.462   1.269   1.00 24.33 ? 31  ALA A C   1 
ATOM   250 O  O   . ALA A 1 31  ? -12.570 5.743   0.672   1.00 27.81 ? 31  ALA A O   1 
ATOM   251 C  CB  . ALA A 1 31  ? -11.952 5.108   3.731   1.00 23.97 ? 31  ALA A CB  1 
ATOM   252 N  N   . VAL A 1 32  ? -10.556 4.744   0.705   1.00 20.87 ? 32  VAL A N   1 
ATOM   253 C  CA  . VAL A 1 32  ? -10.723 4.177   -0.609  1.00 18.62 ? 32  VAL A CA  1 
ATOM   254 C  C   . VAL A 1 32  ? -10.330 2.729   -0.520  1.00 19.85 ? 32  VAL A C   1 
ATOM   255 O  O   . VAL A 1 32  ? -9.779  2.272   0.489   1.00 18.78 ? 32  VAL A O   1 
ATOM   256 C  CB  . VAL A 1 32  ? -9.837  4.881   -1.656  1.00 21.50 ? 32  VAL A CB  1 
ATOM   257 C  CG1 . VAL A 1 32  ? -10.373 6.314   -1.883  1.00 20.14 ? 32  VAL A CG1 1 
ATOM   258 C  CG2 . VAL A 1 32  ? -8.392  4.926   -1.178  1.00 19.65 ? 32  VAL A CG2 1 
ATOM   259 N  N   . THR A 1 33  ? -10.614 2.010   -1.589  1.00 18.16 ? 33  THR A N   1 
ATOM   260 C  CA  . THR A 1 33  ? -10.272 0.618   -1.676  1.00 19.02 ? 33  THR A CA  1 
ATOM   261 C  C   . THR A 1 33  ? -8.763  0.531   -1.980  1.00 19.05 ? 33  THR A C   1 
ATOM   262 O  O   . THR A 1 33  ? -8.250  1.267   -2.830  1.00 18.10 ? 33  THR A O   1 
ATOM   263 C  CB  . THR A 1 33  ? -11.077 -0.019  -2.822  1.00 19.03 ? 33  THR A CB  1 
ATOM   264 O  OG1 . THR A 1 33  ? -12.465 -0.033  -2.455  1.00 20.36 ? 33  THR A OG1 1 
ATOM   265 C  CG2 . THR A 1 33  ? -10.609 -1.395  -3.125  1.00 18.81 ? 33  THR A CG2 1 
ATOM   266 N  N   . VAL A 1 34  ? -8.060  -0.310  -1.220  1.00 16.61 ? 34  VAL A N   1 
ATOM   267 C  CA  . VAL A 1 34  ? -6.640  -0.549  -1.437  1.00 15.98 ? 34  VAL A CA  1 
ATOM   268 C  C   . VAL A 1 34  ? -6.570  -2.035  -1.662  1.00 15.68 ? 34  VAL A C   1 
ATOM   269 O  O   . VAL A 1 34  ? -7.111  -2.806  -0.853  1.00 17.94 ? 34  VAL A O   1 
ATOM   270 C  CB  . VAL A 1 34  ? -5.807  -0.130  -0.201  1.00 16.37 ? 34  VAL A CB  1 
ATOM   271 C  CG1 . VAL A 1 34  ? -4.334  -0.402  -0.463  1.00 16.51 ? 34  VAL A CG1 1 
ATOM   272 C  CG2 . VAL A 1 34  ? -6.032  1.370   0.085   1.00 15.13 ? 34  VAL A CG2 1 
ATOM   273 N  N   . SER A 1 35  ? -5.893  -2.461  -2.731  1.00 13.55 ? 35  SER A N   1 
ATOM   274 C  CA  . SER A 1 35  ? -5.850  -3.876  -3.051  1.00 14.88 ? 35  SER A CA  1 
ATOM   275 C  C   . SER A 1 35  ? -4.528  -4.445  -3.461  1.00 16.78 ? 35  SER A C   1 
ATOM   276 O  O   . SER A 1 35  ? -3.622  -3.729  -3.873  1.00 16.86 ? 35  SER A O   1 
ATOM   277 C  CB  . SER A 1 35  ? -6.831  -4.196  -4.198  1.00 14.69 ? 35  SER A CB  1 
ATOM   278 O  OG  . SER A 1 35  ? -8.090  -3.563  -4.001  1.00 16.43 ? 35  SER A OG  1 
ATOM   279 N  N   . TYR A 1 36  ? -4.440  -5.769  -3.374  1.00 17.02 ? 36  TYR A N   1 
ATOM   280 C  CA  . TYR A 1 36  ? -3.242  -6.460  -3.833  1.00 17.43 ? 36  TYR A CA  1 
ATOM   281 C  C   . TYR A 1 36  ? -3.645  -7.179  -5.131  1.00 18.31 ? 36  TYR A C   1 
ATOM   282 O  O   . TYR A 1 36  ? -4.665  -7.874  -5.164  1.00 18.79 ? 36  TYR A O   1 
ATOM   283 C  CB  . TYR A 1 36  ? -2.767  -7.504  -2.828  1.00 16.51 ? 36  TYR A CB  1 
ATOM   284 C  CG  . TYR A 1 36  ? -2.147  -6.957  -1.567  1.00 17.22 ? 36  TYR A CG  1 
ATOM   285 C  CD1 . TYR A 1 36  ? -2.869  -6.890  -0.397  1.00 14.59 ? 36  TYR A CD1 1 
ATOM   286 C  CD2 . TYR A 1 36  ? -0.802  -6.553  -1.551  1.00 18.04 ? 36  TYR A CD2 1 
ATOM   287 C  CE1 . TYR A 1 36  ? -2.295  -6.447  0.791   1.00 18.87 ? 36  TYR A CE1 1 
ATOM   288 C  CE2 . TYR A 1 36  ? -0.205  -6.111  -0.372  1.00 18.09 ? 36  TYR A CE2 1 
ATOM   289 C  CZ  . TYR A 1 36  ? -0.957  -6.057  0.789   1.00 18.93 ? 36  TYR A CZ  1 
ATOM   290 O  OH  . TYR A 1 36  ? -0.397  -5.645  1.953   1.00 19.67 ? 36  TYR A OH  1 
ATOM   291 N  N   . PHE A 1 37  ? -2.866  -6.974  -6.181  1.00 16.85 ? 37  PHE A N   1 
ATOM   292 C  CA  . PHE A 1 37  ? -3.063  -7.611  -7.482  1.00 18.51 ? 37  PHE A CA  1 
ATOM   293 C  C   . PHE A 1 37  ? -1.792  -8.335  -7.884  1.00 20.91 ? 37  PHE A C   1 
ATOM   294 O  O   . PHE A 1 37  ? -0.693  -7.886  -7.561  1.00 21.32 ? 37  PHE A O   1 
ATOM   295 C  CB  . PHE A 1 37  ? -3.331  -6.593  -8.604  1.00 16.85 ? 37  PHE A CB  1 
ATOM   296 C  CG  . PHE A 1 37  ? -4.693  -5.990  -8.567  1.00 17.44 ? 37  PHE A CG  1 
ATOM   297 C  CD1 . PHE A 1 37  ? -4.922  -4.790  -7.891  1.00 19.37 ? 37  PHE A CD1 1 
ATOM   298 C  CD2 . PHE A 1 37  ? -5.763  -6.611  -9.216  1.00 19.02 ? 37  PHE A CD2 1 
ATOM   299 C  CE1 . PHE A 1 37  ? -6.192  -4.221  -7.860  1.00 22.33 ? 37  PHE A CE1 1 
ATOM   300 C  CE2 . PHE A 1 37  ? -7.034  -6.041  -9.186  1.00 21.98 ? 37  PHE A CE2 1 
ATOM   301 C  CZ  . PHE A 1 37  ? -7.248  -4.840  -8.504  1.00 18.90 ? 37  PHE A CZ  1 
ATOM   302 N  N   . TYR A 1 38  ? -1.942  -9.440  -8.607  1.00 21.03 ? 38  TYR A N   1 
ATOM   303 C  CA  . TYR A 1 38  ? -0.774  -10.167 -9.098  1.00 24.15 ? 38  TYR A CA  1 
ATOM   304 C  C   . TYR A 1 38  ? -0.703  -9.915  -10.595 1.00 22.96 ? 38  TYR A C   1 
ATOM   305 O  O   . TYR A 1 38  ? -1.630  -10.231 -11.327 1.00 25.30 ? 38  TYR A O   1 
ATOM   306 C  CB  . TYR A 1 38  ? -0.886  -11.671 -8.817  1.00 27.33 ? 38  TYR A CB  1 
ATOM   307 C  CG  . TYR A 1 38  ? 0.289   -12.447 -9.353  1.00 31.72 ? 38  TYR A CG  1 
ATOM   308 C  CD1 . TYR A 1 38  ? 1.557   -12.309 -8.788  1.00 33.74 ? 38  TYR A CD1 1 
ATOM   309 C  CD2 . TYR A 1 38  ? 0.151   -13.275 -10.468 1.00 34.86 ? 38  TYR A CD2 1 
ATOM   310 C  CE1 . TYR A 1 38  ? 2.667   -12.971 -9.327  1.00 35.95 ? 38  TYR A CE1 1 
ATOM   311 C  CE2 . TYR A 1 38  ? 1.258   -13.945 -11.020 1.00 36.13 ? 38  TYR A CE2 1 
ATOM   312 C  CZ  . TYR A 1 38  ? 2.508   -13.791 -10.443 1.00 37.43 ? 38  TYR A CZ  1 
ATOM   313 O  OH  . TYR A 1 38  ? 3.600   -14.457 -10.984 1.00 39.91 ? 38  TYR A OH  1 
ATOM   314 N  N   . ASP A 1 39  ? 0.389   -9.294  -11.029 1.00 25.56 ? 39  ASP A N   1 
ATOM   315 C  CA  . ASP A 1 39  ? 0.639   -8.956  -12.428 1.00 27.86 ? 39  ASP A CA  1 
ATOM   316 C  C   . ASP A 1 39  ? 1.519   -10.088 -12.961 1.00 29.19 ? 39  ASP A C   1 
ATOM   317 O  O   . ASP A 1 39  ? 2.695   -10.194 -12.606 1.00 30.33 ? 39  ASP A O   1 
ATOM   318 C  CB  . ASP A 1 39  ? 1.375   -7.602  -12.496 1.00 28.50 ? 39  ASP A CB  1 
ATOM   319 C  CG  . ASP A 1 39  ? 1.766   -7.193  -13.913 1.00 31.81 ? 39  ASP A CG  1 
ATOM   320 O  OD1 . ASP A 1 39  ? 1.917   -8.079  -14.785 1.00 30.65 ? 39  ASP A OD1 1 
ATOM   321 O  OD2 . ASP A 1 39  ? 1.948   -5.972  -14.149 1.00 30.17 ? 39  ASP A OD2 1 
ATOM   322 N  N   . SER A 1 40  ? 0.945   -10.954 -13.789 1.00 30.07 ? 40  SER A N   1 
ATOM   323 C  CA  . SER A 1 40  ? 1.708   -12.076 -14.329 1.00 34.05 ? 40  SER A CA  1 
ATOM   324 C  C   . SER A 1 40  ? 2.490   -11.686 -15.576 1.00 35.80 ? 40  SER A C   1 
ATOM   325 O  O   . SER A 1 40  ? 3.350   -12.441 -16.032 1.00 37.24 ? 40  SER A O   1 
ATOM   326 C  CB  . SER A 1 40  ? 0.783   -13.250 -14.652 1.00 33.66 ? 40  SER A CB  1 
ATOM   327 O  OG  . SER A 1 40  ? -0.090  -12.935 -15.720 1.00 34.05 ? 40  SER A OG  1 
ATOM   328 N  N   . THR A 1 41  ? 2.187   -10.516 -16.126 1.00 36.64 ? 41  THR A N   1 
ATOM   329 C  CA  . THR A 1 41  ? 2.877   -10.041 -17.310 1.00 39.25 ? 41  THR A CA  1 
ATOM   330 C  C   . THR A 1 41  ? 4.281   -9.602  -16.875 1.00 38.88 ? 41  THR A C   1 
ATOM   331 O  O   . THR A 1 41  ? 5.239   -9.679  -17.657 1.00 40.77 ? 41  THR A O   1 
ATOM   332 C  CB  . THR A 1 41  ? 2.084   -8.875  -17.966 1.00 40.31 ? 41  THR A CB  1 
ATOM   333 O  OG1 . THR A 1 41  ? 0.716   -9.275  -18.148 1.00 43.07 ? 41  THR A OG1 1 
ATOM   334 C  CG2 . THR A 1 41  ? 2.660   -8.518  -19.313 1.00 40.62 ? 41  THR A CG2 1 
ATOM   335 N  N   . ARG A 1 42  ? 4.407   -9.189  -15.609 1.00 38.87 ? 42  ARG A N   1 
ATOM   336 C  CA  . ARG A 1 42  ? 5.683   -8.746  -15.027 1.00 38.03 ? 42  ARG A CA  1 
ATOM   337 C  C   . ARG A 1 42  ? 6.117   -9.612  -13.851 1.00 37.95 ? 42  ARG A C   1 
ATOM   338 O  O   . ARG A 1 42  ? 7.199   -9.427  -13.280 1.00 35.28 ? 42  ARG A O   1 
ATOM   339 C  CB  . ARG A 1 42  ? 5.573   -7.304  -14.551 1.00 38.97 ? 42  ARG A CB  1 
ATOM   340 C  CG  . ARG A 1 42  ? 5.188   -6.336  -15.640 1.00 42.08 ? 42  ARG A CG  1 
ATOM   341 C  CD  . ARG A 1 42  ? 4.959   -4.953  -15.068 1.00 43.70 ? 42  ARG A CD  1 
ATOM   342 N  NE  . ARG A 1 42  ? 4.606   -3.993  -16.110 1.00 46.47 ? 42  ARG A NE  1 
ATOM   343 C  CZ  . ARG A 1 42  ? 3.481   -4.030  -16.824 1.00 47.75 ? 42  ARG A CZ  1 
ATOM   344 N  NH1 . ARG A 1 42  ? 2.576   -4.986  -16.615 1.00 47.67 ? 42  ARG A NH1 1 
ATOM   345 N  NH2 . ARG A 1 42  ? 3.261   -3.101  -17.751 1.00 47.45 ? 42  ARG A NH2 1 
ATOM   346 N  N   . ASN A 1 43  ? 5.245   -10.533 -13.457 1.00 37.05 ? 43  ASN A N   1 
ATOM   347 C  CA  . ASN A 1 43  ? 5.565   -11.434 -12.373 1.00 36.72 ? 43  ASN A CA  1 
ATOM   348 C  C   . ASN A 1 43  ? 5.877   -10.726 -11.043 1.00 35.80 ? 43  ASN A C   1 
ATOM   349 O  O   . ASN A 1 43  ? 6.947   -10.919 -10.463 1.00 35.41 ? 43  ASN A O   1 
ATOM   350 C  CB  . ASN A 1 43  ? 6.755   -12.284 -12.814 1.00 39.41 ? 43  ASN A CB  1 
ATOM   351 C  CG  . ASN A 1 43  ? 7.030   -13.399 -11.884 1.00 39.94 ? 43  ASN A CG  1 
ATOM   352 O  OD1 . ASN A 1 43  ? 8.110   -13.987 -11.914 1.00 43.43 ? 43  ASN A OD1 1 
ATOM   353 N  ND2 . ASN A 1 43  ? 6.049   -13.726 -11.049 1.00 42.97 ? 43  ASN A ND2 1 
ATOM   354 N  N   . VAL A 1 44  ? 4.942   -9.897  -10.577 1.00 32.10 ? 44  VAL A N   1 
ATOM   355 C  CA  . VAL A 1 44  ? 5.071   -9.162  -9.321  1.00 28.76 ? 44  VAL A CA  1 
ATOM   356 C  C   . VAL A 1 44  ? 3.694   -8.853  -8.736  1.00 25.68 ? 44  VAL A C   1 
ATOM   357 O  O   . VAL A 1 44  ? 2.712   -8.790  -9.466  1.00 25.79 ? 44  VAL A O   1 
ATOM   358 C  CB  . VAL A 1 44  ? 5.747   -7.778  -9.521  1.00 30.90 ? 44  VAL A CB  1 
ATOM   359 C  CG1 . VAL A 1 44  ? 7.237   -7.929  -9.820  1.00 32.41 ? 44  VAL A CG1 1 
ATOM   360 C  CG2 . VAL A 1 44  ? 5.053   -7.041  -10.635 1.00 28.82 ? 44  VAL A CG2 1 
ATOM   361 N  N   . TYR A 1 45  ? 3.636   -8.652  -7.423  1.00 25.23 ? 45  TYR A N   1 
ATOM   362 C  CA  . TYR A 1 45  ? 2.393   -8.236  -6.766  1.00 23.10 ? 45  TYR A CA  1 
ATOM   363 C  C   . TYR A 1 45  ? 2.444   -6.716  -6.743  1.00 24.08 ? 45  TYR A C   1 
ATOM   364 O  O   . TYR A 1 45  ? 3.526   -6.146  -6.651  1.00 23.68 ? 45  TYR A O   1 
ATOM   365 C  CB  . TYR A 1 45  ? 2.326   -8.760  -5.338  1.00 26.44 ? 45  TYR A CB  1 
ATOM   366 C  CG  . TYR A 1 45  ? 2.004   -10.223 -5.309  1.00 28.67 ? 45  TYR A CG  1 
ATOM   367 C  CD1 . TYR A 1 45  ? 3.005   -11.178 -5.428  1.00 30.00 ? 45  TYR A CD1 1 
ATOM   368 C  CD2 . TYR A 1 45  ? 0.680   -10.652 -5.267  1.00 31.24 ? 45  TYR A CD2 1 
ATOM   369 C  CE1 . TYR A 1 45  ? 2.700   -12.537 -5.517  1.00 32.94 ? 45  TYR A CE1 1 
ATOM   370 C  CE2 . TYR A 1 45  ? 0.359   -12.004 -5.354  1.00 32.97 ? 45  TYR A CE2 1 
ATOM   371 C  CZ  . TYR A 1 45  ? 1.371   -12.944 -5.483  1.00 34.83 ? 45  TYR A CZ  1 
ATOM   372 O  OH  . TYR A 1 45  ? 1.052   -14.293 -5.612  1.00 38.25 ? 45  TYR A OH  1 
ATOM   373 N  N   . ARG A 1 46  ? 1.287   -6.064  -6.855  1.00 19.83 ? 46  ARG A N   1 
ATOM   374 C  CA  . ARG A 1 46  ? 1.210   -4.600  -6.850  1.00 21.91 ? 46  ARG A CA  1 
ATOM   375 C  C   . ARG A 1 46  ? 0.145   -4.182  -5.872  1.00 20.15 ? 46  ARG A C   1 
ATOM   376 O  O   . ARG A 1 46  ? -0.859  -4.878  -5.704  1.00 19.72 ? 46  ARG A O   1 
ATOM   377 C  CB  . ARG A 1 46  ? 0.779   -4.046  -8.213  1.00 23.63 ? 46  ARG A CB  1 
ATOM   378 C  CG  . ARG A 1 46  ? 1.688   -4.363  -9.370  1.00 27.65 ? 46  ARG A CG  1 
ATOM   379 C  CD  . ARG A 1 46  ? 1.122   -3.792  -10.664 1.00 30.58 ? 46  ARG A CD  1 
ATOM   380 N  NE  . ARG A 1 46  ? 2.096   -3.927  -11.746 1.00 38.26 ? 46  ARG A NE  1 
ATOM   381 C  CZ  . ARG A 1 46  ? 3.165   -3.142  -11.896 1.00 40.22 ? 46  ARG A CZ  1 
ATOM   382 N  NH1 . ARG A 1 46  ? 3.377   -2.146  -11.045 1.00 42.85 ? 46  ARG A NH1 1 
ATOM   383 N  NH2 . ARG A 1 46  ? 4.045   -3.378  -12.867 1.00 39.93 ? 46  ARG A NH2 1 
ATOM   384 N  N   . ILE A 1 47  ? 0.389   -3.056  -5.218  1.00 18.78 ? 47  ILE A N   1 
ATOM   385 C  CA  . ILE A 1 47  ? -0.561  -2.490  -4.283  1.00 16.97 ? 47  ILE A CA  1 
ATOM   386 C  C   . ILE A 1 47  ? -1.167  -1.381  -5.107  1.00 16.29 ? 47  ILE A C   1 
ATOM   387 O  O   . ILE A 1 47  ? -0.486  -0.439  -5.505  1.00 15.46 ? 47  ILE A O   1 
ATOM   388 C  CB  . ILE A 1 47  ? 0.139   -1.927  -3.024  1.00 18.06 ? 47  ILE A CB  1 
ATOM   389 C  CG1 . ILE A 1 47  ? 0.753   -3.099  -2.236  1.00 18.41 ? 47  ILE A CG1 1 
ATOM   390 C  CG2 . ILE A 1 47  ? -0.858  -1.135  -2.192  1.00 14.78 ? 47  ILE A CG2 1 
ATOM   391 C  CD1 . ILE A 1 47  ? 1.586   -2.675  -1.058  1.00 19.24 ? 47  ILE A CD1 1 
ATOM   392 N  N   . ILE A 1 48  ? -2.472  -1.481  -5.328  1.00 16.24 ? 48  ILE A N   1 
ATOM   393 C  CA  . ILE A 1 48  ? -3.163  -0.534  -6.172  1.00 16.49 ? 48  ILE A CA  1 
ATOM   394 C  C   . ILE A 1 48  ? -4.352  0.125   -5.499  1.00 17.77 ? 48  ILE A C   1 
ATOM   395 O  O   . ILE A 1 48  ? -5.128  -0.558  -4.848  1.00 17.03 ? 48  ILE A O   1 
ATOM   396 C  CB  . ILE A 1 48  ? -3.648  -1.261  -7.428  1.00 17.31 ? 48  ILE A CB  1 
ATOM   397 C  CG1 . ILE A 1 48  ? -2.430  -1.734  -8.232  1.00 17.35 ? 48  ILE A CG1 1 
ATOM   398 C  CG2 . ILE A 1 48  ? -4.569  -0.392  -8.210  1.00 19.87 ? 48  ILE A CG2 1 
ATOM   399 C  CD1 . ILE A 1 48  ? -2.759  -2.620  -9.453  1.00 19.59 ? 48  ILE A CD1 1 
ATOM   400 N  N   . SER A 1 49  ? -4.469  1.447   -5.659  1.00 14.41 ? 49  SER A N   1 
ATOM   401 C  CA  . SER A 1 49  ? -5.582  2.193   -5.086  1.00 16.15 ? 49  SER A CA  1 
ATOM   402 C  C   . SER A 1 49  ? -5.929  3.382   -5.983  1.00 17.67 ? 49  SER A C   1 
ATOM   403 O  O   . SER A 1 49  ? -5.053  4.122   -6.426  1.00 17.60 ? 49  SER A O   1 
ATOM   404 C  CB  . SER A 1 49  ? -5.225  2.697   -3.688  1.00 15.38 ? 49  SER A CB  1 
ATOM   405 O  OG  . SER A 1 49  ? -6.306  3.405   -3.077  1.00 16.46 ? 49  SER A OG  1 
ATOM   406 N  N   . LEU A 1 50  ? -7.217  3.549   -6.248  1.00 18.79 ? 50  LEU A N   1 
ATOM   407 C  CA  . LEU A 1 50  ? -7.680  4.665   -7.062  1.00 20.58 ? 50  LEU A CA  1 
ATOM   408 C  C   . LEU A 1 50  ? -8.649  5.472   -6.214  1.00 21.60 ? 50  LEU A C   1 
ATOM   409 O  O   . LEU A 1 50  ? -9.373  4.921   -5.361  1.00 19.74 ? 50  LEU A O   1 
ATOM   410 C  CB  . LEU A 1 50  ? -8.439  4.212   -8.315  1.00 23.22 ? 50  LEU A CB  1 
ATOM   411 C  CG  . LEU A 1 50  ? -7.865  3.196   -9.320  1.00 25.32 ? 50  LEU A CG  1 
ATOM   412 C  CD1 . LEU A 1 50  ? -8.927  2.947   -10.432 1.00 23.27 ? 50  LEU A CD1 1 
ATOM   413 C  CD2 . LEU A 1 50  ? -6.578  3.702   -9.910  1.00 27.63 ? 50  LEU A CD2 1 
ATOM   414 N  N   . ASP A 1 51  ? -8.627  6.774   -6.418  1.00 23.15 ? 51  ASP A N   1 
ATOM   415 C  CA  . ASP A 1 51  ? -9.554  7.672   -5.748  1.00 25.28 ? 51  ASP A CA  1 
ATOM   416 C  C   . ASP A 1 51  ? -10.302 8.052   -7.006  1.00 28.18 ? 51  ASP A C   1 
ATOM   417 O  O   . ASP A 1 51  ? -9.769  8.791   -7.832  1.00 28.30 ? 51  ASP A O   1 
ATOM   418 C  CB  . ASP A 1 51  ? -8.830  8.891   -5.162  1.00 25.33 ? 51  ASP A CB  1 
ATOM   419 C  CG  . ASP A 1 51  ? -9.736  9.747   -4.270  1.00 27.95 ? 51  ASP A CG  1 
ATOM   420 O  OD1 . ASP A 1 51  ? -10.949 9.500   -4.253  1.00 26.90 ? 51  ASP A OD1 1 
ATOM   421 O  OD2 . ASP A 1 51  ? -9.244  10.667  -3.595  1.00 29.35 ? 51  ASP A OD2 1 
ATOM   422 N  N   . GLY A 1 52  ? -11.523 7.544   -7.171  1.00 31.03 ? 52  GLY A N   1 
ATOM   423 C  CA  . GLY A 1 52  ? -12.250 7.821   -8.391  1.00 32.97 ? 52  GLY A CA  1 
ATOM   424 C  C   . GLY A 1 52  ? -11.491 7.102   -9.504  1.00 34.55 ? 52  GLY A C   1 
ATOM   425 O  O   . GLY A 1 52  ? -11.233 5.893   -9.420  1.00 35.07 ? 52  GLY A O   1 
ATOM   426 N  N   . SER A 1 53  ? -11.131 7.835   -10.550 1.00 36.22 ? 53  SER A N   1 
ATOM   427 C  CA  . SER A 1 53  ? -10.371 7.269   -11.662 1.00 37.61 ? 53  SER A CA  1 
ATOM   428 C  C   . SER A 1 53  ? -8.905  7.698   -11.579 1.00 37.45 ? 53  SER A C   1 
ATOM   429 O  O   . SER A 1 53  ? -8.153  7.584   -12.554 1.00 38.94 ? 53  SER A O   1 
ATOM   430 C  CB  . SER A 1 53  ? -10.964 7.726   -13.012 1.00 39.26 ? 53  SER A CB  1 
ATOM   431 O  OG  . SER A 1 53  ? -10.920 9.138   -13.128 1.00 42.52 ? 53  SER A OG  1 
ATOM   432 N  N   . LYS A 1 54  ? -8.486  8.186   -10.420 1.00 36.81 ? 54  LYS A N   1 
ATOM   433 C  CA  . LYS A 1 54  ? -7.103  8.629   -10.249 1.00 35.76 ? 54  LYS A CA  1 
ATOM   434 C  C   . LYS A 1 54  ? -6.303  7.622   -9.403  1.00 34.12 ? 54  LYS A C   1 
ATOM   435 O  O   . LYS A 1 54  ? -6.598  7.423   -8.232  1.00 32.69 ? 54  LYS A O   1 
ATOM   436 C  CB  . LYS A 1 54  ? -7.108  10.004  -9.588  1.00 36.80 ? 54  LYS A CB  1 
ATOM   437 C  CG  . LYS A 1 54  ? -5.737  10.563  -9.193  1.00 39.31 ? 54  LYS A CG  1 
ATOM   438 C  CD  . LYS A 1 54  ? -5.938  11.673  -8.159  1.00 38.93 ? 54  LYS A CD  1 
ATOM   439 C  CE  . LYS A 1 54  ? -4.637  12.260  -7.651  1.00 39.65 ? 54  LYS A CE  1 
ATOM   440 N  NZ  . LYS A 1 54  ? -4.935  13.409  -6.740  1.00 39.90 ? 54  LYS A NZ  1 
ATOM   441 N  N   . ALA A 1 55  ? -5.305  6.976   -10.009 1.00 32.56 ? 55  ALA A N   1 
ATOM   442 C  CA  . ALA A 1 55  ? -4.492  6.021   -9.273  1.00 30.05 ? 55  ALA A CA  1 
ATOM   443 C  C   . ALA A 1 55  ? -3.677  6.819   -8.259  1.00 28.10 ? 55  ALA A C   1 
ATOM   444 O  O   . ALA A 1 55  ? -2.947  7.743   -8.621  1.00 29.67 ? 55  ALA A O   1 
ATOM   445 C  CB  . ALA A 1 55  ? -3.554  5.240   -10.207 1.00 31.51 ? 55  ALA A CB  1 
ATOM   446 N  N   . ILE A 1 56  ? -3.816  6.488   -6.991  1.00 23.29 ? 56  ILE A N   1 
ATOM   447 C  CA  . ILE A 1 56  ? -3.057  7.195   -5.979  1.00 19.85 ? 56  ILE A CA  1 
ATOM   448 C  C   . ILE A 1 56  ? -1.994  6.296   -5.375  1.00 18.73 ? 56  ILE A C   1 
ATOM   449 O  O   . ILE A 1 56  ? -1.111  6.741   -4.647  1.00 16.20 ? 56  ILE A O   1 
ATOM   450 C  CB  . ILE A 1 56  ? -3.992  7.800   -4.930  1.00 18.57 ? 56  ILE A CB  1 
ATOM   451 C  CG1 . ILE A 1 56  ? -4.825  6.728   -4.243  1.00 19.02 ? 56  ILE A CG1 1 
ATOM   452 C  CG2 . ILE A 1 56  ? -4.878  8.827   -5.608  1.00 19.51 ? 56  ILE A CG2 1 
ATOM   453 C  CD1 . ILE A 1 56  ? -5.573  7.263   -2.981  1.00 16.24 ? 56  ILE A CD1 1 
ATOM   454 N  N   . ILE A 1 57  ? -2.088  5.011   -5.694  1.00 17.21 ? 57  ILE A N   1 
ATOM   455 C  CA  . ILE A 1 57  ? -1.067  4.072   -5.272  1.00 18.31 ? 57  ILE A CA  1 
ATOM   456 C  C   . ILE A 1 57  ? -0.939  3.032   -6.368  1.00 19.93 ? 57  ILE A C   1 
ATOM   457 O  O   . ILE A 1 57  ? -1.939  2.522   -6.842  1.00 18.82 ? 57  ILE A O   1 
ATOM   458 C  CB  . ILE A 1 57  ? -1.418  3.241   -4.019  1.00 17.09 ? 57  ILE A CB  1 
ATOM   459 C  CG1 . ILE A 1 57  ? -1.922  4.109   -2.857  1.00 19.91 ? 57  ILE A CG1 1 
ATOM   460 C  CG2 . ILE A 1 57  ? -0.158  2.482   -3.587  1.00 16.08 ? 57  ILE A CG2 1 
ATOM   461 C  CD1 . ILE A 1 57  ? -1.959  3.349   -1.511  1.00 20.46 ? 57  ILE A CD1 1 
ATOM   462 N  N   . ASN A 1 58  ? 0.292   2.728   -6.786  1.00 20.22 ? 58  ASN A N   1 
ATOM   463 C  CA  . ASN A 1 58  ? 0.532   1.655   -7.743  1.00 23.05 ? 58  ASN A CA  1 
ATOM   464 C  C   . ASN A 1 58  ? 1.935   1.180   -7.387  1.00 23.91 ? 58  ASN A C   1 
ATOM   465 O  O   . ASN A 1 58  ? 2.868   1.312   -8.165  1.00 23.58 ? 58  ASN A O   1 
ATOM   466 C  CB  . ASN A 1 58  ? 0.467   2.180   -9.167  1.00 27.96 ? 58  ASN A CB  1 
ATOM   467 C  CG  . ASN A 1 58  ? 0.667   1.103   -10.197 1.00 31.99 ? 58  ASN A CG  1 
ATOM   468 O  OD1 . ASN A 1 58  ? 0.893   1.412   -11.374 1.00 36.21 ? 58  ASN A OD1 1 
ATOM   469 N  ND2 . ASN A 1 58  ? 0.582   -0.173  -9.782  1.00 29.26 ? 58  ASN A ND2 1 
ATOM   470 N  N   . SER A 1 59  ? 2.047   0.593   -6.205  1.00 20.00 ? 59  SER A N   1 
ATOM   471 C  CA  . SER A 1 59  ? 3.319   0.170   -5.680  1.00 21.46 ? 59  SER A CA  1 
ATOM   472 C  C   . SER A 1 59  ? 3.684   -1.298  -5.871  1.00 22.66 ? 59  SER A C   1 
ATOM   473 O  O   . SER A 1 59  ? 3.036   -2.190  -5.329  1.00 22.16 ? 59  SER A O   1 
ATOM   474 C  CB  . SER A 1 59  ? 3.359   0.565   -4.204  1.00 18.53 ? 59  SER A CB  1 
ATOM   475 O  OG  . SER A 1 59  ? 4.596   0.273   -3.609  1.00 20.85 ? 59  SER A OG  1 
ATOM   476 N  N   . THR A 1 60  ? 4.751   -1.537  -6.632  1.00 22.82 ? 60  THR A N   1 
ATOM   477 C  CA  . THR A 1 60  ? 5.227   -2.896  -6.885  1.00 23.56 ? 60  THR A CA  1 
ATOM   478 C  C   . THR A 1 60  ? 5.955   -3.398  -5.645  1.00 25.05 ? 60  THR A C   1 
ATOM   479 O  O   . THR A 1 60  ? 6.810   -2.709  -5.086  1.00 26.38 ? 60  THR A O   1 
ATOM   480 C  CB  . THR A 1 60  ? 6.161   -2.903  -8.117  1.00 25.17 ? 60  THR A CB  1 
ATOM   481 O  OG1 . THR A 1 60  ? 5.534   -2.184  -9.181  1.00 24.85 ? 60  THR A OG1 1 
ATOM   482 C  CG2 . THR A 1 60  ? 6.440   -4.306  -8.568  1.00 24.41 ? 60  THR A CG2 1 
ATOM   483 N  N   . ILE A 1 61  ? 5.635   -4.602  -5.192  1.00 23.27 ? 61  ILE A N   1 
ATOM   484 C  CA  . ILE A 1 61  ? 6.283   -5.106  -3.999  1.00 23.23 ? 61  ILE A CA  1 
ATOM   485 C  C   . ILE A 1 61  ? 7.608   -5.732  -4.363  1.00 24.39 ? 61  ILE A C   1 
ATOM   486 O  O   . ILE A 1 61  ? 7.683   -6.571  -5.268  1.00 23.63 ? 61  ILE A O   1 
ATOM   487 C  CB  . ILE A 1 61  ? 5.408   -6.136  -3.270  1.00 22.90 ? 61  ILE A CB  1 
ATOM   488 C  CG1 . ILE A 1 61  ? 4.150   -5.446  -2.729  1.00 21.74 ? 61  ILE A CG1 1 
ATOM   489 C  CG2 . ILE A 1 61  ? 6.175   -6.762  -2.122  1.00 22.52 ? 61  ILE A CG2 1 
ATOM   490 C  CD1 . ILE A 1 61  ? 3.209   -6.355  -1.924  1.00 22.61 ? 61  ILE A CD1 1 
ATOM   491 N  N   . THR A 1 62  ? 8.655   -5.281  -3.677  1.00 21.76 ? 62  THR A N   1 
ATOM   492 C  CA  . THR A 1 62  ? 9.983   -5.799  -3.927  1.00 23.54 ? 62  THR A CA  1 
ATOM   493 C  C   . THR A 1 62  ? 10.474  -6.542  -2.694  1.00 23.35 ? 62  THR A C   1 
ATOM   494 O  O   . THR A 1 62  ? 10.051  -6.280  -1.560  1.00 22.90 ? 62  THR A O   1 
ATOM   495 C  CB  . THR A 1 62  ? 10.947  -4.673  -4.301  1.00 24.29 ? 62  THR A CB  1 
ATOM   496 O  OG1 . THR A 1 62  ? 10.926  -3.698  -3.260  1.00 23.35 ? 62  THR A OG1 1 
ATOM   497 C  CG2 . THR A 1 62  ? 10.536  -4.020  -5.617  1.00 24.87 ? 62  THR A CG2 1 
ATOM   498 N  N   . PRO A 1 63  ? 11.442  -7.441  -2.895  1.00 22.71 ? 63  PRO A N   1 
ATOM   499 C  CA  . PRO A 1 63  ? 11.976  -8.244  -1.798  1.00 22.66 ? 63  PRO A CA  1 
ATOM   500 C  C   . PRO A 1 63  ? 12.397  -7.582  -0.497  1.00 21.40 ? 63  PRO A C   1 
ATOM   501 O  O   . PRO A 1 63  ? 12.320  -8.213  0.536   1.00 21.69 ? 63  PRO A O   1 
ATOM   502 C  CB  . PRO A 1 63  ? 13.094  -9.072  -2.459  1.00 23.91 ? 63  PRO A CB  1 
ATOM   503 C  CG  . PRO A 1 63  ? 13.317  -8.442  -3.809  1.00 26.35 ? 63  PRO A CG  1 
ATOM   504 C  CD  . PRO A 1 63  ? 12.072  -7.747  -4.194  1.00 24.26 ? 63  PRO A CD  1 
ATOM   505 N  N   . ASN A 1 64  ? 12.814  -6.322  -0.510  1.00 21.35 ? 64  ASN A N   1 
ATOM   506 C  CA  . ASN A 1 64  ? 13.217  -5.700  0.753   1.00 23.30 ? 64  ASN A CA  1 
ATOM   507 C  C   . ASN A 1 64  ? 12.300  -4.573  1.202   1.00 23.28 ? 64  ASN A C   1 
ATOM   508 O  O   . ASN A 1 64  ? 12.585  -3.899  2.198   1.00 22.04 ? 64  ASN A O   1 
ATOM   509 C  CB  . ASN A 1 64  ? 14.659  -5.199  0.666   1.00 24.61 ? 64  ASN A CB  1 
ATOM   510 C  CG  . ASN A 1 64  ? 15.620  -6.317  0.396   1.00 24.90 ? 64  ASN A CG  1 
ATOM   511 O  OD1 . ASN A 1 64  ? 15.728  -7.257  1.189   1.00 25.83 ? 64  ASN A OD1 1 
ATOM   512 N  ND2 . ASN A 1 64  ? 16.302  -6.248  -0.736  1.00 25.28 ? 64  ASN A ND2 1 
HETATM 513 N  N   . MSE A 1 65  ? 11.189  -4.404  0.489   1.00 22.23 ? 65  MSE A N   1 
HETATM 514 C  CA  . MSE A 1 65  ? 10.212  -3.373  0.816   1.00 23.83 ? 65  MSE A CA  1 
HETATM 515 C  C   . MSE A 1 65  ? 9.590   -3.836  2.103   1.00 23.31 ? 65  MSE A C   1 
HETATM 516 O  O   . MSE A 1 65  ? 9.273   -5.029  2.268   1.00 21.82 ? 65  MSE A O   1 
HETATM 517 C  CB  . MSE A 1 65  ? 9.154   -3.271  -0.284  1.00 24.13 ? 65  MSE A CB  1 
HETATM 518 C  CG  . MSE A 1 65  ? 8.280   -2.065  -0.187  1.00 31.18 ? 65  MSE A CG  1 
HETATM 519 SE SE  . MSE A 1 65  ? 7.059   -2.175  -1.489  1.00 35.72 ? 65  MSE A SE  1 
HETATM 520 C  CE  . MSE A 1 65  ? 7.912   -1.345  -2.805  1.00 32.49 ? 65  MSE A CE  1 
ATOM   521 N  N   . THR A 1 66  ? 9.379   -2.906  3.026   1.00 20.99 ? 66  THR A N   1 
ATOM   522 C  CA  . THR A 1 66  ? 8.845   -3.305  4.298   1.00 22.22 ? 66  THR A CA  1 
ATOM   523 C  C   . THR A 1 66  ? 7.682   -2.441  4.812   1.00 20.47 ? 66  THR A C   1 
ATOM   524 O  O   . THR A 1 66  ? 7.702   -1.221  4.719   1.00 16.98 ? 66  THR A O   1 
ATOM   525 C  CB  . THR A 1 66  ? 9.975   -3.291  5.319   1.00 25.75 ? 66  THR A CB  1 
ATOM   526 O  OG1 . THR A 1 66  ? 9.582   -4.017  6.485   1.00 27.94 ? 66  THR A OG1 1 
ATOM   527 C  CG2 . THR A 1 66  ? 10.313  -1.883  5.702   1.00 26.08 ? 66  THR A CG2 1 
ATOM   528 N  N   . PHE A 1 67  ? 6.675   -3.105  5.362   1.00 20.34 ? 67  PHE A N   1 
ATOM   529 C  CA  . PHE A 1 67  ? 5.518   -2.396  5.901   1.00 19.33 ? 67  PHE A CA  1 
ATOM   530 C  C   . PHE A 1 67  ? 5.680   -2.297  7.404   1.00 20.19 ? 67  PHE A C   1 
ATOM   531 O  O   . PHE A 1 67  ? 5.873   -3.305  8.070   1.00 20.53 ? 67  PHE A O   1 
ATOM   532 C  CB  . PHE A 1 67  ? 4.235   -3.170  5.594   1.00 18.15 ? 67  PHE A CB  1 
ATOM   533 C  CG  . PHE A 1 67  ? 2.978   -2.450  6.013   1.00 17.33 ? 67  PHE A CG  1 
ATOM   534 C  CD1 . PHE A 1 67  ? 2.458   -1.436  5.207   1.00 17.25 ? 67  PHE A CD1 1 
ATOM   535 C  CD2 . PHE A 1 67  ? 2.324   -2.772  7.193   1.00 17.64 ? 67  PHE A CD2 1 
ATOM   536 C  CE1 . PHE A 1 67  ? 1.299   -0.751  5.596   1.00 15.95 ? 67  PHE A CE1 1 
ATOM   537 C  CE2 . PHE A 1 67  ? 1.163   -2.098  7.600   1.00 18.93 ? 67  PHE A CE2 1 
ATOM   538 C  CZ  . PHE A 1 67  ? 0.648   -1.078  6.796   1.00 16.19 ? 67  PHE A CZ  1 
ATOM   539 N  N   . THR A 1 68  ? 5.576   -1.087  7.945   1.00 19.90 ? 68  THR A N   1 
ATOM   540 C  CA  . THR A 1 68  ? 5.717   -0.892  9.374   1.00 21.68 ? 68  THR A CA  1 
ATOM   541 C  C   . THR A 1 68  ? 4.460   -0.345  10.046  1.00 20.35 ? 68  THR A C   1 
ATOM   542 O  O   . THR A 1 68  ? 3.928   0.658   9.589   1.00 17.84 ? 68  THR A O   1 
ATOM   543 C  CB  . THR A 1 68  ? 6.845   0.102   9.675   1.00 22.14 ? 68  THR A CB  1 
ATOM   544 O  OG1 . THR A 1 68  ? 8.018   -0.238  8.910   1.00 26.11 ? 68  THR A OG1 1 
ATOM   545 C  CG2 . THR A 1 68  ? 7.182   0.045   11.141  1.00 25.90 ? 68  THR A CG2 1 
ATOM   546 N  N   . LYS A 1 69  ? 4.005   -0.979  11.127  1.00 18.13 ? 69  LYS A N   1 
ATOM   547 C  CA  . LYS A 1 69  ? 2.839   -0.482  11.855  1.00 22.03 ? 69  LYS A CA  1 
ATOM   548 C  C   . LYS A 1 69  ? 3.339   0.676   12.733  1.00 23.76 ? 69  LYS A C   1 
ATOM   549 O  O   . LYS A 1 69  ? 4.349   0.519   13.425  1.00 21.12 ? 69  LYS A O   1 
ATOM   550 C  CB  . LYS A 1 69  ? 2.255   -1.577  12.729  1.00 24.55 ? 69  LYS A CB  1 
ATOM   551 C  CG  . LYS A 1 69  ? 1.790   -2.794  11.957  1.00 29.32 ? 69  LYS A CG  1 
ATOM   552 C  CD  . LYS A 1 69  ? 1.428   -3.909  12.936  1.00 33.87 ? 69  LYS A CD  1 
ATOM   553 C  CE  . LYS A 1 69  ? 0.749   -5.081  12.252  1.00 35.25 ? 69  LYS A CE  1 
ATOM   554 N  NZ  . LYS A 1 69  ? 0.200   -6.034  13.284  1.00 33.10 ? 69  LYS A NZ  1 
ATOM   555 N  N   . THR A 1 70  ? 2.612   1.793   12.724  1.00 21.31 ? 70  THR A N   1 
ATOM   556 C  CA  . THR A 1 70  ? 2.937   3.041   13.432  1.00 23.67 ? 70  THR A CA  1 
ATOM   557 C  C   . THR A 1 70  ? 2.026   3.299   14.637  1.00 22.19 ? 70  THR A C   1 
ATOM   558 O  O   . THR A 1 70  ? 2.343   4.099   15.514  1.00 22.35 ? 70  THR A O   1 
ATOM   559 C  CB  . THR A 1 70  ? 2.739   4.262   12.491  1.00 21.12 ? 70  THR A CB  1 
ATOM   560 O  OG1 . THR A 1 70  ? 3.295   3.986   11.214  1.00 29.78 ? 70  THR A OG1 1 
ATOM   561 C  CG2 . THR A 1 70  ? 3.361   5.516   13.086  1.00 29.96 ? 70  THR A CG2 1 
ATOM   562 N  N   . SER A 1 71  ? 0.853   2.683   14.618  1.00 20.74 ? 71  SER A N   1 
ATOM   563 C  CA  . SER A 1 71  ? -0.132  2.790   15.680  1.00 20.88 ? 71  SER A CA  1 
ATOM   564 C  C   . SER A 1 71  ? -0.920  1.494   15.513  1.00 21.05 ? 71  SER A C   1 
ATOM   565 O  O   . SER A 1 71  ? -0.531  0.639   14.718  1.00 20.79 ? 71  SER A O   1 
ATOM   566 C  CB  . SER A 1 71  ? -1.052  4.004   15.466  1.00 19.65 ? 71  SER A CB  1 
ATOM   567 O  OG  . SER A 1 71  ? -1.941  3.793   14.377  1.00 20.89 ? 71  SER A OG  1 
ATOM   568 N  N   . GLN A 1 72  ? -1.998  1.325   16.259  1.00 22.92 ? 72  GLN A N   1 
ATOM   569 C  CA  . GLN A 1 72  ? -2.803  0.117   16.117  1.00 23.36 ? 72  GLN A CA  1 
ATOM   570 C  C   . GLN A 1 72  ? -3.643  0.165   14.849  1.00 21.73 ? 72  GLN A C   1 
ATOM   571 O  O   . GLN A 1 72  ? -4.291  -0.824  14.483  1.00 21.23 ? 72  GLN A O   1 
ATOM   572 C  CB  . GLN A 1 72  ? -3.747  -0.038  17.313  1.00 28.52 ? 72  GLN A CB  1 
ATOM   573 C  CG  . GLN A 1 72  ? -3.060  -0.370  18.639  1.00 35.24 ? 72  GLN A CG  1 
ATOM   574 C  CD  . GLN A 1 72  ? -2.401  -1.749  18.652  1.00 38.15 ? 72  GLN A CD  1 
ATOM   575 O  OE1 . GLN A 1 72  ? -3.039  -2.764  18.347  1.00 42.71 ? 72  GLN A OE1 1 
ATOM   576 N  NE2 . GLN A 1 72  ? -1.123  -1.792  19.022  1.00 40.31 ? 72  GLN A NE2 1 
ATOM   577 N  N   . LYS A 1 73  ? -3.646  1.311   14.162  1.00 18.86 ? 73  LYS A N   1 
ATOM   578 C  CA  . LYS A 1 73  ? -4.501  1.416   12.984  1.00 19.36 ? 73  LYS A CA  1 
ATOM   579 C  C   . LYS A 1 73  ? -3.837  2.003   11.767  1.00 19.01 ? 73  LYS A C   1 
ATOM   580 O  O   . LYS A 1 73  ? -4.421  2.034   10.698  1.00 16.68 ? 73  LYS A O   1 
ATOM   581 C  CB  . LYS A 1 73  ? -5.698  2.292   13.301  1.00 20.95 ? 73  LYS A CB  1 
ATOM   582 C  CG  . LYS A 1 73  ? -6.581  1.800   14.425  1.00 24.38 ? 73  LYS A CG  1 
ATOM   583 C  CD  . LYS A 1 73  ? -7.640  2.818   14.686  1.00 27.75 ? 73  LYS A CD  1 
ATOM   584 C  CE  . LYS A 1 73  ? -8.328  2.594   16.029  1.00 30.68 ? 73  LYS A CE  1 
ATOM   585 N  NZ  . LYS A 1 73  ? -9.341  3.644   16.207  1.00 31.21 ? 73  LYS A NZ  1 
ATOM   586 N  N   . PHE A 1 74  ? -2.611  2.473   11.939  1.00 16.04 ? 74  PHE A N   1 
ATOM   587 C  CA  . PHE A 1 74  ? -1.917  3.105   10.839  1.00 16.71 ? 74  PHE A CA  1 
ATOM   588 C  C   . PHE A 1 74  ? -0.576  2.446   10.578  1.00 15.99 ? 74  PHE A C   1 
ATOM   589 O  O   . PHE A 1 74  ? 0.097   2.031   11.518  1.00 18.37 ? 74  PHE A O   1 
ATOM   590 C  CB  . PHE A 1 74  ? -1.732  4.574   11.203  1.00 16.00 ? 74  PHE A CB  1 
ATOM   591 C  CG  . PHE A 1 74  ? -1.001  5.371   10.178  1.00 17.69 ? 74  PHE A CG  1 
ATOM   592 C  CD1 . PHE A 1 74  ? -1.659  5.877   9.073   1.00 15.15 ? 74  PHE A CD1 1 
ATOM   593 C  CD2 . PHE A 1 74  ? 0.353   5.621   10.332  1.00 16.21 ? 74  PHE A CD2 1 
ATOM   594 C  CE1 . PHE A 1 74  ? -0.970  6.631   8.117   1.00 18.11 ? 74  PHE A CE1 1 
ATOM   595 C  CE2 . PHE A 1 74  ? 1.057   6.383   9.373   1.00 18.47 ? 74  PHE A CE2 1 
ATOM   596 C  CZ  . PHE A 1 74  ? 0.391   6.881   8.274   1.00 18.17 ? 74  PHE A CZ  1 
ATOM   597 N  N   . GLY A 1 75  ? -0.199  2.337   9.308   1.00 15.78 ? 75  GLY A N   1 
ATOM   598 C  CA  . GLY A 1 75  ? 1.078   1.745   8.928   1.00 16.09 ? 75  GLY A CA  1 
ATOM   599 C  C   . GLY A 1 75  ? 1.630   2.408   7.683   1.00 15.38 ? 75  GLY A C   1 
ATOM   600 O  O   . GLY A 1 75  ? 0.903   3.097   6.981   1.00 13.52 ? 75  GLY A O   1 
ATOM   601 N  N   . GLN A 1 76  ? 2.916   2.219   7.412   1.00 14.64 ? 76  GLN A N   1 
ATOM   602 C  CA  . GLN A 1 76  ? 3.553   2.844   6.253   1.00 15.05 ? 76  GLN A CA  1 
ATOM   603 C  C   . GLN A 1 76  ? 4.591   1.946   5.578   1.00 14.03 ? 76  GLN A C   1 
ATOM   604 O  O   . GLN A 1 76  ? 5.035   0.964   6.180   1.00 18.55 ? 76  GLN A O   1 
ATOM   605 C  CB  . GLN A 1 76  ? 4.308   4.093   6.727   1.00 17.12 ? 76  GLN A CB  1 
ATOM   606 C  CG  . GLN A 1 76  ? 5.350   3.736   7.770   1.00 18.31 ? 76  GLN A CG  1 
ATOM   607 C  CD  . GLN A 1 76  ? 6.241   4.905   8.140   1.00 20.71 ? 76  GLN A CD  1 
ATOM   608 O  OE1 . GLN A 1 76  ? 5.928   5.668   9.023   1.00 23.33 ? 76  GLN A OE1 1 
ATOM   609 N  NE2 . GLN A 1 76  ? 7.360   5.039   7.456   1.00 24.72 ? 76  GLN A NE2 1 
ATOM   610 N  N   . TRP A 1 77  ? 5.007   2.339   4.371   1.00 15.77 ? 77  TRP A N   1 
ATOM   611 C  CA  . TRP A 1 77  ? 6.075   1.676   3.604   1.00 17.94 ? 77  TRP A CA  1 
ATOM   612 C  C   . TRP A 1 77  ? 6.719   2.634   2.600   1.00 19.37 ? 77  TRP A C   1 
ATOM   613 O  O   . TRP A 1 77  ? 6.062   3.537   2.109   1.00 17.67 ? 77  TRP A O   1 
ATOM   614 C  CB  . TRP A 1 77  ? 5.567   0.415   2.889   1.00 16.64 ? 77  TRP A CB  1 
ATOM   615 C  CG  . TRP A 1 77  ? 4.804   0.608   1.571   1.00 17.72 ? 77  TRP A CG  1 
ATOM   616 C  CD1 . TRP A 1 77  ? 5.317   0.561   0.318   1.00 19.14 ? 77  TRP A CD1 1 
ATOM   617 C  CD2 . TRP A 1 77  ? 3.389   0.796   1.416   1.00 15.22 ? 77  TRP A CD2 1 
ATOM   618 N  NE1 . TRP A 1 77  ? 4.314   0.703   -0.622  1.00 18.12 ? 77  TRP A NE1 1 
ATOM   619 C  CE2 . TRP A 1 77  ? 3.119   0.859   0.036   1.00 15.82 ? 77  TRP A CE2 1 
ATOM   620 C  CE3 . TRP A 1 77  ? 2.328   0.931   2.321   1.00 16.21 ? 77  TRP A CE3 1 
ATOM   621 C  CZ2 . TRP A 1 77  ? 1.826   1.042   -0.477  1.00 11.79 ? 77  TRP A CZ2 1 
ATOM   622 C  CZ3 . TRP A 1 77  ? 1.026   1.115   1.812   1.00 14.88 ? 77  TRP A CZ3 1 
ATOM   623 C  CH2 . TRP A 1 77  ? 0.795   1.168   0.427   1.00 15.92 ? 77  TRP A CH2 1 
ATOM   624 N  N   . ALA A 1 78  ? 8.014   2.447   2.305   1.00 20.72 ? 78  ALA A N   1 
ATOM   625 C  CA  . ALA A 1 78  ? 8.735   3.301   1.323   1.00 22.69 ? 78  ALA A CA  1 
ATOM   626 C  C   . ALA A 1 78  ? 8.680   2.803   -0.136  1.00 23.62 ? 78  ALA A C   1 
ATOM   627 O  O   . ALA A 1 78  ? 8.805   1.611   -0.395  1.00 26.50 ? 78  ALA A O   1 
ATOM   628 C  CB  . ALA A 1 78  ? 10.211  3.465   1.767   1.00 24.46 ? 78  ALA A CB  1 
ATOM   629 N  N   . ASP A 1 79  ? 8.511   3.696   -1.111  1.00 25.31 ? 79  ASP A N   1 
ATOM   630 C  CA  . ASP A 1 79  ? 8.432   3.293   -2.533  1.00 28.61 ? 79  ASP A CA  1 
ATOM   631 C  C   . ASP A 1 79  ? 9.376   4.134   -3.426  1.00 29.97 ? 79  ASP A C   1 
ATOM   632 O  O   . ASP A 1 79  ? 9.166   5.344   -3.570  1.00 28.76 ? 79  ASP A O   1 
ATOM   633 C  CB  . ASP A 1 79  ? 6.988   3.449   -3.062  1.00 30.07 ? 79  ASP A CB  1 
ATOM   634 C  CG  . ASP A 1 79  ? 6.803   2.924   -4.510  1.00 32.71 ? 79  ASP A CG  1 
ATOM   635 O  OD1 . ASP A 1 79  ? 7.404   3.456   -5.471  1.00 34.80 ? 79  ASP A OD1 1 
ATOM   636 O  OD2 . ASP A 1 79  ? 6.033   1.967   -4.705  1.00 32.92 ? 79  ASP A OD2 1 
ATOM   637 N  N   . SER A 1 80  ? 10.352  3.475   -4.057  1.00 30.96 ? 80  SER A N   1 
ATOM   638 C  CA  . SER A 1 80  ? 11.338  4.127   -4.933  1.00 32.56 ? 80  SER A CA  1 
ATOM   639 C  C   . SER A 1 80  ? 10.832  4.464   -6.348  1.00 30.85 ? 80  SER A C   1 
ATOM   640 O  O   . SER A 1 80  ? 11.345  5.370   -7.030  1.00 28.32 ? 80  SER A O   1 
ATOM   641 C  CB  . SER A 1 80  ? 12.577  3.238   -5.044  1.00 33.75 ? 80  SER A CB  1 
ATOM   642 O  OG  . SER A 1 80  ? 13.070  2.889   -3.761  1.00 41.56 ? 80  SER A OG  1 
ATOM   643 N  N   . ARG A 1 81  ? 9.838   3.739   -6.829  1.00 33.54 ? 81  ARG A N   1 
ATOM   644 C  CA  . ARG A 1 81  ? 9.356   4.062   -8.167  1.00 34.12 ? 81  ARG A CA  1 
ATOM   645 C  C   . ARG A 1 81  ? 8.678   5.434   -8.124  1.00 31.85 ? 81  ARG A C   1 
ATOM   646 O  O   . ARG A 1 81  ? 8.884   6.269   -9.005  1.00 29.84 ? 81  ARG A O   1 
ATOM   647 C  CB  . ARG A 1 81  ? 8.401   2.979   -8.713  1.00 37.10 ? 81  ARG A CB  1 
ATOM   648 C  CG  . ARG A 1 81  ? 7.235   2.589   -7.818  1.00 43.23 ? 81  ARG A CG  1 
ATOM   649 C  CD  . ARG A 1 81  ? 6.203   1.740   -8.572  1.00 46.16 ? 81  ARG A CD  1 
ATOM   650 N  NE  . ARG A 1 81  ? 5.275   2.567   -9.367  1.00 46.94 ? 81  ARG A NE  1 
ATOM   651 C  CZ  . ARG A 1 81  ? 4.423   3.449   -8.841  1.00 45.64 ? 81  ARG A CZ  1 
ATOM   652 N  NH1 . ARG A 1 81  ? 4.391   3.611   -7.529  1.00 41.13 ? 81  ARG A NH1 1 
ATOM   653 N  NH2 . ARG A 1 81  ? 3.634   4.187   -9.623  1.00 44.35 ? 81  ARG A NH2 1 
ATOM   654 N  N   . ALA A 1 82  ? 7.912   5.687   -7.070  1.00 29.27 ? 82  ALA A N   1 
ATOM   655 C  CA  . ALA A 1 82  ? 7.245   6.963   -6.949  1.00 28.98 ? 82  ALA A CA  1 
ATOM   656 C  C   . ALA A 1 82  ? 8.048   7.922   -6.075  1.00 27.55 ? 82  ALA A C   1 
ATOM   657 O  O   . ALA A 1 82  ? 7.643   9.075   -5.965  1.00 28.04 ? 82  ALA A O   1 
ATOM   658 C  CB  . ALA A 1 82  ? 5.837   6.784   -6.361  1.00 28.58 ? 82  ALA A CB  1 
ATOM   659 N  N   . ASN A 1 83  ? 9.156   7.445   -5.478  1.00 25.25 ? 83  ASN A N   1 
ATOM   660 C  CA  . ASN A 1 83  ? 10.039  8.231   -4.589  1.00 26.87 ? 83  ASN A CA  1 
ATOM   661 C  C   . ASN A 1 83  ? 9.290   8.899   -3.432  1.00 25.68 ? 83  ASN A C   1 
ATOM   662 O  O   . ASN A 1 83  ? 9.335   10.117  -3.251  1.00 22.72 ? 83  ASN A O   1 
ATOM   663 C  CB  . ASN A 1 83  ? 10.817  9.285   -5.406  1.00 25.30 ? 83  ASN A CB  1 
ATOM   664 C  CG  . ASN A 1 83  ? 11.906  10.011  -4.595  1.00 26.64 ? 83  ASN A CG  1 
ATOM   665 O  OD1 . ASN A 1 83  ? 12.264  9.622   -3.478  1.00 23.31 ? 83  ASN A OD1 1 
ATOM   666 N  ND2 . ASN A 1 83  ? 12.463  11.074  -5.194  1.00 26.15 ? 83  ASN A ND2 1 
ATOM   667 N  N   . THR A 1 84  ? 8.624   8.077   -2.630  1.00 25.29 ? 84  THR A N   1 
ATOM   668 C  CA  . THR A 1 84  ? 7.847   8.585   -1.509  1.00 22.16 ? 84  THR A CA  1 
ATOM   669 C  C   . THR A 1 84  ? 7.682   7.539   -0.402  1.00 20.02 ? 84  THR A C   1 
ATOM   670 O  O   . THR A 1 84  ? 8.343   6.516   -0.404  1.00 20.74 ? 84  THR A O   1 
ATOM   671 C  CB  . THR A 1 84  ? 6.462   9.022   -2.010  1.00 23.41 ? 84  THR A CB  1 
ATOM   672 O  OG1 . THR A 1 84  ? 5.751   9.696   -0.956  1.00 20.38 ? 84  THR A OG1 1 
ATOM   673 C  CG2 . THR A 1 84  ? 5.646   7.808   -2.462  1.00 27.03 ? 84  THR A CG2 1 
ATOM   674 N  N   . VAL A 1 85  ? 6.823   7.830   0.575   1.00 14.92 ? 85  VAL A N   1 
ATOM   675 C  CA  . VAL A 1 85  ? 6.530   6.883   1.644   1.00 14.85 ? 85  VAL A CA  1 
ATOM   676 C  C   . VAL A 1 85  ? 4.996   6.929   1.766   1.00 15.01 ? 85  VAL A C   1 
ATOM   677 O  O   . VAL A 1 85  ? 4.401   8.001   1.869   1.00 13.61 ? 85  VAL A O   1 
ATOM   678 C  CB  . VAL A 1 85  ? 7.153   7.279   3.018   1.00 17.36 ? 85  VAL A CB  1 
ATOM   679 C  CG1 . VAL A 1 85  ? 6.696   6.286   4.086   1.00 18.52 ? 85  VAL A CG1 1 
ATOM   680 C  CG2 . VAL A 1 85  ? 8.651   7.227   2.944   1.00 17.66 ? 85  VAL A CG2 1 
ATOM   681 N  N   . TYR A 1 86  ? 4.370   5.765   1.686   1.00 12.86 ? 86  TYR A N   1 
ATOM   682 C  CA  . TYR A 1 86  ? 2.911   5.704   1.776   1.00 13.54 ? 86  TYR A CA  1 
ATOM   683 C  C   . TYR A 1 86  ? 2.470   5.360   3.197   1.00 12.03 ? 86  TYR A C   1 
ATOM   684 O  O   . TYR A 1 86  ? 3.112   4.576   3.885   1.00 14.88 ? 86  TYR A O   1 
ATOM   685 C  CB  . TYR A 1 86  ? 2.351   4.644   0.817   1.00 14.72 ? 86  TYR A CB  1 
ATOM   686 C  CG  . TYR A 1 86  ? 2.498   4.982   -0.636  1.00 16.87 ? 86  TYR A CG  1 
ATOM   687 C  CD1 . TYR A 1 86  ? 3.447   4.357   -1.432  1.00 19.97 ? 86  TYR A CD1 1 
ATOM   688 C  CD2 . TYR A 1 86  ? 1.668   5.944   -1.225  1.00 17.17 ? 86  TYR A CD2 1 
ATOM   689 C  CE1 . TYR A 1 86  ? 3.568   4.694   -2.812  1.00 17.97 ? 86  TYR A CE1 1 
ATOM   690 C  CE2 . TYR A 1 86  ? 1.784   6.280   -2.583  1.00 18.68 ? 86  TYR A CE2 1 
ATOM   691 C  CZ  . TYR A 1 86  ? 2.747   5.646   -3.366  1.00 20.66 ? 86  TYR A CZ  1 
ATOM   692 O  OH  . TYR A 1 86  ? 2.884   6.007   -4.701  1.00 22.72 ? 86  TYR A OH  1 
ATOM   693 N  N   . GLY A 1 87  ? 1.337   5.911   3.606   1.00 13.92 ? 87  GLY A N   1 
ATOM   694 C  CA  . GLY A 1 87  ? 0.794   5.632   4.912   1.00 12.62 ? 87  GLY A CA  1 
ATOM   695 C  C   . GLY A 1 87  ? -0.675  5.270   4.711   1.00 13.68 ? 87  GLY A C   1 
ATOM   696 O  O   . GLY A 1 87  ? -1.371  5.861   3.873   1.00 11.96 ? 87  GLY A O   1 
ATOM   697 N  N   . LEU A 1 88  ? -1.145  4.295   5.472   1.00 11.91 ? 88  LEU A N   1 
ATOM   698 C  CA  . LEU A 1 88  ? -2.533  3.834   5.362   1.00 14.50 ? 88  LEU A CA  1 
ATOM   699 C  C   . LEU A 1 88  ? -3.181  3.844   6.717   1.00 12.31 ? 88  LEU A C   1 
ATOM   700 O  O   . LEU A 1 88  ? -2.646  3.269   7.641   1.00 13.98 ? 88  LEU A O   1 
ATOM   701 C  CB  . LEU A 1 88  ? -2.577  2.384   4.810   1.00 13.41 ? 88  LEU A CB  1 
ATOM   702 C  CG  . LEU A 1 88  ? -2.137  2.216   3.352   1.00 13.42 ? 88  LEU A CG  1 
ATOM   703 C  CD1 . LEU A 1 88  ? -2.343  0.754   2.985   1.00 12.21 ? 88  LEU A CD1 1 
ATOM   704 C  CD2 . LEU A 1 88  ? -2.941  3.084   2.401   1.00 9.65  ? 88  LEU A CD2 1 
ATOM   705 N  N   . GLY A 1 89  ? -4.333  4.493   6.835   1.00 14.43 ? 89  GLY A N   1 
ATOM   706 C  CA  . GLY A 1 89  ? -5.040  4.522   8.106   1.00 13.45 ? 89  GLY A CA  1 
ATOM   707 C  C   . GLY A 1 89  ? -6.302  3.672   7.997   1.00 14.90 ? 89  GLY A C   1 
ATOM   708 O  O   . GLY A 1 89  ? -7.211  4.000   7.231   1.00 13.08 ? 89  GLY A O   1 
ATOM   709 N  N   . PHE A 1 90  ? -6.371  2.606   8.804   1.00 13.89 ? 90  PHE A N   1 
ATOM   710 C  CA  . PHE A 1 90  ? -7.505  1.664   8.832   1.00 14.01 ? 90  PHE A CA  1 
ATOM   711 C  C   . PHE A 1 90  ? -8.520  1.954   9.929   1.00 13.34 ? 90  PHE A C   1 
ATOM   712 O  O   . PHE A 1 90  ? -8.212  2.633   10.874  1.00 14.59 ? 90  PHE A O   1 
ATOM   713 C  CB  . PHE A 1 90  ? -6.982  0.223   9.001   1.00 14.78 ? 90  PHE A CB  1 
ATOM   714 C  CG  . PHE A 1 90  ? -6.121  -0.252  7.849   1.00 14.89 ? 90  PHE A CG  1 
ATOM   715 C  CD1 . PHE A 1 90  ? -4.757  0.025   7.816   1.00 15.69 ? 90  PHE A CD1 1 
ATOM   716 C  CD2 . PHE A 1 90  ? -6.685  -0.968  6.798   1.00 15.53 ? 90  PHE A CD2 1 
ATOM   717 C  CE1 . PHE A 1 90  ? -3.958  -0.404  6.743   1.00 13.41 ? 90  PHE A CE1 1 
ATOM   718 C  CE2 . PHE A 1 90  ? -5.895  -1.399  5.723   1.00 15.42 ? 90  PHE A CE2 1 
ATOM   719 C  CZ  . PHE A 1 90  ? -4.537  -1.118  5.690   1.00 17.44 ? 90  PHE A CZ  1 
ATOM   720 N  N   . SER A 1 91  ? -9.740  1.425   9.791   1.00 15.27 ? 91  SER A N   1 
ATOM   721 C  CA  . SER A 1 91  ? -10.772 1.655   10.777  1.00 18.86 ? 91  SER A CA  1 
ATOM   722 C  C   . SER A 1 91  ? -10.498 0.842   12.047  1.00 20.59 ? 91  SER A C   1 
ATOM   723 O  O   . SER A 1 91  ? -10.988 1.185   13.101  1.00 20.69 ? 91  SER A O   1 
ATOM   724 C  CB  . SER A 1 91  ? -12.136 1.239   10.215  1.00 18.06 ? 91  SER A CB  1 
ATOM   725 O  OG  . SER A 1 91  ? -12.053 -0.118  9.828   1.00 23.00 ? 91  SER A OG  1 
ATOM   726 N  N   . SER A 1 92  ? -9.724  -0.226  11.935  1.00 22.27 ? 92  SER A N   1 
ATOM   727 C  CA  . SER A 1 92  ? -9.459  -1.024  13.121  1.00 23.93 ? 92  SER A CA  1 
ATOM   728 C  C   . SER A 1 92  ? -8.137  -1.745  13.025  1.00 22.77 ? 92  SER A C   1 
ATOM   729 O  O   . SER A 1 92  ? -7.625  -1.991  11.932  1.00 21.16 ? 92  SER A O   1 
ATOM   730 C  CB  . SER A 1 92  ? -10.591 -2.045  13.318  1.00 25.21 ? 92  SER A CB  1 
ATOM   731 O  OG  . SER A 1 92  ? -10.366 -3.237  12.564  1.00 29.46 ? 92  SER A OG  1 
ATOM   732 N  N   . GLU A 1 93  ? -7.587  -2.101  14.192  1.00 24.90 ? 93  GLU A N   1 
ATOM   733 C  CA  . GLU A 1 93  ? -6.330  -2.829  14.247  1.00 25.83 ? 93  GLU A CA  1 
ATOM   734 C  C   . GLU A 1 93  ? -6.412  -4.140  13.482  1.00 24.60 ? 93  GLU A C   1 
ATOM   735 O  O   . GLU A 1 93  ? -5.443  -4.569  12.867  1.00 21.75 ? 93  GLU A O   1 
ATOM   736 C  CB  . GLU A 1 93  ? -5.948  -3.109  15.702  1.00 30.19 ? 93  GLU A CB  1 
ATOM   737 C  CG  . GLU A 1 93  ? -7.171  -3.507  16.565  1.00 39.07 ? 93  GLU A CG  1 
ATOM   738 C  CD  . GLU A 1 93  ? -6.926  -4.726  17.473  1.00 42.47 ? 93  GLU A CD  1 
ATOM   739 O  OE1 . GLU A 1 93  ? -7.441  -4.727  18.607  1.00 42.76 ? 93  GLU A OE1 1 
ATOM   740 O  OE2 . GLU A 1 93  ? -6.230  -5.678  17.043  1.00 46.46 ? 93  GLU A OE2 1 
ATOM   741 N  N   . HIS A 1 94  ? -7.575  -4.788  13.505  1.00 24.16 ? 94  HIS A N   1 
ATOM   742 C  CA  . HIS A 1 94  ? -7.691  -6.048  12.769  1.00 23.52 ? 94  HIS A CA  1 
ATOM   743 C  C   . HIS A 1 94  ? -7.446  -5.874  11.272  1.00 20.49 ? 94  HIS A C   1 
ATOM   744 O  O   . HIS A 1 94  ? -6.826  -6.733  10.635  1.00 20.73 ? 94  HIS A O   1 
ATOM   745 C  CB  . HIS A 1 94  ? -9.051  -6.693  13.057  1.00 28.92 ? 94  HIS A CB  1 
ATOM   746 C  CG  . HIS A 1 94  ? -9.084  -7.444  14.361  1.00 33.58 ? 94  HIS A CG  1 
ATOM   747 N  ND1 . HIS A 1 94  ? -8.650  -8.751  14.469  1.00 34.74 ? 94  HIS A ND1 1 
ATOM   748 C  CD2 . HIS A 1 94  ? -9.440  -7.063  15.607  1.00 36.70 ? 94  HIS A CD2 1 
ATOM   749 C  CE1 . HIS A 1 94  ? -8.745  -9.142  15.733  1.00 37.18 ? 94  HIS A CE1 1 
ATOM   750 N  NE2 . HIS A 1 94  ? -9.223  -8.130  16.443  1.00 37.27 ? 94  HIS A NE2 1 
ATOM   751 N  N   . HIS A 1 95  ? -7.903  -4.753  10.711  1.00 20.82 ? 95  HIS A N   1 
ATOM   752 C  CA  . HIS A 1 95  ? -7.676  -4.485  9.293   1.00 18.71 ? 95  HIS A CA  1 
ATOM   753 C  C   . HIS A 1 95  ? -6.230  -4.115  8.991   1.00 14.71 ? 95  HIS A C   1 
ATOM   754 O  O   . HIS A 1 95  ? -5.680  -4.532  7.966   1.00 13.56 ? 95  HIS A O   1 
ATOM   755 C  CB  . HIS A 1 95  ? -8.625  -3.399  8.805   1.00 19.21 ? 95  HIS A CB  1 
ATOM   756 C  CG  . HIS A 1 95  ? -10.053 -3.811  8.918   1.00 25.76 ? 95  HIS A CG  1 
ATOM   757 N  ND1 . HIS A 1 95  ? -10.496 -5.043  8.487   1.00 26.58 ? 95  HIS A ND1 1 
ATOM   758 C  CD2 . HIS A 1 95  ? -11.123 -3.211  9.493   1.00 26.70 ? 95  HIS A CD2 1 
ATOM   759 C  CE1 . HIS A 1 95  ? -11.769 -5.183  8.791   1.00 27.21 ? 95  HIS A CE1 1 
ATOM   760 N  NE2 . HIS A 1 95  ? -12.174 -4.092  9.401   1.00 26.74 ? 95  HIS A NE2 1 
ATOM   761 N  N   . LEU A 1 96  ? -5.612  -3.342  9.877   1.00 15.55 ? 96  LEU A N   1 
ATOM   762 C  CA  . LEU A 1 96  ? -4.199  -2.984  9.694   1.00 15.07 ? 96  LEU A CA  1 
ATOM   763 C  C   . LEU A 1 96  ? -3.420  -4.285  9.772   1.00 16.75 ? 96  LEU A C   1 
ATOM   764 O  O   . LEU A 1 96  ? -2.558  -4.574  8.946   1.00 15.71 ? 96  LEU A O   1 
ATOM   765 C  CB  . LEU A 1 96  ? -3.729  -2.043  10.811  1.00 16.58 ? 96  LEU A CB  1 
ATOM   766 C  CG  . LEU A 1 96  ? -2.215  -1.820  10.904  1.00 15.45 ? 96  LEU A CG  1 
ATOM   767 C  CD1 . LEU A 1 96  ? -1.748  -0.954  9.753   1.00 12.74 ? 96  LEU A CD1 1 
ATOM   768 C  CD2 . LEU A 1 96  ? -1.874  -1.166  12.229  1.00 15.20 ? 96  LEU A CD2 1 
ATOM   769 N  N   . SER A 1 97  ? -3.756  -5.090  10.769  1.00 17.18 ? 97  SER A N   1 
ATOM   770 C  CA  . SER A 1 97  ? -3.078  -6.355  10.988  1.00 21.42 ? 97  SER A CA  1 
ATOM   771 C  C   . SER A 1 97  ? -3.119  -7.304  9.784   1.00 21.86 ? 97  SER A C   1 
ATOM   772 O  O   . SER A 1 97  ? -2.100  -7.905  9.381   1.00 18.91 ? 97  SER A O   1 
ATOM   773 C  CB  . SER A 1 97  ? -3.699  -7.011  12.239  1.00 26.11 ? 97  SER A CB  1 
ATOM   774 O  OG  . SER A 1 97  ? -3.107  -8.259  12.527  1.00 31.45 ? 97  SER A OG  1 
ATOM   775 N  N   . LYS A 1 98  ? -4.301  -7.412  9.186   1.00 21.71 ? 98  LYS A N   1 
ATOM   776 C  CA  . LYS A 1 98  ? -4.460  -8.299  8.061   1.00 20.87 ? 98  LYS A CA  1 
ATOM   777 C  C   . LYS A 1 98  ? -3.710  -7.751  6.861   1.00 19.60 ? 98  LYS A C   1 
ATOM   778 O  O   . LYS A 1 98  ? -3.104  -8.503  6.132   1.00 18.43 ? 98  LYS A O   1 
ATOM   779 C  CB  . LYS A 1 98  ? -5.950  -8.474  7.713   1.00 22.21 ? 98  LYS A CB  1 
ATOM   780 C  CG  . LYS A 1 98  ? -6.181  -9.551  6.652   1.00 26.77 ? 98  LYS A CG  1 
ATOM   781 C  CD  . LYS A 1 98  ? -5.832  -10.953 7.167   1.00 30.77 ? 98  LYS A CD  1 
ATOM   782 C  CE  . LYS A 1 98  ? -5.953  -12.035 6.075   1.00 35.93 ? 98  LYS A CE  1 
ATOM   783 N  NZ  . LYS A 1 98  ? -7.276  -12.751 6.100   1.00 39.40 ? 98  LYS A NZ  1 
ATOM   784 N  N   . PHE A 1 99  ? -3.744  -6.443  6.652   1.00 19.04 ? 99  PHE A N   1 
ATOM   785 C  CA  . PHE A 1 99  ? -3.035  -5.865  5.503   1.00 19.20 ? 99  PHE A CA  1 
ATOM   786 C  C   . PHE A 1 99  ? -1.523  -6.127  5.566   1.00 16.61 ? 99  PHE A C   1 
ATOM   787 O  O   . PHE A 1 99  ? -0.882  -6.490  4.562   1.00 16.99 ? 99  PHE A O   1 
ATOM   788 C  CB  . PHE A 1 99  ? -3.255  -4.355  5.447   1.00 16.25 ? 99  PHE A CB  1 
ATOM   789 C  CG  . PHE A 1 99  ? -2.624  -3.707  4.251   1.00 16.30 ? 99  PHE A CG  1 
ATOM   790 C  CD1 . PHE A 1 99  ? -3.257  -3.743  3.011   1.00 17.93 ? 99  PHE A CD1 1 
ATOM   791 C  CD2 . PHE A 1 99  ? -1.370  -3.088  4.345   1.00 16.22 ? 99  PHE A CD2 1 
ATOM   792 C  CE1 . PHE A 1 99  ? -2.671  -3.183  1.868   1.00 17.94 ? 99  PHE A CE1 1 
ATOM   793 C  CE2 . PHE A 1 99  ? -0.772  -2.524  3.213   1.00 18.15 ? 99  PHE A CE2 1 
ATOM   794 C  CZ  . PHE A 1 99  ? -1.424  -2.570  1.964   1.00 17.42 ? 99  PHE A CZ  1 
ATOM   795 N  N   . ALA A 1 100 ? -0.975  -5.934  6.755   1.00 18.70 ? 100 ALA A N   1 
ATOM   796 C  CA  . ALA A 1 100 ? 0.453   -6.146  7.008   1.00 19.51 ? 100 ALA A CA  1 
ATOM   797 C  C   . ALA A 1 100 ? 0.844   -7.628  6.781   1.00 19.39 ? 100 ALA A C   1 
ATOM   798 O  O   . ALA A 1 100 ? 1.949   -7.916  6.333   1.00 19.69 ? 100 ALA A O   1 
ATOM   799 C  CB  . ALA A 1 100 ? 0.787   -5.727  8.435   1.00 23.02 ? 100 ALA A CB  1 
ATOM   800 N  N   . GLU A 1 101 ? -0.063  -8.546  7.087   1.00 22.06 ? 101 GLU A N   1 
ATOM   801 C  CA  . GLU A 1 101 ? 0.195   -9.991  6.904   1.00 24.00 ? 101 GLU A CA  1 
ATOM   802 C  C   . GLU A 1 101 ? 0.311   -10.323 5.421   1.00 24.27 ? 101 GLU A C   1 
ATOM   803 O  O   . GLU A 1 101 ? 1.221   -11.028 4.982   1.00 21.81 ? 101 GLU A O   1 
ATOM   804 C  CB  . GLU A 1 101 ? -0.936  -10.819 7.519   1.00 27.26 ? 101 GLU A CB  1 
ATOM   805 C  CG  . GLU A 1 101 ? -0.776  -12.318 7.340   1.00 31.93 ? 101 GLU A CG  1 
ATOM   806 C  CD  . GLU A 1 101 ? -2.033  -13.099 7.728   1.00 35.93 ? 101 GLU A CD  1 
ATOM   807 O  OE1 . GLU A 1 101 ? -2.708  -12.715 8.716   1.00 37.33 ? 101 GLU A OE1 1 
ATOM   808 O  OE2 . GLU A 1 101 ? -2.345  -14.108 7.046   1.00 37.63 ? 101 GLU A OE2 1 
ATOM   809 N  N   . LYS A 1 102 ? -0.634  -9.812  4.640   1.00 23.90 ? 102 LYS A N   1 
ATOM   810 C  CA  . LYS A 1 102 ? -0.614  -10.035 3.203   1.00 23.43 ? 102 LYS A CA  1 
ATOM   811 C  C   . LYS A 1 102 ? 0.649   -9.445  2.601   1.00 22.94 ? 102 LYS A C   1 
ATOM   812 O  O   . LYS A 1 102 ? 1.230   -10.009 1.683   1.00 21.07 ? 102 LYS A O   1 
ATOM   813 C  CB  . LYS A 1 102 ? -1.842  -9.376  2.558   1.00 24.70 ? 102 LYS A CB  1 
ATOM   814 C  CG  . LYS A 1 102 ? -3.165  -10.056 2.877   1.00 25.70 ? 102 LYS A CG  1 
ATOM   815 C  CD  . LYS A 1 102 ? -3.159  -11.520 2.427   1.00 28.77 ? 102 LYS A CD  1 
ATOM   816 C  CE  . LYS A 1 102 ? -4.454  -12.225 2.833   1.00 28.93 ? 102 LYS A CE  1 
ATOM   817 N  NZ  . LYS A 1 102 ? -4.430  -13.658 2.409   1.00 32.93 ? 102 LYS A NZ  1 
ATOM   818 N  N   . PHE A 1 103 ? 1.058   -8.276  3.113   1.00 20.30 ? 103 PHE A N   1 
ATOM   819 C  CA  . PHE A 1 103 ? 2.258   -7.620  2.611   1.00 22.25 ? 103 PHE A CA  1 
ATOM   820 C  C   . PHE A 1 103 ? 3.421   -8.599  2.690   1.00 25.02 ? 103 PHE A C   1 
ATOM   821 O  O   . PHE A 1 103 ? 4.143   -8.804  1.712   1.00 22.92 ? 103 PHE A O   1 
ATOM   822 C  CB  . PHE A 1 103 ? 2.593   -6.411  3.476   1.00 17.85 ? 103 PHE A CB  1 
ATOM   823 C  CG  . PHE A 1 103 ? 3.483   -5.406  2.813   1.00 21.69 ? 103 PHE A CG  1 
ATOM   824 C  CD1 . PHE A 1 103 ? 2.944   -4.278  2.201   1.00 23.20 ? 103 PHE A CD1 1 
ATOM   825 C  CD2 . PHE A 1 103 ? 4.881   -5.547  2.853   1.00 25.52 ? 103 PHE A CD2 1 
ATOM   826 C  CE1 . PHE A 1 103 ? 3.778   -3.283  1.636   1.00 26.61 ? 103 PHE A CE1 1 
ATOM   827 C  CE2 . PHE A 1 103 ? 5.710   -4.572  2.298   1.00 25.24 ? 103 PHE A CE2 1 
ATOM   828 C  CZ  . PHE A 1 103 ? 5.163   -3.441  1.689   1.00 24.11 ? 103 PHE A CZ  1 
ATOM   829 N  N   . GLN A 1 104 ? 3.591   -9.197  3.867   1.00 27.69 ? 104 GLN A N   1 
ATOM   830 C  CA  . GLN A 1 104 ? 4.694   -10.124 4.088   1.00 32.00 ? 104 GLN A CA  1 
ATOM   831 C  C   . GLN A 1 104 ? 4.660   -11.295 3.114   1.00 33.10 ? 104 GLN A C   1 
ATOM   832 O  O   . GLN A 1 104 ? 5.692   -11.693 2.590   1.00 34.43 ? 104 GLN A O   1 
ATOM   833 C  CB  . GLN A 1 104 ? 4.704   -10.622 5.535   1.00 33.59 ? 104 GLN A CB  1 
ATOM   834 C  CG  . GLN A 1 104 ? 5.868   -11.590 5.844   1.00 39.82 ? 104 GLN A CG  1 
ATOM   835 C  CD  . GLN A 1 104 ? 7.258   -10.956 5.654   1.00 41.62 ? 104 GLN A CD  1 
ATOM   836 O  OE1 . GLN A 1 104 ? 8.256   -11.661 5.519   1.00 45.30 ? 104 GLN A OE1 1 
ATOM   837 N  NE2 . GLN A 1 104 ? 7.321   -9.636  5.651   1.00 43.24 ? 104 GLN A NE2 1 
ATOM   838 N  N   . GLU A 1 105 ? 3.473   -11.826 2.854   1.00 36.62 ? 105 GLU A N   1 
ATOM   839 C  CA  . GLU A 1 105 ? 3.330   -12.945 1.917   1.00 38.53 ? 105 GLU A CA  1 
ATOM   840 C  C   . GLU A 1 105 ? 3.849   -12.678 0.504   1.00 38.94 ? 105 GLU A C   1 
ATOM   841 O  O   . GLU A 1 105 ? 4.647   -13.443 -0.032  1.00 40.76 ? 105 GLU A O   1 
ATOM   842 C  CB  . GLU A 1 105 ? 1.872   -13.350 1.815   1.00 40.67 ? 105 GLU A CB  1 
ATOM   843 C  CG  . GLU A 1 105 ? 1.277   -13.818 3.103   1.00 42.96 ? 105 GLU A CG  1 
ATOM   844 C  CD  . GLU A 1 105 ? -0.149  -14.259 2.926   1.00 44.84 ? 105 GLU A CD  1 
ATOM   845 O  OE1 . GLU A 1 105 ? -0.465  -14.802 1.849   1.00 46.25 ? 105 GLU A OE1 1 
ATOM   846 O  OE2 . GLU A 1 105 ? -0.955  -14.079 3.861   1.00 47.29 ? 105 GLU A OE2 1 
ATOM   847 N  N   . PHE A 1 106 ? 3.399   -11.585 -0.103  1.00 38.53 ? 106 PHE A N   1 
ATOM   848 C  CA  . PHE A 1 106 ? 3.798   -11.243 -1.465  1.00 38.42 ? 106 PHE A CA  1 
ATOM   849 C  C   . PHE A 1 106 ? 5.206   -10.675 -1.555  1.00 39.25 ? 106 PHE A C   1 
ATOM   850 O  O   . PHE A 1 106 ? 5.756   -10.475 -2.637  1.00 37.44 ? 106 PHE A O   1 
ATOM   851 C  CB  . PHE A 1 106 ? 2.807   -10.232 -2.020  1.00 38.43 ? 106 PHE A CB  1 
ATOM   852 C  CG  . PHE A 1 106 ? 1.381   -10.609 -1.775  1.00 37.52 ? 106 PHE A CG  1 
ATOM   853 C  CD1 . PHE A 1 106 ? 0.460   -9.651  -1.378  1.00 38.38 ? 106 PHE A CD1 1 
ATOM   854 C  CD2 . PHE A 1 106 ? 0.958   -11.931 -1.922  1.00 38.76 ? 106 PHE A CD2 1 
ATOM   855 C  CE1 . PHE A 1 106 ? -0.854  -9.991  -1.124  1.00 38.54 ? 106 PHE A CE1 1 
ATOM   856 C  CE2 . PHE A 1 106 ? -0.365  -12.283 -1.667  1.00 38.32 ? 106 PHE A CE2 1 
ATOM   857 C  CZ  . PHE A 1 106 ? -1.272  -11.309 -1.266  1.00 38.74 ? 106 PHE A CZ  1 
ATOM   858 N  N   . LYS A 1 107 ? 5.786   -10.385 -0.404  1.00 40.60 ? 107 LYS A N   1 
ATOM   859 C  CA  . LYS A 1 107 ? 7.131   -9.855  -0.382  1.00 41.58 ? 107 LYS A CA  1 
ATOM   860 C  C   . LYS A 1 107 ? 8.039   -11.051 -0.650  1.00 42.58 ? 107 LYS A C   1 
ATOM   861 O  O   . LYS A 1 107 ? 9.035   -10.965 -1.390  1.00 42.13 ? 107 LYS A O   1 
ATOM   862 C  CB  . LYS A 1 107 ? 7.385   -9.260  0.994   1.00 42.65 ? 107 LYS A CB  1 
ATOM   863 C  CG  . LYS A 1 107 ? 8.719   -8.619  1.170   1.00 42.90 ? 107 LYS A CG  1 
ATOM   864 C  CD  . LYS A 1 107 ? 8.750   -8.031  2.543   1.00 42.41 ? 107 LYS A CD  1 
ATOM   865 C  CE  . LYS A 1 107 ? 10.132  -7.618  2.916   1.00 41.06 ? 107 LYS A CE  1 
ATOM   866 N  NZ  . LYS A 1 107 ? 10.077  -6.992  4.259   1.00 42.55 ? 107 LYS A NZ  1 
ATOM   867 N  N   . GLU A 1 108 ? 7.654   -12.181 -0.065  1.00 43.03 ? 108 GLU A N   1 
ATOM   868 C  CA  . GLU A 1 108 ? 8.396   -13.422 -0.200  1.00 43.36 ? 108 GLU A CA  1 
ATOM   869 C  C   . GLU A 1 108 ? 8.300   -13.969 -1.613  1.00 42.92 ? 108 GLU A C   1 
ATOM   870 O  O   . GLU A 1 108 ? 9.282   -14.483 -2.163  1.00 40.37 ? 108 GLU A O   1 
ATOM   871 C  CB  . GLU A 1 108 ? 7.863   -14.442 0.797   1.00 45.24 ? 108 GLU A CB  1 
ATOM   872 C  CG  . GLU A 1 108 ? 7.831   -13.884 2.187   1.00 48.05 ? 108 GLU A CG  1 
ATOM   873 C  CD  . GLU A 1 108 ? 7.227   -14.834 3.162   1.00 49.91 ? 108 GLU A CD  1 
ATOM   874 O  OE1 . GLU A 1 108 ? 6.174   -15.425 2.821   1.00 50.55 ? 108 GLU A OE1 1 
ATOM   875 O  OE2 . GLU A 1 108 ? 7.807   -14.986 4.265   1.00 51.19 ? 108 GLU A OE2 1 
ATOM   876 N  N   . ALA A 1 109 ? 7.110   -13.864 -2.202  1.00 43.17 ? 109 ALA A N   1 
ATOM   877 C  CA  . ALA A 1 109 ? 6.898   -14.338 -3.567  1.00 42.24 ? 109 ALA A CA  1 
ATOM   878 C  C   . ALA A 1 109 ? 7.820   -13.534 -4.483  1.00 43.63 ? 109 ALA A C   1 
ATOM   879 O  O   . ALA A 1 109 ? 8.334   -14.055 -5.478  1.00 42.76 ? 109 ALA A O   1 
ATOM   880 C  CB  . ALA A 1 109 ? 5.457   -14.140 -3.967  1.00 42.87 ? 109 ALA A CB  1 
ATOM   881 N  N   . ALA A 1 110 ? 8.023   -12.261 -4.131  1.00 44.02 ? 110 ALA A N   1 
ATOM   882 C  CA  . ALA A 1 110 ? 8.887   -11.351 -4.879  1.00 45.41 ? 110 ALA A CA  1 
ATOM   883 C  C   . ALA A 1 110 ? 10.334  -11.844 -4.826  1.00 45.84 ? 110 ALA A C   1 
ATOM   884 O  O   . ALA A 1 110 ? 11.039  -11.872 -5.842  1.00 44.98 ? 110 ALA A O   1 
ATOM   885 C  CB  . ALA A 1 110 ? 8.784   -9.936  -4.300  1.00 45.28 ? 110 ALA A CB  1 
ATOM   886 N  N   . ARG A 1 111 ? 10.778  -12.215 -3.628  1.00 47.03 ? 111 ARG A N   1 
ATOM   887 C  CA  . ARG A 1 111 ? 12.124  -12.743 -3.464  1.00 47.99 ? 111 ARG A CA  1 
ATOM   888 C  C   . ARG A 1 111 ? 12.191  -14.044 -4.246  1.00 48.85 ? 111 ARG A C   1 
ATOM   889 O  O   . ARG A 1 111 ? 13.086  -14.152 -5.114  1.00 50.04 ? 111 ARG A O   1 
ATOM   890 C  CB  . ARG A 1 111 ? 12.434  -13.034 -1.996  1.00 48.62 ? 111 ARG A CB  1 
ATOM   891 C  CG  . ARG A 1 111 ? 13.748  -13.781 -1.777  1.00 48.81 ? 111 ARG A CG  1 
ATOM   892 C  CD  . ARG A 1 111 ? 13.926  -14.197 -0.322  1.00 50.39 ? 111 ARG A CD  1 
ATOM   893 N  NE  . ARG A 1 111 ? 13.084  -15.332 0.056   1.00 51.48 ? 111 ARG A NE  1 
ATOM   894 C  CZ  . ARG A 1 111 ? 11.859  -15.241 0.562   1.00 52.78 ? 111 ARG A CZ  1 
ATOM   895 N  NH1 . ARG A 1 111 ? 11.307  -14.047 0.771   1.00 53.39 ? 111 ARG A NH1 1 
ATOM   896 N  NH2 . ARG A 1 111 ? 11.189  -16.347 0.872   1.00 53.57 ? 111 ARG A NH2 1 
HETATM 897 O  O   . HOH B 2 .   ? -9.748  4.986   7.733   1.00 22.72 ? 301 HOH A O   1 
HETATM 898 O  O   . HOH B 2 .   ? -9.163  1.630   -5.400  1.00 17.40 ? 302 HOH A O   1 
HETATM 899 O  O   . HOH B 2 .   ? -6.983  5.021   10.926  1.00 18.81 ? 303 HOH A O   1 
HETATM 900 O  O   . HOH B 2 .   ? -6.353  10.691  3.793   1.00 20.14 ? 304 HOH A O   1 
HETATM 901 O  O   . HOH B 2 .   ? -7.626  -7.211  -13.145 1.00 23.03 ? 305 HOH A O   1 
HETATM 902 O  O   . HOH B 2 .   ? -2.964  -14.668 -18.286 1.00 35.17 ? 306 HOH A O   1 
HETATM 903 O  O   . HOH B 2 .   ? -7.237  -5.183  5.786   1.00 22.18 ? 307 HOH A O   1 
HETATM 904 O  O   . HOH B 2 .   ? -11.253 3.672   -4.144  1.00 39.80 ? 308 HOH A O   1 
HETATM 905 O  O   . HOH B 2 .   ? 4.192   -5.194  9.593   1.00 26.98 ? 309 HOH A O   1 
HETATM 906 O  O   . HOH B 2 .   ? 10.098  -0.499  2.261   1.00 24.54 ? 310 HOH A O   1 
HETATM 907 O  O   . HOH B 2 .   ? -5.888  -9.069  -16.850 1.00 25.41 ? 311 HOH A O   1 
HETATM 908 O  O   . HOH B 2 .   ? 8.494   11.969  -5.194  1.00 39.75 ? 312 HOH A O   1 
HETATM 909 O  O   . HOH B 2 .   ? 0.298   17.713  6.097   1.00 33.52 ? 313 HOH A O   1 
HETATM 910 O  O   . HOH B 2 .   ? -0.255  -15.874 -0.378  1.00 51.91 ? 314 HOH A O   1 
HETATM 911 O  O   . HOH B 2 .   ? 3.824   -5.848  -12.659 1.00 73.71 ? 315 HOH A O   1 
HETATM 912 O  O   . HOH B 2 .   ? 6.989   11.885  -0.397  1.00 31.52 ? 316 HOH A O   1 
HETATM 913 O  O   . HOH B 2 .   ? 4.237   0.476   -10.313 1.00 40.38 ? 317 HOH A O   1 
HETATM 914 O  O   . HOH B 2 .   ? 0.007   -8.213  10.999  1.00 24.94 ? 318 HOH A O   1 
HETATM 915 O  O   . HOH B 2 .   ? -3.293  -17.012 -17.557 1.00 54.04 ? 319 HOH A O   1 
HETATM 916 O  O   . HOH B 2 .   ? 5.477   -3.053  12.148  1.00 21.69 ? 320 HOH A O   1 
HETATM 917 O  O   . HOH B 2 .   ? 5.274   -15.011 5.597   1.00 38.62 ? 321 HOH A O   1 
HETATM 918 O  O   . HOH B 2 .   ? -3.199  -16.267 -8.642  1.00 38.29 ? 323 HOH A O   1 
HETATM 919 O  O   . HOH B 2 .   ? -5.306  -16.197 -13.842 1.00 28.57 ? 324 HOH A O   1 
HETATM 920 O  O   . HOH B 2 .   ? -1.034  -15.118 -7.731  1.00 42.99 ? 325 HOH A O   1 
HETATM 921 O  O   . HOH B 2 .   ? -14.329 -1.072  9.239   1.00 35.10 ? 326 HOH A O   1 
HETATM 922 O  O   . HOH B 2 .   ? 5.573   -15.725 -0.455  1.00 32.72 ? 327 HOH A O   1 
HETATM 923 O  O   . HOH B 2 .   ? 10.800  0.662   -3.697  1.00 57.63 ? 328 HOH A O   1 
HETATM 924 O  O   . HOH B 2 .   ? -10.304 0.369   7.264   1.00 18.70 ? 329 HOH A O   1 
HETATM 925 O  O   . HOH B 2 .   ? 4.177   5.829   15.851  1.00 14.11 ? 330 HOH A O   1 
HETATM 926 O  O   . HOH B 2 .   ? 13.442  -4.036  -2.257  1.00 32.39 ? 331 HOH A O   1 
HETATM 927 O  O   . HOH B 2 .   ? -0.953  8.582   -2.857  1.00 27.66 ? 332 HOH A O   1 
HETATM 928 O  O   . HOH B 2 .   ? 6.244   -8.832  -5.859  1.00 27.23 ? 333 HOH A O   1 
HETATM 929 O  O   . HOH B 2 .   ? -11.886 10.438  -10.737 1.00 43.47 ? 334 HOH A O   1 
HETATM 930 O  O   . HOH B 2 .   ? 7.941   8.005   9.477   1.00 36.36 ? 335 HOH A O   1 
HETATM 931 O  O   . HOH B 2 .   ? -7.368  -10.621 -18.478 1.00 31.26 ? 336 HOH A O   1 
HETATM 932 O  O   . HOH B 2 .   ? 11.706  -16.483 -7.305  1.00 45.31 ? 337 HOH A O   1 
HETATM 933 O  O   . HOH B 2 .   ? -4.204  -17.907 -15.433 1.00 42.27 ? 338 HOH A O   1 
HETATM 934 O  O   . HOH B 2 .   ? -13.075 -0.546  6.853   1.00 37.29 ? 339 HOH A O   1 
HETATM 935 O  O   . HOH B 2 .   ? 7.900   6.375   -11.715 1.00 31.56 ? 340 HOH A O   1 
HETATM 936 O  O   . HOH B 2 .   ? 9.725   -7.298  -7.045  1.00 32.73 ? 341 HOH A O   1 
HETATM 937 O  O   . HOH B 2 .   ? -3.999  -15.759 8.754   1.00 55.50 ? 344 HOH A O   1 
HETATM 938 O  O   . HOH B 2 .   ? 1.541   8.038   -5.774  1.00 38.87 ? 345 HOH A O   1 
HETATM 939 O  O   . HOH B 2 .   ? -0.615  -2.403  15.481  1.00 35.15 ? 346 HOH A O   1 
HETATM 940 O  O   . HOH B 2 .   ? -1.493  15.044  8.609   1.00 28.09 ? 347 HOH A O   1 
HETATM 941 O  O   . HOH B 2 .   ? 6.140   -13.283 -7.870  1.00 61.67 ? 348 HOH A O   1 
HETATM 942 O  O   . HOH B 2 .   ? 8.093   -3.251  12.729  1.00 61.18 ? 349 HOH A O   1 
HETATM 943 O  O   . HOH B 2 .   ? 4.379   -6.556  7.059   1.00 30.54 ? 350 HOH A O   1 
HETATM 944 O  O   . HOH B 2 .   ? 4.822   -5.506  13.613  1.00 32.59 ? 351 HOH A O   1 
HETATM 945 O  O   . HOH B 2 .   ? 4.329   6.507   10.778  1.00 35.36 ? 352 HOH A O   1 
HETATM 946 O  O   . HOH B 2 .   ? -7.589  -0.274  18.573  1.00 48.24 ? 353 HOH A O   1 
HETATM 947 O  O   . HOH B 2 .   ? 2.928   -15.755 -7.059  1.00 46.53 ? 354 HOH A O   1 
HETATM 948 O  O   . HOH B 2 .   ? 4.548   -1.164  -15.798 1.00 52.39 ? 355 HOH A O   1 
HETATM 949 O  O   . HOH B 2 .   ? 6.977   -5.854  5.602   1.00 33.60 ? 356 HOH A O   1 
HETATM 950 O  O   . HOH B 2 .   ? -4.010  -18.828 -9.592  1.00 46.36 ? 357 HOH A O   1 
HETATM 951 O  O   . HOH B 2 .   ? 11.010  0.145   -1.142  1.00 30.03 ? 358 HOH A O   1 
HETATM 952 O  O   . HOH B 2 .   ? 11.186  6.433   0.065   1.00 31.90 ? 359 HOH A O   1 
HETATM 953 O  O   . HOH B 2 .   ? -4.776  6.775   -13.043 1.00 40.59 ? 361 HOH A O   1 
HETATM 954 O  O   . HOH B 2 .   ? 9.925   -14.483 -7.647  1.00 45.82 ? 363 HOH A O   1 
HETATM 955 O  O   . HOH B 2 .   ? 8.994   7.750   7.162   1.00 38.14 ? 364 HOH A O   1 
HETATM 956 O  O   . HOH B 2 .   ? 14.843  -14.757 -7.646  1.00 40.12 ? 365 HOH A O   1 
HETATM 957 O  O   . HOH B 2 .   ? -2.432  6.035   -13.889 1.00 44.68 ? 367 HOH A O   1 
HETATM 958 O  O   . HOH B 2 .   ? -0.409  -16.914 -13.262 1.00 37.55 ? 368 HOH A O   1 
HETATM 959 O  O   . HOH B 2 .   ? 3.513   -15.825 -2.146  1.00 44.95 ? 371 HOH A O   1 
HETATM 960 O  O   . HOH B 2 .   ? 14.230  -17.348 -9.949  1.00 38.40 ? 372 HOH A O   1 
HETATM 961 O  O   . HOH B 2 .   ? -5.163  13.933  8.738   1.00 39.26 ? 373 HOH A O   1 
HETATM 962 O  O   . HOH B 2 .   ? 1.064   5.828   -8.138  1.00 45.46 ? 375 HOH A O   1 
HETATM 963 O  O   . HOH B 2 .   ? 12.484  18.000  10.223  1.00 43.03 ? 376 HOH A O   1 
HETATM 964 O  O   . HOH B 2 .   ? -7.076  12.251  5.888   1.00 42.17 ? 377 HOH A O   1 
HETATM 965 O  O   . HOH B 2 .   ? -9.213  -2.947  -1.620  1.00 67.41 ? 378 HOH A O   1 
HETATM 966 O  O   . HOH B 2 .   ? 6.556   -3.182  -11.985 1.00 51.00 ? 379 HOH A O   1 
HETATM 967 O  O   . HOH B 2 .   ? -6.668  -15.294 4.707   1.00 43.26 ? 380 HOH A O   1 
HETATM 968 O  O   . HOH B 2 .   ? -16.179 0.523   9.919   1.00 25.78 ? 382 HOH A O   1 
HETATM 969 O  O   . HOH B 2 .   ? 4.547   4.123   -5.296  1.00 58.80 ? 383 HOH A O   1 
HETATM 970 O  O   . HOH B 2 .   ? 9.078   -4.727  -12.117 1.00 44.36 ? 385 HOH A O   1 
HETATM 971 O  O   . HOH B 2 .   ? 0.847   -16.737 -8.385  1.00 41.79 ? 386 HOH A O   1 
HETATM 972 O  O   . HOH B 2 .   ? -4.024  -21.381 -11.081 1.00 50.00 ? 387 HOH A O   1 
HETATM 973 O  O   . HOH B 2 .   ? -7.685  -12.379 3.628   1.00 38.87 ? 388 HOH A O   1 
HETATM 974 O  O   . HOH B 2 .   ? -1.108  -6.844  -16.194 1.00 52.05 ? 389 HOH A O   1 
HETATM 975 O  O   . HOH B 2 .   ? 9.914   4.302   6.177   1.00 49.10 ? 391 HOH A O   1 
HETATM 976 O  O   . HOH B 2 .   ? 9.751   18.107  9.477   1.00 39.82 ? 393 HOH A O   1 
HETATM 977 O  O   . HOH B 2 .   ? 15.515  9.558   4.141   1.00 53.49 ? 394 HOH A O   1 
HETATM 978 O  O   . HOH B 2 .   ? 10.398  -5.972  -9.339  1.00 47.78 ? 395 HOH A O   1 
HETATM 979 O  O   . HOH B 2 .   ? 0.856   11.232  -8.460  1.00 54.02 ? 396 HOH A O   1 
HETATM 980 O  O   . HOH B 2 .   ? -8.765  -1.091  16.606  1.00 39.70 ? 397 HOH A O   1 
HETATM 981 O  O   . HOH B 2 .   ? 13.047  11.523  11.223  1.00 40.45 ? 398 HOH A O   1 
HETATM 982 O  O   . HOH B 2 .   ? 12.734  -5.425  -9.061  1.00 46.90 ? 399 HOH A O   1 
HETATM 983 O  O   . HOH B 2 .   ? 8.825   -7.446  6.820   1.00 47.15 ? 400 HOH A O   1 
HETATM 984 O  O   . HOH B 2 .   ? 8.797   -19.243 -4.508  1.00 38.79 ? 401 HOH A O   1 
# 
